data_3ZM7
#
_entry.id   3ZM7
#
_cell.length_a   78.615
_cell.length_b   171.916
_cell.length_c   109.230
_cell.angle_alpha   90.00
_cell.angle_beta   110.22
_cell.angle_gamma   90.00
#
_symmetry.space_group_name_H-M   'P 1 21 1'
#
loop_
_entity.id
_entity.type
_entity.pdbx_description
1 polymer 'DNA GYRASE SUBUNIT B'
2 non-polymer 'PHOSPHOMETHYLPHOSPHONIC ACID ADENYLATE ESTER'
3 non-polymer 'MAGNESIUM ION'
4 water water
#
_entity_poly.entity_id   1
_entity_poly.type   'polypeptide(L)'
_entity_poly.pdbx_seq_one_letter_code
;MAHHHHHHVDDDDKVAAQKKKAQDEYGAASITILEGLEAVRKRPGMYIGSTGERGLHHLIWEVVDNAVDEAMAGYATTVN
VVLLEDGGVEVADDGRGIPVATHASGIPTVDVVMTQLHAGGKFDSDAYAISGGLHGVGVSVVNALSTRLEVEIKRDGYEW
SQVYEKSEPLGLKQGAPTKKTGSTVRFWADPAVFETTEYDFETVARRLQEMAFLNKGLTINLTDERVTQDEVVDEVVSDV
AEAPKSASERAAESTAPHKVKSRTFHYPGGLVDFVKHINRTKNAIHSSIVDFSGKGTGHEVEIAMQWNAGYSESVHTFAN
TINTHEGGTHEEGFRSALTSVVNKYAKDRKLLKDKDPNLTGDDIREGLAAVISVKVSEPQFEGQTKTKLGNTEVKSFVQK
VCNEQLTHWFEANPTDAKVVVNKAVSSAQARIAARKARELVR
;
_entity_poly.pdbx_strand_id   A,B,C,D,E,F
#
# COMPACT_ATOMS: atom_id res chain seq x y z
N SER A 30 -38.16 26.57 -10.91
CA SER A 30 -36.74 26.32 -10.76
C SER A 30 -36.46 24.96 -10.12
N ILE A 31 -36.48 24.88 -8.77
CA ILE A 31 -36.21 23.64 -8.04
C ILE A 31 -37.31 22.60 -8.27
N THR A 32 -36.93 21.30 -8.24
CA THR A 32 -37.86 20.19 -8.45
C THR A 32 -37.97 19.35 -7.18
N ILE A 33 -39.18 19.24 -6.64
CA ILE A 33 -39.45 18.45 -5.43
C ILE A 33 -39.99 17.08 -5.83
N LEU A 34 -39.29 16.01 -5.41
CA LEU A 34 -39.64 14.63 -5.74
C LEU A 34 -40.41 13.94 -4.63
N GLU A 35 -41.73 13.86 -4.83
CA GLU A 35 -42.69 13.27 -3.91
C GLU A 35 -43.28 12.00 -4.51
N GLY A 36 -43.88 11.19 -3.62
CA GLY A 36 -44.57 9.96 -3.98
C GLY A 36 -43.75 8.93 -4.71
N LEU A 37 -44.33 8.39 -5.80
CA LEU A 37 -43.77 7.36 -6.60
C LEU A 37 -42.63 7.93 -7.42
N GLU A 38 -42.50 9.24 -7.51
CA GLU A 38 -41.42 9.78 -8.34
C GLU A 38 -40.08 9.64 -7.66
N ALA A 39 -40.12 9.75 -6.33
CA ALA A 39 -38.95 9.65 -5.46
C ALA A 39 -38.37 8.25 -5.48
N VAL A 40 -39.28 7.27 -5.40
CA VAL A 40 -38.98 5.85 -5.42
C VAL A 40 -38.17 5.52 -6.67
N ARG A 41 -38.63 6.01 -7.83
CA ARG A 41 -37.91 5.78 -9.08
C ARG A 41 -36.53 6.43 -9.08
N LYS A 42 -36.42 7.58 -8.45
CA LYS A 42 -35.17 8.34 -8.42
C LYS A 42 -34.13 7.68 -7.50
N ARG A 43 -34.54 7.29 -6.31
CA ARG A 43 -33.74 6.49 -5.44
C ARG A 43 -34.48 5.24 -5.04
N PRO A 44 -34.40 4.17 -5.96
CA PRO A 44 -35.13 2.98 -5.56
C PRO A 44 -34.55 2.28 -4.34
N GLY A 45 -33.24 2.31 -4.19
CA GLY A 45 -32.55 1.60 -3.16
C GLY A 45 -32.93 2.05 -1.77
N MET A 46 -33.25 3.32 -1.66
CA MET A 46 -33.64 3.92 -0.41
C MET A 46 -34.88 3.22 0.11
N TYR A 47 -35.78 2.82 -0.78
CA TYR A 47 -36.98 2.12 -0.38
C TYR A 47 -36.89 0.61 -0.32
N ILE A 48 -36.47 -0.02 -1.41
CA ILE A 48 -36.20 -1.47 -1.54
C ILE A 48 -34.96 -2.13 -0.91
N GLY A 49 -33.85 -1.43 -0.88
CA GLY A 49 -32.63 -2.02 -0.40
C GLY A 49 -31.56 -1.80 -1.41
N SER A 50 -31.60 -2.58 -2.49
CA SER A 50 -30.67 -2.40 -3.56
C SER A 50 -31.39 -2.58 -4.87
N THR A 51 -30.76 -2.12 -5.94
CA THR A 51 -31.15 -2.44 -7.29
C THR A 51 -30.50 -3.74 -7.69
N GLY A 52 -30.07 -4.53 -6.73
CA GLY A 52 -29.59 -5.86 -7.05
C GLY A 52 -30.62 -6.93 -6.75
N GLU A 53 -30.15 -8.14 -6.43
CA GLU A 53 -31.04 -9.27 -6.22
C GLU A 53 -32.00 -9.03 -5.07
N ARG A 54 -31.46 -8.44 -4.00
CA ARG A 54 -32.21 -8.23 -2.76
C ARG A 54 -33.38 -7.33 -3.01
N GLY A 55 -33.14 -6.26 -3.75
CA GLY A 55 -34.18 -5.29 -4.07
C GLY A 55 -35.20 -5.86 -5.03
N LEU A 56 -34.73 -6.59 -6.03
CA LEU A 56 -35.63 -7.21 -7.00
C LEU A 56 -36.65 -8.14 -6.30
N HIS A 57 -36.13 -8.95 -5.37
CA HIS A 57 -36.96 -9.89 -4.64
C HIS A 57 -37.84 -9.14 -3.67
N HIS A 58 -37.53 -7.91 -3.30
CA HIS A 58 -38.38 -7.13 -2.42
C HIS A 58 -39.69 -6.85 -2.97
N LEU A 59 -39.78 -6.73 -4.26
CA LEU A 59 -41.08 -6.58 -4.94
C LEU A 59 -42.00 -7.77 -4.62
N ILE A 60 -41.47 -8.98 -4.70
CA ILE A 60 -42.26 -10.14 -4.33
C ILE A 60 -42.64 -10.06 -2.86
N TRP A 61 -41.67 -9.77 -2.00
CA TRP A 61 -41.93 -9.72 -0.57
C TRP A 61 -43.02 -8.74 -0.26
N GLU A 62 -43.04 -7.60 -0.94
CA GLU A 62 -44.04 -6.59 -0.67
C GLU A 62 -45.41 -7.16 -0.96
N VAL A 63 -45.56 -7.84 -2.10
CA VAL A 63 -46.88 -8.34 -2.52
C VAL A 63 -47.32 -9.54 -1.69
N VAL A 64 -46.47 -10.57 -1.62
CA VAL A 64 -46.80 -11.78 -0.87
C VAL A 64 -47.16 -11.45 0.57
N ASP A 65 -46.41 -10.53 1.19
CA ASP A 65 -46.70 -10.09 2.56
C ASP A 65 -48.14 -9.67 2.67
N ASN A 66 -48.54 -8.82 1.71
CA ASN A 66 -49.87 -8.26 1.64
C ASN A 66 -50.92 -9.36 1.55
N ALA A 67 -50.56 -10.45 0.87
CA ALA A 67 -51.46 -11.58 0.75
C ALA A 67 -51.54 -12.36 2.07
N VAL A 68 -50.39 -12.67 2.62
CA VAL A 68 -50.30 -13.40 3.87
C VAL A 68 -51.00 -12.64 5.00
N ASP A 69 -51.01 -11.31 4.96
CA ASP A 69 -51.71 -10.53 5.98
C ASP A 69 -53.15 -10.89 6.02
N GLU A 70 -53.70 -11.31 4.88
CA GLU A 70 -55.05 -11.85 4.84
C GLU A 70 -55.10 -13.17 5.59
N ALA A 71 -54.30 -14.14 5.16
CA ALA A 71 -54.28 -15.47 5.77
C ALA A 71 -54.14 -15.38 7.29
N MET A 72 -53.36 -14.40 7.73
CA MET A 72 -53.10 -14.15 9.16
C MET A 72 -54.32 -13.67 9.89
N ALA A 73 -55.05 -12.75 9.27
CA ALA A 73 -56.33 -12.24 9.79
C ALA A 73 -57.45 -13.28 9.82
N GLY A 74 -57.34 -14.32 8.99
CA GLY A 74 -58.29 -15.42 8.96
C GLY A 74 -59.24 -15.45 7.78
N TYR A 75 -58.76 -15.03 6.63
CA TYR A 75 -59.60 -14.95 5.45
C TYR A 75 -59.05 -15.70 4.27
N ALA A 76 -57.74 -15.68 4.10
CA ALA A 76 -57.11 -16.44 3.04
C ALA A 76 -56.71 -17.81 3.57
N THR A 77 -56.70 -18.79 2.68
CA THR A 77 -56.30 -20.15 3.03
C THR A 77 -55.21 -20.66 2.11
N THR A 78 -55.08 -19.99 0.96
CA THR A 78 -54.17 -20.41 -0.10
C THR A 78 -53.57 -19.19 -0.75
N VAL A 79 -52.24 -19.18 -0.85
CA VAL A 79 -51.51 -18.13 -1.53
C VAL A 79 -50.64 -18.80 -2.57
N ASN A 80 -50.82 -18.38 -3.81
CA ASN A 80 -50.09 -18.96 -4.92
C ASN A 80 -49.15 -17.94 -5.53
N VAL A 81 -47.89 -18.31 -5.60
CA VAL A 81 -46.89 -17.47 -6.23
C VAL A 81 -46.51 -18.15 -7.52
N VAL A 82 -46.45 -17.38 -8.62
CA VAL A 82 -46.01 -17.93 -9.92
C VAL A 82 -44.97 -17.04 -10.58
N LEU A 83 -43.83 -17.65 -10.92
CA LEU A 83 -42.83 -16.95 -11.69
C LEU A 83 -43.18 -17.23 -13.14
N LEU A 84 -43.66 -16.20 -13.83
CA LEU A 84 -44.16 -16.33 -15.20
C LEU A 84 -43.01 -16.47 -16.15
N GLU A 85 -43.24 -17.05 -17.33
CA GLU A 85 -42.18 -17.22 -18.32
C GLU A 85 -41.60 -15.87 -18.79
N ASP A 86 -42.43 -14.84 -18.95
CA ASP A 86 -41.95 -13.54 -19.42
C ASP A 86 -41.15 -12.76 -18.37
N GLY A 87 -41.06 -13.32 -17.17
CA GLY A 87 -40.29 -12.71 -16.07
C GLY A 87 -41.17 -11.98 -15.08
N GLY A 88 -42.48 -11.98 -15.33
CA GLY A 88 -43.44 -11.42 -14.41
C GLY A 88 -43.63 -12.36 -13.22
N VAL A 89 -44.35 -11.86 -12.22
CA VAL A 89 -44.71 -12.62 -11.05
C VAL A 89 -46.20 -12.47 -10.82
N GLU A 90 -46.86 -13.57 -10.47
CA GLU A 90 -48.26 -13.56 -10.11
C GLU A 90 -48.39 -13.96 -8.65
N VAL A 91 -49.20 -13.23 -7.89
CA VAL A 91 -49.46 -13.59 -6.51
C VAL A 91 -50.95 -13.55 -6.25
N ALA A 92 -51.53 -14.75 -6.09
CA ALA A 92 -52.95 -14.94 -5.93
C ALA A 92 -53.31 -15.50 -4.59
N ASP A 93 -54.30 -14.89 -3.97
CA ASP A 93 -54.83 -15.34 -2.68
C ASP A 93 -56.35 -15.44 -2.76
N ASP A 94 -56.93 -15.99 -1.70
CA ASP A 94 -58.38 -16.16 -1.60
C ASP A 94 -58.92 -15.41 -0.38
N GLY A 95 -58.28 -14.30 -0.03
CA GLY A 95 -58.73 -13.44 1.05
C GLY A 95 -60.00 -12.69 0.68
N ARG A 96 -60.12 -11.48 1.21
CA ARG A 96 -61.30 -10.67 1.01
C ARG A 96 -61.19 -9.79 -0.19
N GLY A 97 -60.09 -9.87 -0.89
CA GLY A 97 -59.85 -9.01 -2.04
C GLY A 97 -59.29 -7.71 -1.59
N ILE A 98 -59.07 -6.80 -2.51
CA ILE A 98 -58.51 -5.51 -2.18
C ILE A 98 -59.70 -4.62 -2.38
N PRO A 99 -59.92 -3.67 -1.37
CA PRO A 99 -61.14 -2.87 -1.59
C PRO A 99 -61.15 -2.20 -2.95
N VAL A 100 -62.26 -2.31 -3.66
CA VAL A 100 -62.45 -1.65 -4.96
C VAL A 100 -63.28 -0.38 -4.78
N ALA A 101 -64.18 -0.40 -3.81
CA ALA A 101 -65.07 0.72 -3.49
C ALA A 101 -64.34 2.06 -3.45
N THR A 102 -65.05 3.13 -3.82
CA THR A 102 -64.47 4.47 -3.89
C THR A 102 -64.02 4.96 -2.51
N HIS A 103 -62.79 5.48 -2.46
CA HIS A 103 -62.11 5.91 -1.24
C HIS A 103 -62.44 7.38 -0.96
N ALA A 104 -62.17 7.83 0.27
CA ALA A 104 -62.37 9.22 0.71
C ALA A 104 -61.84 10.25 -0.29
N SER A 105 -60.70 9.91 -0.92
CA SER A 105 -60.06 10.69 -1.98
C SER A 105 -60.97 10.97 -3.19
N GLY A 106 -61.87 10.02 -3.48
CA GLY A 106 -62.70 10.07 -4.68
C GLY A 106 -62.24 9.14 -5.80
N ILE A 107 -61.03 8.58 -5.66
CA ILE A 107 -60.45 7.61 -6.60
C ILE A 107 -60.67 6.20 -5.98
N PRO A 108 -60.77 5.11 -6.79
CA PRO A 108 -61.04 3.80 -6.18
C PRO A 108 -59.93 3.40 -5.22
N THR A 109 -60.30 2.73 -4.13
CA THR A 109 -59.37 2.33 -3.06
C THR A 109 -58.14 1.59 -3.57
N VAL A 110 -58.31 0.73 -4.59
CA VAL A 110 -57.18 0.01 -5.23
C VAL A 110 -56.12 1.00 -5.68
N ASP A 111 -56.55 2.00 -6.46
CA ASP A 111 -55.69 3.05 -6.97
C ASP A 111 -54.90 3.76 -5.86
N VAL A 112 -55.54 4.01 -4.73
CA VAL A 112 -54.89 4.63 -3.56
C VAL A 112 -53.74 3.76 -3.09
N VAL A 113 -54.06 2.51 -2.76
CA VAL A 113 -53.08 1.54 -2.33
C VAL A 113 -51.94 1.46 -3.33
N MET A 114 -52.30 1.34 -4.60
CA MET A 114 -51.33 1.09 -5.65
C MET A 114 -50.58 2.33 -6.19
N THR A 115 -51.04 3.56 -5.92
CA THR A 115 -50.34 4.75 -6.45
C THR A 115 -49.92 5.83 -5.42
N GLN A 116 -50.12 5.56 -4.14
CA GLN A 116 -49.73 6.49 -3.06
C GLN A 116 -48.90 5.83 -1.94
N LEU A 117 -47.84 6.48 -1.48
CA LEU A 117 -47.03 5.99 -0.37
C LEU A 117 -47.73 6.08 0.99
N HIS A 118 -47.44 5.14 1.90
CA HIS A 118 -47.90 5.17 3.31
C HIS A 118 -49.31 5.73 3.53
N VAL A 137 -43.62 2.22 3.08
CA VAL A 137 -43.30 1.35 1.94
C VAL A 137 -44.56 0.87 1.22
N GLY A 138 -44.79 -0.45 1.27
CA GLY A 138 -46.02 -1.00 0.81
C GLY A 138 -46.11 -1.03 -0.70
N VAL A 139 -47.08 -1.79 -1.17
CA VAL A 139 -47.01 -2.44 -2.45
C VAL A 139 -46.88 -1.41 -3.55
N SER A 140 -47.49 -0.25 -3.33
CA SER A 140 -47.35 0.88 -4.23
C SER A 140 -45.95 1.02 -4.79
N VAL A 141 -44.95 0.64 -4.00
CA VAL A 141 -43.56 0.72 -4.45
C VAL A 141 -43.33 -0.22 -5.62
N VAL A 142 -43.92 -1.40 -5.54
CA VAL A 142 -43.84 -2.41 -6.61
C VAL A 142 -44.31 -1.78 -7.91
N ASN A 143 -45.40 -1.04 -7.83
CA ASN A 143 -45.99 -0.37 -8.99
C ASN A 143 -45.01 0.61 -9.59
N ALA A 144 -44.44 1.47 -8.74
CA ALA A 144 -43.46 2.47 -9.16
C ALA A 144 -42.29 1.84 -9.91
N LEU A 145 -41.89 0.66 -9.46
CA LEU A 145 -40.71 0.00 -9.98
C LEU A 145 -41.01 -1.15 -10.95
N SER A 146 -42.24 -1.21 -11.47
CA SER A 146 -42.60 -2.13 -12.55
C SER A 146 -43.00 -1.36 -13.82
N THR A 147 -42.70 -1.94 -14.98
CA THR A 147 -43.20 -1.39 -16.23
C THR A 147 -44.74 -1.53 -16.27
N ARG A 148 -45.28 -2.57 -15.63
CA ARG A 148 -46.70 -2.82 -15.58
C ARG A 148 -47.15 -3.60 -14.33
N LEU A 149 -48.35 -3.29 -13.84
CA LEU A 149 -48.94 -3.98 -12.71
C LEU A 149 -50.43 -4.22 -12.97
N GLU A 150 -50.84 -5.48 -12.88
CA GLU A 150 -52.20 -5.89 -13.19
C GLU A 150 -52.83 -6.47 -11.93
N VAL A 151 -54.02 -5.98 -11.62
CA VAL A 151 -54.74 -6.43 -10.43
C VAL A 151 -56.07 -7.03 -10.82
N GLU A 152 -56.32 -8.25 -10.38
CA GLU A 152 -57.56 -8.95 -10.69
C GLU A 152 -58.26 -9.27 -9.36
N ILE A 153 -59.42 -8.67 -9.13
CA ILE A 153 -60.03 -8.74 -7.84
C ILE A 153 -61.37 -9.44 -7.93
N LYS A 154 -61.76 -10.09 -6.86
CA LYS A 154 -63.09 -10.56 -6.72
C LYS A 154 -63.54 -10.17 -5.33
N ARG A 155 -64.39 -9.16 -5.30
CA ARG A 155 -64.98 -8.68 -4.10
C ARG A 155 -66.29 -8.16 -4.61
N ASP A 156 -67.25 -8.02 -3.70
CA ASP A 156 -68.50 -7.32 -3.94
C ASP A 156 -69.35 -7.91 -5.04
N GLY A 157 -69.27 -9.22 -5.21
CA GLY A 157 -70.16 -9.95 -6.09
C GLY A 157 -69.79 -10.09 -7.55
N TYR A 158 -68.76 -9.37 -7.98
CA TYR A 158 -68.19 -9.53 -9.33
C TYR A 158 -66.66 -9.54 -9.32
N GLU A 159 -66.10 -9.73 -10.51
CA GLU A 159 -64.68 -9.80 -10.85
C GLU A 159 -64.22 -8.42 -11.29
N TRP A 160 -63.14 -7.92 -10.74
CA TRP A 160 -62.66 -6.63 -11.13
C TRP A 160 -61.29 -6.74 -11.67
N SER A 161 -60.99 -5.90 -12.63
CA SER A 161 -59.70 -5.84 -13.31
C SER A 161 -59.22 -4.42 -13.48
N GLN A 162 -58.03 -4.12 -12.94
CA GLN A 162 -57.39 -2.81 -13.13
C GLN A 162 -55.95 -2.98 -13.60
N VAL A 163 -55.55 -2.23 -14.63
CA VAL A 163 -54.18 -2.28 -15.14
C VAL A 163 -53.45 -0.97 -14.91
N TYR A 164 -52.19 -1.03 -14.45
CA TYR A 164 -51.38 0.16 -14.26
C TYR A 164 -50.27 0.07 -15.28
N GLU A 165 -50.23 1.04 -16.20
CA GLU A 165 -49.15 1.06 -17.18
C GLU A 165 -48.21 2.14 -16.73
N LYS A 166 -46.99 1.73 -16.41
CA LYS A 166 -45.96 2.59 -15.88
C LYS A 166 -46.57 3.43 -14.77
N SER A 167 -47.13 2.68 -13.82
CA SER A 167 -47.71 3.19 -12.57
C SER A 167 -49.00 3.95 -12.73
N GLU A 168 -49.42 4.20 -13.98
CA GLU A 168 -50.64 4.99 -14.26
C GLU A 168 -51.87 4.09 -14.47
N PRO A 169 -52.94 4.26 -13.66
CA PRO A 169 -54.12 3.39 -13.81
C PRO A 169 -54.83 3.57 -15.16
N LEU A 170 -55.25 2.48 -15.78
CA LEU A 170 -55.88 2.54 -17.10
C LEU A 170 -57.40 2.48 -17.05
N GLY A 171 -57.94 2.31 -15.83
CA GLY A 171 -59.37 2.37 -15.59
C GLY A 171 -59.92 1.07 -15.06
N LEU A 172 -60.57 1.13 -13.91
CA LEU A 172 -61.17 -0.06 -13.27
C LEU A 172 -62.31 -0.66 -14.10
N LYS A 173 -62.29 -1.98 -14.29
CA LYS A 173 -63.27 -2.70 -15.09
C LYS A 173 -64.04 -3.72 -14.28
N GLN A 174 -65.38 -3.71 -14.43
CA GLN A 174 -66.24 -4.68 -13.76
C GLN A 174 -66.66 -5.75 -14.73
N GLY A 175 -66.45 -7.00 -14.31
CA GLY A 175 -66.74 -8.19 -15.12
C GLY A 175 -67.86 -9.05 -14.56
N ALA A 176 -67.67 -10.36 -14.71
CA ALA A 176 -68.66 -11.38 -14.35
C ALA A 176 -68.98 -11.36 -12.87
N PRO A 177 -70.25 -11.67 -12.51
CA PRO A 177 -70.57 -11.80 -11.09
C PRO A 177 -69.96 -13.06 -10.50
N THR A 178 -69.60 -13.00 -9.23
CA THR A 178 -69.09 -14.14 -8.51
C THR A 178 -69.35 -13.93 -7.03
N LYS A 179 -69.57 -15.03 -6.30
CA LYS A 179 -69.65 -14.99 -4.85
C LYS A 179 -68.29 -15.22 -4.19
N LYS A 180 -67.29 -15.58 -5.01
CA LYS A 180 -65.91 -15.83 -4.58
C LYS A 180 -65.16 -14.56 -4.28
N THR A 181 -64.23 -14.62 -3.34
CA THR A 181 -63.45 -13.45 -2.93
C THR A 181 -61.92 -13.71 -2.90
N GLY A 182 -61.13 -12.67 -3.21
CA GLY A 182 -59.67 -12.77 -3.22
C GLY A 182 -59.05 -11.85 -4.25
N SER A 183 -57.73 -11.80 -4.30
CA SER A 183 -57.05 -10.90 -5.24
C SER A 183 -55.92 -11.62 -5.95
N THR A 184 -55.65 -11.21 -7.18
CA THR A 184 -54.47 -11.63 -7.92
C THR A 184 -53.69 -10.38 -8.33
N VAL A 185 -52.39 -10.39 -8.05
CA VAL A 185 -51.52 -9.29 -8.46
C VAL A 185 -50.43 -9.75 -9.42
N ARG A 186 -50.29 -9.05 -10.53
CA ARG A 186 -49.24 -9.33 -11.49
C ARG A 186 -48.38 -8.08 -11.70
N PHE A 187 -47.06 -8.27 -11.68
CA PHE A 187 -46.16 -7.15 -11.90
C PHE A 187 -44.94 -7.59 -12.70
N TRP A 188 -44.45 -6.66 -13.52
CA TRP A 188 -43.25 -6.90 -14.33
C TRP A 188 -42.19 -5.87 -13.95
N ALA A 189 -41.19 -6.33 -13.19
CA ALA A 189 -40.10 -5.45 -12.74
C ALA A 189 -39.46 -4.70 -13.89
N ASP A 190 -39.24 -3.40 -13.66
CA ASP A 190 -38.59 -2.49 -14.61
C ASP A 190 -37.08 -2.77 -14.76
N PRO A 191 -36.64 -3.11 -16.00
CA PRO A 191 -35.21 -3.42 -16.19
C PRO A 191 -34.36 -2.17 -16.13
N ALA A 192 -35.00 -1.01 -16.33
CA ALA A 192 -34.35 0.29 -16.19
C ALA A 192 -33.97 0.55 -14.75
N VAL A 193 -34.60 -0.17 -13.84
CA VAL A 193 -34.32 0.00 -12.42
C VAL A 193 -33.32 -1.04 -11.98
N PHE A 194 -33.61 -2.31 -12.24
CA PHE A 194 -32.80 -3.38 -11.71
C PHE A 194 -31.64 -3.89 -12.57
N GLU A 195 -30.56 -4.15 -11.83
CA GLU A 195 -29.34 -4.71 -12.32
C GLU A 195 -29.61 -6.11 -12.88
N THR A 196 -30.48 -6.88 -12.22
CA THR A 196 -30.99 -8.18 -12.70
C THR A 196 -32.51 -8.19 -12.55
N THR A 197 -33.20 -8.90 -13.43
CA THR A 197 -34.65 -9.01 -13.36
C THR A 197 -34.99 -10.52 -13.25
N GLU A 198 -33.95 -11.37 -13.10
CA GLU A 198 -34.16 -12.82 -12.97
C GLU A 198 -34.37 -13.23 -11.53
N TYR A 199 -35.55 -13.75 -11.19
CA TYR A 199 -35.83 -14.14 -9.80
C TYR A 199 -35.16 -15.46 -9.49
N ASP A 200 -34.78 -15.64 -8.22
CA ASP A 200 -34.07 -16.84 -7.78
C ASP A 200 -35.08 -17.76 -7.11
N PHE A 201 -35.35 -18.90 -7.74
CA PHE A 201 -36.36 -19.84 -7.24
C PHE A 201 -36.14 -20.21 -5.80
N GLU A 202 -34.91 -20.56 -5.50
CA GLU A 202 -34.60 -21.06 -4.21
C GLU A 202 -34.73 -20.00 -3.11
N THR A 203 -34.35 -18.75 -3.41
CA THR A 203 -34.52 -17.68 -2.41
C THR A 203 -36.00 -17.41 -2.09
N VAL A 204 -36.85 -17.42 -3.12
CA VAL A 204 -38.28 -17.29 -2.96
C VAL A 204 -38.83 -18.46 -2.11
N ALA A 205 -38.49 -19.68 -2.53
CA ALA A 205 -38.94 -20.90 -1.86
C ALA A 205 -38.62 -20.88 -0.34
N ARG A 206 -37.43 -20.42 0.05
CA ARG A 206 -37.05 -20.37 1.46
C ARG A 206 -37.93 -19.45 2.30
N ARG A 207 -38.19 -18.25 1.80
CA ARG A 207 -39.07 -17.29 2.46
C ARG A 207 -40.51 -17.82 2.56
N LEU A 208 -41.01 -18.35 1.45
CA LEU A 208 -42.37 -18.89 1.40
C LEU A 208 -42.52 -20.00 2.39
N GLN A 209 -41.47 -20.82 2.48
CA GLN A 209 -41.48 -21.90 3.44
C GLN A 209 -41.69 -21.41 4.85
N GLU A 210 -40.96 -20.35 5.25
CA GLU A 210 -41.10 -19.88 6.63
C GLU A 210 -42.44 -19.22 6.88
N MET A 211 -42.99 -18.57 5.86
CA MET A 211 -44.31 -17.97 5.99
C MET A 211 -45.33 -19.05 6.29
N ALA A 212 -45.08 -20.22 5.72
CA ALA A 212 -45.96 -21.36 5.93
C ALA A 212 -45.85 -21.94 7.34
N PHE A 213 -44.66 -21.92 7.95
CA PHE A 213 -44.54 -22.40 9.32
C PHE A 213 -45.26 -21.47 10.27
N LEU A 214 -45.17 -20.17 10.02
CA LEU A 214 -45.74 -19.16 10.91
C LEU A 214 -47.27 -19.11 10.89
N ASN A 215 -47.85 -19.72 9.85
CA ASN A 215 -49.29 -19.72 9.65
C ASN A 215 -49.76 -21.16 9.36
N LYS A 216 -50.23 -21.86 10.40
CA LYS A 216 -50.56 -23.28 10.22
C LYS A 216 -51.79 -23.57 9.35
N GLY A 217 -52.71 -22.60 9.26
CA GLY A 217 -53.87 -22.71 8.35
C GLY A 217 -53.56 -22.48 6.87
N LEU A 218 -52.41 -21.87 6.59
CA LEU A 218 -52.04 -21.46 5.23
C LEU A 218 -51.30 -22.51 4.40
N THR A 219 -51.61 -22.50 3.11
CA THR A 219 -50.93 -23.30 2.11
C THR A 219 -50.36 -22.35 1.06
N ILE A 220 -49.06 -22.44 0.81
CA ILE A 220 -48.44 -21.59 -0.18
C ILE A 220 -47.90 -22.47 -1.28
N ASN A 221 -48.28 -22.16 -2.51
CA ASN A 221 -47.86 -22.93 -3.66
C ASN A 221 -46.95 -22.06 -4.48
N LEU A 222 -45.75 -22.57 -4.75
CA LEU A 222 -44.79 -21.87 -5.56
C LEU A 222 -44.66 -22.66 -6.83
N THR A 223 -44.67 -21.97 -7.96
CA THR A 223 -44.51 -22.64 -9.22
C THR A 223 -43.74 -21.76 -10.20
N ASP A 224 -42.73 -22.37 -10.84
CA ASP A 224 -41.88 -21.68 -11.80
C ASP A 224 -42.23 -22.11 -13.21
N GLU A 225 -42.55 -21.13 -14.07
CA GLU A 225 -42.92 -21.40 -15.46
C GLU A 225 -41.79 -21.09 -16.43
N ARG A 226 -40.57 -21.03 -15.96
CA ARG A 226 -39.47 -20.71 -16.84
C ARG A 226 -38.54 -21.90 -17.03
N VAL A 227 -37.53 -21.72 -17.85
CA VAL A 227 -36.58 -22.78 -18.18
C VAL A 227 -37.14 -23.70 -19.26
N VAL A 260 -43.10 -27.78 -15.85
CA VAL A 260 -43.23 -26.76 -14.82
C VAL A 260 -42.78 -27.30 -13.44
N LYS A 261 -41.89 -26.55 -12.79
CA LYS A 261 -41.36 -26.94 -11.47
C LYS A 261 -42.11 -26.23 -10.34
N SER A 262 -42.58 -27.02 -9.40
CA SER A 262 -43.45 -26.56 -8.32
C SER A 262 -43.03 -27.07 -6.93
N ARG A 263 -43.42 -26.32 -5.89
CA ARG A 263 -43.27 -26.72 -4.49
C ARG A 263 -44.52 -26.31 -3.75
N THR A 264 -44.90 -27.11 -2.74
CA THR A 264 -46.07 -26.77 -1.94
C THR A 264 -45.71 -26.78 -0.46
N PHE A 265 -46.05 -25.71 0.25
CA PHE A 265 -45.76 -25.60 1.68
C PHE A 265 -47.04 -25.50 2.47
N HIS A 266 -47.28 -26.49 3.33
CA HIS A 266 -48.34 -26.46 4.31
C HIS A 266 -47.83 -27.19 5.52
N TYR A 267 -47.83 -26.53 6.67
CA TYR A 267 -47.42 -27.21 7.88
C TYR A 267 -48.48 -27.09 8.94
N PRO A 268 -49.24 -28.18 9.18
CA PRO A 268 -50.31 -28.15 10.20
C PRO A 268 -49.79 -28.01 11.64
N GLY A 269 -48.59 -28.55 11.87
CA GLY A 269 -47.90 -28.49 13.16
C GLY A 269 -47.41 -27.09 13.49
N GLY A 270 -47.34 -26.25 12.46
CA GLY A 270 -46.95 -24.85 12.54
C GLY A 270 -45.54 -24.65 13.04
N LEU A 271 -45.40 -23.95 14.20
CA LEU A 271 -44.09 -23.70 14.76
C LEU A 271 -43.35 -24.96 15.22
N VAL A 272 -44.08 -26.05 15.51
CA VAL A 272 -43.43 -27.32 15.89
C VAL A 272 -42.70 -27.87 14.66
N ASP A 273 -43.40 -27.90 13.52
CA ASP A 273 -42.77 -28.34 12.27
C ASP A 273 -41.55 -27.50 11.93
N PHE A 274 -41.56 -26.25 12.36
CA PHE A 274 -40.40 -25.37 12.20
C PHE A 274 -39.21 -25.88 13.04
N VAL A 275 -39.44 -26.08 14.35
CA VAL A 275 -38.40 -26.56 15.29
C VAL A 275 -37.84 -27.89 14.81
N LYS A 276 -38.73 -28.80 14.40
CA LYS A 276 -38.36 -30.09 13.87
C LYS A 276 -37.39 -29.91 12.72
N HIS A 277 -37.70 -28.95 11.84
CA HIS A 277 -36.90 -28.65 10.66
C HIS A 277 -35.49 -28.21 11.04
N ILE A 278 -35.41 -27.28 12.00
CA ILE A 278 -34.14 -26.76 12.50
C ILE A 278 -33.29 -27.87 13.11
N ASN A 279 -33.87 -28.56 14.10
CA ASN A 279 -33.22 -29.66 14.80
C ASN A 279 -33.34 -30.95 14.00
N ARG A 280 -32.67 -31.04 12.86
CA ARG A 280 -32.72 -32.25 12.08
C ARG A 280 -31.31 -32.79 12.05
N THR A 281 -30.40 -31.96 11.57
CA THR A 281 -28.98 -32.22 11.54
C THR A 281 -28.42 -32.23 12.96
N LYS A 282 -29.01 -31.42 13.83
CA LYS A 282 -28.63 -31.37 15.25
C LYS A 282 -29.35 -32.49 15.98
N ASN A 283 -28.74 -33.04 17.02
CA ASN A 283 -29.36 -34.15 17.75
C ASN A 283 -30.09 -33.58 18.92
N ALA A 284 -31.42 -33.69 18.88
CA ALA A 284 -32.26 -33.15 19.93
C ALA A 284 -32.06 -33.95 21.20
N ILE A 285 -31.92 -33.20 22.28
CA ILE A 285 -31.62 -33.66 23.62
C ILE A 285 -32.83 -34.32 24.31
N HIS A 286 -34.05 -33.84 24.00
CA HIS A 286 -35.30 -34.36 24.57
C HIS A 286 -36.40 -34.45 23.51
N SER A 287 -37.28 -35.43 23.66
CA SER A 287 -38.32 -35.72 22.67
C SER A 287 -39.50 -34.77 22.67
N SER A 288 -39.99 -34.36 23.85
CA SER A 288 -41.17 -33.47 23.93
C SER A 288 -40.84 -32.01 23.56
N ILE A 289 -41.40 -31.55 22.45
CA ILE A 289 -41.23 -30.17 21.98
C ILE A 289 -42.20 -29.21 22.66
N VAL A 290 -41.67 -28.07 23.12
CA VAL A 290 -42.48 -27.03 23.78
C VAL A 290 -43.30 -26.27 22.73
N ASP A 291 -44.62 -26.16 22.94
CA ASP A 291 -45.51 -25.39 22.06
C ASP A 291 -46.53 -24.68 22.94
N PHE A 292 -46.62 -23.36 22.83
CA PHE A 292 -47.65 -22.62 23.57
C PHE A 292 -47.97 -21.26 22.97
N SER A 293 -49.09 -20.67 23.42
CA SER A 293 -49.62 -19.44 22.85
C SER A 293 -50.09 -18.49 23.92
N GLY A 294 -50.28 -17.22 23.54
CA GLY A 294 -50.74 -16.17 24.43
C GLY A 294 -51.42 -15.04 23.67
N LYS A 295 -52.52 -14.53 24.19
CA LYS A 295 -53.27 -13.45 23.53
C LYS A 295 -53.48 -12.30 24.52
N GLY A 296 -53.34 -11.07 24.04
CA GLY A 296 -53.48 -9.89 24.89
C GLY A 296 -54.31 -8.75 24.29
N THR A 297 -53.73 -7.56 24.28
CA THR A 297 -54.46 -6.35 23.84
C THR A 297 -54.31 -6.24 22.34
N GLY A 298 -53.31 -5.46 21.90
CA GLY A 298 -52.99 -5.37 20.49
C GLY A 298 -51.91 -6.34 20.05
N HIS A 299 -51.77 -7.45 20.76
CA HIS A 299 -50.71 -8.40 20.47
C HIS A 299 -51.07 -9.86 20.74
N GLU A 300 -50.42 -10.75 20.02
CA GLU A 300 -50.57 -12.18 20.20
C GLU A 300 -49.17 -12.86 20.02
N VAL A 301 -48.85 -13.86 20.84
CA VAL A 301 -47.58 -14.61 20.74
C VAL A 301 -47.79 -16.14 20.60
N GLU A 302 -46.83 -16.79 19.97
CA GLU A 302 -46.85 -18.23 19.72
C GLU A 302 -45.37 -18.70 19.71
N ILE A 303 -45.03 -19.62 20.63
CA ILE A 303 -43.63 -20.05 20.85
C ILE A 303 -43.52 -21.56 20.74
N ALA A 304 -42.35 -22.00 20.28
CA ALA A 304 -42.04 -23.42 20.16
C ALA A 304 -40.54 -23.60 20.32
N MET A 305 -40.16 -24.58 21.15
CA MET A 305 -38.74 -24.79 21.45
C MET A 305 -38.38 -26.23 21.85
N GLN A 306 -37.14 -26.60 21.52
CA GLN A 306 -36.55 -27.91 21.78
C GLN A 306 -35.01 -27.83 21.76
N TRP A 307 -34.36 -28.29 22.83
CA TRP A 307 -32.91 -28.24 22.96
C TRP A 307 -32.18 -29.35 22.16
N ASN A 308 -30.97 -29.06 21.67
CA ASN A 308 -30.12 -30.00 20.95
C ASN A 308 -28.68 -30.09 21.52
N ALA A 309 -27.94 -31.15 21.19
CA ALA A 309 -26.56 -31.30 21.67
C ALA A 309 -25.67 -30.12 21.30
N GLY A 310 -26.25 -29.13 20.62
CA GLY A 310 -25.49 -27.98 20.14
C GLY A 310 -24.91 -27.06 21.21
N TYR A 311 -23.76 -26.46 20.90
CA TYR A 311 -23.11 -25.47 21.79
C TYR A 311 -23.57 -24.02 21.63
N SER A 312 -24.41 -23.75 20.63
CA SER A 312 -24.94 -22.39 20.38
C SER A 312 -26.44 -22.42 20.13
N GLU A 313 -27.07 -21.26 20.24
CA GLU A 313 -28.52 -21.20 20.08
C GLU A 313 -28.94 -21.00 18.63
N SER A 314 -30.17 -21.41 18.31
CA SER A 314 -30.83 -21.19 17.00
C SER A 314 -32.27 -20.75 17.25
N VAL A 315 -32.42 -19.49 17.65
CA VAL A 315 -33.72 -18.90 17.98
C VAL A 315 -34.16 -17.96 16.84
N HIS A 316 -35.30 -18.26 16.21
CA HIS A 316 -35.85 -17.47 15.09
C HIS A 316 -37.01 -16.64 15.55
N THR A 317 -36.98 -15.33 15.30
CA THR A 317 -38.02 -14.46 15.83
C THR A 317 -38.75 -13.72 14.72
N PHE A 318 -40.05 -13.58 14.91
CA PHE A 318 -40.91 -12.99 13.90
C PHE A 318 -41.96 -12.07 14.52
N ALA A 319 -42.28 -11.00 13.78
CA ALA A 319 -43.32 -10.05 14.12
C ALA A 319 -44.16 -9.85 12.87
N ASN A 320 -45.43 -10.28 12.89
CA ASN A 320 -46.31 -10.26 11.73
C ASN A 320 -45.66 -10.92 10.52
N THR A 321 -45.13 -12.12 10.73
CA THR A 321 -44.41 -12.90 9.72
C THR A 321 -43.11 -12.27 9.22
N ILE A 322 -42.80 -11.06 9.69
CA ILE A 322 -41.56 -10.40 9.32
C ILE A 322 -40.47 -11.00 10.18
N ASN A 323 -39.37 -11.41 9.54
CA ASN A 323 -38.28 -12.02 10.26
C ASN A 323 -37.37 -10.97 10.81
N THR A 324 -37.38 -10.84 12.14
CA THR A 324 -36.57 -9.85 12.82
C THR A 324 -35.21 -10.43 13.24
N HIS A 325 -34.22 -10.32 12.35
CA HIS A 325 -32.91 -10.87 12.64
C HIS A 325 -32.29 -10.11 13.77
N GLU A 326 -32.50 -8.81 13.80
CA GLU A 326 -31.95 -7.98 14.87
C GLU A 326 -32.64 -8.36 16.17
N GLY A 327 -33.88 -8.82 16.09
CA GLY A 327 -34.66 -9.23 17.24
C GLY A 327 -35.09 -7.98 17.97
N GLY A 328 -35.70 -8.14 19.13
CA GLY A 328 -36.03 -6.99 19.94
C GLY A 328 -36.79 -7.34 21.20
N THR A 329 -37.84 -6.58 21.47
CA THR A 329 -38.66 -6.73 22.67
C THR A 329 -39.32 -8.12 22.85
N HIS A 330 -39.84 -8.72 21.79
CA HIS A 330 -40.42 -10.08 21.88
C HIS A 330 -39.40 -11.11 22.29
N GLU A 331 -38.19 -11.04 21.69
CA GLU A 331 -37.10 -11.97 22.01
C GLU A 331 -36.59 -11.72 23.41
N GLU A 332 -36.42 -10.44 23.81
CA GLU A 332 -35.94 -10.09 25.16
C GLU A 332 -36.88 -10.51 26.30
N GLY A 333 -38.19 -10.32 26.11
CA GLY A 333 -39.18 -10.82 27.06
C GLY A 333 -39.07 -12.32 27.28
N PHE A 334 -38.91 -13.05 26.18
CA PHE A 334 -38.75 -14.49 26.19
C PHE A 334 -37.50 -14.94 26.93
N ARG A 335 -36.37 -14.28 26.67
CA ARG A 335 -35.10 -14.63 27.28
C ARG A 335 -35.14 -14.50 28.78
N SER A 336 -35.57 -13.31 29.24
CA SER A 336 -35.67 -12.97 30.66
C SER A 336 -36.62 -13.88 31.41
N ALA A 337 -37.64 -14.39 30.71
CA ALA A 337 -38.57 -15.36 31.29
C ALA A 337 -37.92 -16.75 31.43
N LEU A 338 -37.35 -17.24 30.33
CA LEU A 338 -36.66 -18.53 30.30
C LEU A 338 -35.50 -18.61 31.30
N THR A 339 -34.74 -17.53 31.43
CA THR A 339 -33.63 -17.46 32.37
C THR A 339 -34.13 -17.63 33.81
N SER A 340 -35.23 -16.97 34.18
CA SER A 340 -35.77 -17.07 35.55
C SER A 340 -36.48 -18.39 35.81
N VAL A 341 -37.13 -18.93 34.79
CA VAL A 341 -37.87 -20.18 34.93
C VAL A 341 -36.92 -21.35 35.19
N VAL A 342 -35.89 -21.46 34.36
CA VAL A 342 -34.86 -22.48 34.54
C VAL A 342 -34.16 -22.39 35.90
N ASN A 343 -33.71 -21.21 36.29
CA ASN A 343 -33.02 -21.05 37.58
C ASN A 343 -33.88 -21.43 38.77
N LYS A 344 -35.11 -20.93 38.81
CA LYS A 344 -36.03 -21.25 39.91
C LYS A 344 -36.33 -22.75 39.95
N TYR A 345 -36.60 -23.34 38.79
CA TYR A 345 -36.85 -24.78 38.69
C TYR A 345 -35.68 -25.59 39.22
N ALA A 346 -34.47 -25.16 38.87
CA ALA A 346 -33.27 -25.86 39.30
C ALA A 346 -33.13 -25.85 40.82
N LYS A 347 -33.44 -24.72 41.45
CA LYS A 347 -33.36 -24.59 42.90
C LYS A 347 -34.31 -25.54 43.61
N ASP A 348 -35.55 -25.62 43.14
CA ASP A 348 -36.53 -26.53 43.71
C ASP A 348 -36.10 -27.97 43.54
N ARG A 349 -35.59 -28.30 42.37
CA ARG A 349 -35.12 -29.66 42.12
C ARG A 349 -33.78 -29.92 42.83
N LYS A 350 -33.14 -28.84 43.29
CA LYS A 350 -31.84 -28.93 43.96
C LYS A 350 -30.75 -29.24 42.94
N LEU A 351 -31.07 -29.06 41.67
CA LEU A 351 -30.15 -29.37 40.59
C LEU A 351 -28.93 -28.50 40.61
N LEU A 352 -29.10 -27.22 40.90
CA LEU A 352 -27.98 -26.31 41.10
C LEU A 352 -27.90 -25.92 42.58
N LYS A 353 -26.70 -26.04 43.17
CA LYS A 353 -26.50 -25.72 44.58
C LYS A 353 -26.93 -24.29 44.91
N ASP A 354 -27.81 -24.15 45.90
CA ASP A 354 -28.25 -22.83 46.36
C ASP A 354 -27.06 -21.88 46.51
N LYS A 355 -25.96 -22.40 47.07
CA LYS A 355 -24.70 -21.68 47.18
C LYS A 355 -24.18 -21.26 45.80
N ASP A 356 -24.32 -22.14 44.81
CA ASP A 356 -23.88 -21.88 43.44
C ASP A 356 -24.61 -20.69 42.81
N PRO A 357 -23.89 -19.85 42.01
CA PRO A 357 -24.64 -18.76 41.40
C PRO A 357 -25.57 -19.25 40.32
N ASN A 358 -26.65 -18.50 40.09
CA ASN A 358 -27.65 -18.81 39.09
C ASN A 358 -27.06 -18.95 37.69
N LEU A 359 -27.55 -19.94 36.95
CA LEU A 359 -27.12 -20.15 35.57
C LEU A 359 -27.39 -18.89 34.73
N THR A 360 -26.57 -18.64 33.72
CA THR A 360 -26.69 -17.42 32.93
C THR A 360 -27.54 -17.67 31.68
N GLY A 361 -28.00 -16.58 31.05
CA GLY A 361 -28.80 -16.65 29.83
C GLY A 361 -28.15 -17.48 28.73
N ASP A 362 -26.83 -17.35 28.62
CA ASP A 362 -26.05 -18.09 27.62
C ASP A 362 -26.05 -19.60 27.83
N ASP A 363 -25.82 -20.05 29.07
CA ASP A 363 -25.74 -21.48 29.37
C ASP A 363 -27.09 -22.16 29.23
N ILE A 364 -28.16 -21.43 29.50
CA ILE A 364 -29.52 -21.99 29.35
C ILE A 364 -29.87 -22.21 27.89
N ARG A 365 -29.46 -21.26 27.05
CA ARG A 365 -29.78 -21.30 25.63
C ARG A 365 -28.74 -22.03 24.81
N GLU A 366 -27.72 -22.61 25.46
CA GLU A 366 -26.70 -23.39 24.76
C GLU A 366 -27.35 -24.58 24.06
N GLY A 367 -27.46 -24.50 22.73
CA GLY A 367 -28.03 -25.57 21.95
C GLY A 367 -29.55 -25.55 21.94
N LEU A 368 -30.15 -24.39 22.21
CA LEU A 368 -31.60 -24.26 22.16
C LEU A 368 -32.04 -23.87 20.75
N ALA A 369 -33.03 -24.59 20.20
CA ALA A 369 -33.70 -24.21 18.95
C ALA A 369 -35.10 -23.74 19.33
N ALA A 370 -35.46 -22.54 18.89
CA ALA A 370 -36.74 -21.93 19.27
C ALA A 370 -37.25 -21.07 18.13
N VAL A 371 -38.58 -20.81 18.17
CA VAL A 371 -39.27 -19.85 17.28
C VAL A 371 -40.23 -19.01 18.11
N ILE A 372 -40.12 -17.69 17.98
CA ILE A 372 -41.00 -16.76 18.68
C ILE A 372 -41.69 -15.97 17.60
N SER A 373 -43.01 -16.10 17.55
CA SER A 373 -43.79 -15.44 16.52
C SER A 373 -44.85 -14.58 17.15
N VAL A 374 -44.66 -13.27 17.10
CA VAL A 374 -45.69 -12.38 17.60
C VAL A 374 -46.53 -11.79 16.47
N LYS A 375 -47.75 -11.42 16.85
CA LYS A 375 -48.66 -10.74 15.96
C LYS A 375 -49.01 -9.47 16.67
N VAL A 376 -48.45 -8.36 16.21
CA VAL A 376 -48.68 -7.06 16.80
C VAL A 376 -49.61 -6.24 15.90
N SER A 377 -50.60 -5.57 16.50
CA SER A 377 -51.54 -4.74 15.75
C SER A 377 -50.88 -3.51 15.10
N GLU A 378 -50.03 -2.83 15.88
CA GLU A 378 -49.25 -1.70 15.38
C GLU A 378 -47.80 -1.86 15.82
N PRO A 379 -46.91 -2.29 14.88
CA PRO A 379 -45.60 -2.62 15.34
C PRO A 379 -44.59 -1.57 14.93
N GLN A 380 -43.68 -1.22 15.84
CA GLN A 380 -42.60 -0.29 15.52
C GLN A 380 -41.27 -1.03 15.48
N PHE A 381 -40.49 -0.82 14.41
CA PHE A 381 -39.21 -1.46 14.24
C PHE A 381 -38.08 -0.42 14.36
N GLU A 382 -36.97 -0.83 14.97
CA GLU A 382 -35.81 0.05 15.12
C GLU A 382 -34.55 -0.63 14.52
N GLY A 383 -33.40 0.04 14.56
CA GLY A 383 -32.17 -0.53 14.00
C GLY A 383 -31.99 -0.13 12.56
N GLN A 384 -30.75 -0.08 12.07
CA GLN A 384 -30.51 0.35 10.68
C GLN A 384 -31.16 -0.63 9.70
N THR A 385 -31.10 -1.90 10.03
CA THR A 385 -31.83 -2.92 9.28
C THR A 385 -33.34 -2.72 9.23
N LYS A 386 -33.94 -2.21 10.32
CA LYS A 386 -35.40 -2.16 10.51
C LYS A 386 -35.95 -3.56 10.71
N THR A 387 -35.08 -4.43 11.21
CA THR A 387 -35.46 -5.78 11.56
C THR A 387 -35.40 -5.99 13.08
N LYS A 388 -35.81 -4.96 13.82
CA LYS A 388 -35.77 -5.02 15.29
C LYS A 388 -37.03 -4.47 15.91
N LEU A 389 -37.80 -5.40 16.46
CA LEU A 389 -39.04 -5.02 17.12
C LEU A 389 -38.76 -4.20 18.36
N GLY A 390 -39.41 -3.05 18.46
CA GLY A 390 -39.17 -2.11 19.55
C GLY A 390 -40.30 -1.89 20.54
N ASN A 391 -41.45 -2.55 20.33
CA ASN A 391 -42.65 -2.37 21.16
C ASN A 391 -42.42 -2.76 22.61
N THR A 392 -42.34 -1.76 23.51
CA THR A 392 -42.13 -1.95 24.95
C THR A 392 -43.22 -2.85 25.55
N GLU A 393 -44.44 -2.52 25.17
CA GLU A 393 -45.68 -3.25 25.44
C GLU A 393 -45.53 -4.78 25.24
N VAL A 394 -44.68 -5.18 24.29
CA VAL A 394 -44.54 -6.58 23.91
C VAL A 394 -43.56 -7.33 24.82
N LYS A 395 -42.46 -6.69 25.23
CA LYS A 395 -41.47 -7.29 26.11
C LYS A 395 -42.12 -7.89 27.33
N SER A 396 -42.99 -7.10 27.98
CA SER A 396 -43.68 -7.50 29.21
C SER A 396 -44.73 -8.57 28.93
N PHE A 397 -45.40 -8.47 27.80
CA PHE A 397 -46.40 -9.44 27.38
C PHE A 397 -45.81 -10.85 27.19
N VAL A 398 -44.82 -10.96 26.31
CA VAL A 398 -44.13 -12.24 26.02
C VAL A 398 -43.53 -12.82 27.30
N GLN A 399 -42.94 -11.96 28.14
CA GLN A 399 -42.37 -12.37 29.40
C GLN A 399 -43.40 -13.04 30.29
N LYS A 400 -44.55 -12.39 30.51
CA LYS A 400 -45.61 -12.95 31.37
C LYS A 400 -46.18 -14.24 30.79
N VAL A 401 -46.23 -14.33 29.47
CA VAL A 401 -46.73 -15.56 28.81
C VAL A 401 -45.75 -16.71 29.00
N CYS A 402 -44.46 -16.48 28.72
CA CYS A 402 -43.45 -17.53 28.89
C CYS A 402 -43.33 -17.99 30.34
N ASN A 403 -43.29 -17.03 31.26
CA ASN A 403 -43.17 -17.31 32.67
C ASN A 403 -44.24 -18.30 33.09
N GLU A 404 -45.48 -18.05 32.67
CA GLU A 404 -46.57 -18.93 33.03
C GLU A 404 -46.53 -20.29 32.34
N GLN A 405 -46.34 -20.31 31.03
CA GLN A 405 -46.42 -21.56 30.26
C GLN A 405 -45.17 -22.43 30.31
N LEU A 406 -43.99 -21.81 30.34
CA LEU A 406 -42.77 -22.57 30.52
C LEU A 406 -42.68 -23.25 31.89
N THR A 407 -43.22 -22.60 32.93
CA THR A 407 -43.31 -23.22 34.27
C THR A 407 -44.19 -24.45 34.17
N HIS A 408 -45.25 -24.38 33.39
CA HIS A 408 -46.14 -25.50 33.16
C HIS A 408 -45.39 -26.62 32.44
N TRP A 409 -44.67 -26.31 31.36
CA TRP A 409 -43.99 -27.34 30.57
C TRP A 409 -42.89 -28.03 31.37
N PHE A 410 -42.20 -27.24 32.21
CA PHE A 410 -41.14 -27.80 33.05
C PHE A 410 -41.70 -28.82 34.00
N GLU A 411 -42.60 -28.41 34.88
CA GLU A 411 -43.25 -29.31 35.81
C GLU A 411 -43.94 -30.46 35.10
N ALA A 412 -44.50 -30.18 33.93
CA ALA A 412 -45.21 -31.19 33.14
C ALA A 412 -44.30 -32.31 32.65
N ASN A 413 -43.11 -31.94 32.16
CA ASN A 413 -42.17 -32.94 31.69
C ASN A 413 -40.91 -32.90 32.56
N PRO A 414 -40.94 -33.62 33.70
CA PRO A 414 -39.78 -33.68 34.60
C PRO A 414 -38.58 -34.37 33.95
N THR A 415 -38.84 -35.31 33.05
CA THR A 415 -37.79 -35.99 32.30
C THR A 415 -36.99 -34.97 31.50
N ASP A 416 -37.70 -34.30 30.59
CA ASP A 416 -37.14 -33.29 29.70
C ASP A 416 -36.49 -32.14 30.45
N ALA A 417 -37.17 -31.66 31.50
CA ALA A 417 -36.64 -30.57 32.34
C ALA A 417 -35.29 -30.92 32.96
N LYS A 418 -35.17 -32.14 33.47
CA LYS A 418 -33.92 -32.62 34.02
C LYS A 418 -32.79 -32.55 33.00
N VAL A 419 -33.10 -32.86 31.74
CA VAL A 419 -32.06 -32.92 30.70
C VAL A 419 -31.59 -31.53 30.31
N VAL A 420 -32.53 -30.65 29.96
CA VAL A 420 -32.16 -29.30 29.53
C VAL A 420 -31.49 -28.49 30.64
N VAL A 421 -31.79 -28.81 31.91
CA VAL A 421 -31.14 -28.14 33.05
C VAL A 421 -29.70 -28.63 33.18
N ASN A 422 -29.52 -29.94 33.10
CA ASN A 422 -28.19 -30.54 33.09
C ASN A 422 -27.35 -30.01 31.94
N LYS A 423 -28.01 -29.78 30.80
CA LYS A 423 -27.35 -29.17 29.64
C LYS A 423 -26.85 -27.79 30.00
N ALA A 424 -27.65 -27.06 30.78
CA ALA A 424 -27.31 -25.73 31.29
C ALA A 424 -26.11 -25.79 32.22
N VAL A 425 -26.16 -26.72 33.17
CA VAL A 425 -25.09 -26.97 34.10
C VAL A 425 -23.81 -27.34 33.33
N SER A 426 -23.93 -28.25 32.36
CA SER A 426 -22.79 -28.65 31.52
C SER A 426 -22.21 -27.42 30.82
N SER A 427 -23.09 -26.60 30.24
CA SER A 427 -22.68 -25.37 29.56
C SER A 427 -21.94 -24.40 30.47
N ALA A 428 -22.32 -24.29 31.76
CA ALA A 428 -21.64 -23.46 32.76
C ALA A 428 -20.30 -24.05 33.19
N GLN A 429 -20.23 -25.39 33.32
CA GLN A 429 -19.01 -26.13 33.70
C GLN A 429 -17.97 -26.09 32.60
N ALA A 430 -18.40 -26.07 31.32
CA ALA A 430 -17.54 -26.02 30.13
C ALA A 430 -16.78 -24.70 30.04
N ARG A 431 -17.43 -23.59 30.47
CA ARG A 431 -16.88 -22.24 30.50
C ARG A 431 -15.79 -22.13 31.58
N ILE A 432 -16.02 -22.76 32.76
CA ILE A 432 -15.10 -22.78 33.90
C ILE A 432 -13.88 -23.67 33.59
N ALA A 433 -14.12 -24.81 32.89
CA ALA A 433 -13.08 -25.77 32.47
C ALA A 433 -12.05 -25.12 31.55
N ALA A 434 -12.49 -24.20 30.66
CA ALA A 434 -11.65 -23.47 29.73
C ALA A 434 -10.83 -22.40 30.47
N ARG A 435 -11.43 -21.82 31.52
CA ARG A 435 -10.87 -20.78 32.38
C ARG A 435 -9.75 -21.33 33.27
N LYS A 436 -9.99 -22.50 33.91
CA LYS A 436 -9.00 -23.14 34.79
C LYS A 436 -7.84 -23.75 34.00
N ALA A 437 -8.16 -24.56 32.97
CA ALA A 437 -7.16 -25.20 32.11
C ALA A 437 -7.35 -24.78 30.63
N ARG A 438 -6.66 -23.70 30.17
CA ARG A 438 -5.72 -22.87 30.92
C ARG A 438 -5.97 -21.39 30.62
N ALA B 29 9.44 19.34 -32.00
CA ALA B 29 8.10 19.01 -32.47
C ALA B 29 7.46 17.88 -31.64
N SER B 30 6.58 18.27 -30.71
CA SER B 30 5.85 17.36 -29.79
C SER B 30 4.79 16.53 -30.53
N ILE B 31 4.54 15.30 -30.04
CA ILE B 31 3.55 14.38 -30.61
C ILE B 31 2.40 14.13 -29.63
N THR B 32 1.17 13.99 -30.14
CA THR B 32 0.00 13.76 -29.30
C THR B 32 -0.60 12.38 -29.58
N ILE B 33 -0.62 11.51 -28.56
CA ILE B 33 -1.18 10.16 -28.66
C ILE B 33 -2.57 10.17 -28.03
N LEU B 34 -3.59 9.82 -28.82
CA LEU B 34 -4.99 9.76 -28.37
C LEU B 34 -5.49 8.31 -28.25
N GLU B 35 -5.73 7.87 -27.01
CA GLU B 35 -6.24 6.53 -26.71
C GLU B 35 -7.67 6.63 -26.17
N GLY B 36 -8.62 6.12 -26.96
CA GLY B 36 -10.05 6.13 -26.65
C GLY B 36 -10.44 5.27 -25.46
N LEU B 37 -9.86 4.05 -25.40
CA LEU B 37 -10.07 3.05 -24.36
C LEU B 37 -9.79 3.54 -22.94
N GLU B 38 -8.78 4.40 -22.79
CA GLU B 38 -8.38 4.83 -21.47
C GLU B 38 -9.51 5.54 -20.70
N ALA B 39 -10.27 6.38 -21.39
CA ALA B 39 -11.43 7.05 -20.80
C ALA B 39 -12.47 6.02 -20.39
N VAL B 40 -12.67 5.02 -21.24
CA VAL B 40 -13.60 3.94 -20.96
C VAL B 40 -13.15 3.22 -19.71
N ARG B 41 -11.86 2.97 -19.58
CA ARG B 41 -11.32 2.31 -18.40
C ARG B 41 -11.46 3.20 -17.17
N LYS B 42 -11.31 4.51 -17.33
CA LYS B 42 -11.45 5.47 -16.24
C LYS B 42 -12.89 5.60 -15.74
N ARG B 43 -13.83 5.73 -16.66
CA ARG B 43 -15.24 5.79 -16.32
C ARG B 43 -16.05 4.70 -17.03
N PRO B 44 -16.02 3.44 -16.52
CA PRO B 44 -16.71 2.34 -17.20
C PRO B 44 -18.23 2.48 -17.32
N GLY B 45 -18.89 2.76 -16.21
CA GLY B 45 -20.34 2.89 -16.18
C GLY B 45 -20.86 3.98 -17.08
N MET B 46 -19.99 4.93 -17.42
CA MET B 46 -20.35 6.02 -18.32
C MET B 46 -20.49 5.53 -19.78
N TYR B 47 -19.84 4.41 -20.11
CA TYR B 47 -19.83 3.84 -21.47
C TYR B 47 -20.67 2.57 -21.57
N ILE B 48 -20.43 1.64 -20.66
CA ILE B 48 -21.30 0.50 -20.48
C ILE B 48 -22.47 0.95 -19.57
N GLY B 49 -23.43 0.08 -19.27
CA GLY B 49 -24.53 0.49 -18.36
C GLY B 49 -24.09 0.90 -16.94
N SER B 50 -23.43 -0.03 -16.26
CA SER B 50 -22.98 0.05 -14.87
C SER B 50 -21.89 -1.04 -14.72
N THR B 51 -21.46 -1.33 -13.49
CA THR B 51 -20.45 -2.38 -13.25
C THR B 51 -21.01 -3.67 -12.58
N GLY B 52 -22.35 -3.75 -12.52
CA GLY B 52 -23.10 -4.88 -11.94
C GLY B 52 -23.53 -5.81 -13.05
N GLU B 53 -24.41 -6.76 -12.75
CA GLU B 53 -24.86 -7.75 -13.76
C GLU B 53 -25.35 -7.11 -15.07
N ARG B 54 -26.07 -5.98 -14.99
CA ARG B 54 -26.54 -5.27 -16.18
C ARG B 54 -25.39 -4.85 -17.11
N GLY B 55 -24.40 -4.15 -16.53
CA GLY B 55 -23.19 -3.74 -17.24
C GLY B 55 -22.43 -4.92 -17.84
N LEU B 56 -22.11 -5.90 -16.98
CA LEU B 56 -21.42 -7.11 -17.39
C LEU B 56 -22.09 -7.76 -18.62
N HIS B 57 -23.43 -7.87 -18.61
CA HIS B 57 -24.13 -8.50 -19.72
C HIS B 57 -24.13 -7.63 -20.96
N HIS B 58 -24.03 -6.32 -20.73
CA HIS B 58 -23.92 -5.41 -21.84
C HIS B 58 -22.76 -5.78 -22.74
N LEU B 59 -21.69 -6.34 -22.18
CA LEU B 59 -20.57 -6.81 -22.99
C LEU B 59 -21.04 -7.83 -24.02
N ILE B 60 -21.78 -8.87 -23.60
CA ILE B 60 -22.32 -9.89 -24.52
C ILE B 60 -23.13 -9.21 -25.63
N TRP B 61 -24.07 -8.35 -25.22
CA TRP B 61 -24.95 -7.67 -26.16
C TRP B 61 -24.18 -6.98 -27.25
N GLU B 62 -23.22 -6.14 -26.90
CA GLU B 62 -22.42 -5.45 -27.92
C GLU B 62 -21.91 -6.41 -29.01
N VAL B 63 -21.37 -7.57 -28.59
CA VAL B 63 -20.74 -8.51 -29.48
C VAL B 63 -21.79 -9.25 -30.27
N VAL B 64 -22.87 -9.68 -29.61
CA VAL B 64 -23.94 -10.41 -30.30
C VAL B 64 -24.67 -9.50 -31.28
N ASP B 65 -24.93 -8.27 -30.88
CA ASP B 65 -25.60 -7.31 -31.75
C ASP B 65 -24.82 -7.16 -33.04
N ASN B 66 -23.49 -7.13 -32.93
CA ASN B 66 -22.62 -7.07 -34.10
C ASN B 66 -22.78 -8.28 -35.03
N ALA B 67 -22.92 -9.45 -34.42
CA ALA B 67 -23.12 -10.71 -35.16
C ALA B 67 -24.50 -10.82 -35.82
N VAL B 68 -25.54 -10.52 -35.05
CA VAL B 68 -26.91 -10.52 -35.53
C VAL B 68 -27.10 -9.52 -36.68
N ASP B 69 -26.44 -8.39 -36.62
CA ASP B 69 -26.59 -7.38 -37.67
C ASP B 69 -26.29 -7.91 -39.05
N GLU B 70 -25.39 -8.89 -39.13
CA GLU B 70 -25.09 -9.59 -40.40
C GLU B 70 -26.29 -10.38 -40.88
N ALA B 71 -26.82 -11.23 -40.01
CA ALA B 71 -28.00 -12.01 -40.33
C ALA B 71 -29.11 -11.08 -40.82
N MET B 72 -29.17 -9.89 -40.20
CA MET B 72 -30.13 -8.85 -40.55
C MET B 72 -29.84 -8.34 -41.95
N ALA B 73 -28.55 -8.25 -42.29
CA ALA B 73 -28.08 -7.88 -43.63
C ALA B 73 -28.27 -9.02 -44.65
N GLY B 74 -28.54 -10.22 -44.15
CA GLY B 74 -28.80 -11.40 -44.97
C GLY B 74 -27.57 -12.24 -45.32
N TYR B 75 -26.52 -12.16 -44.51
CA TYR B 75 -25.27 -12.91 -44.76
C TYR B 75 -25.00 -13.99 -43.74
N ALA B 76 -25.40 -13.77 -42.50
CA ALA B 76 -25.29 -14.82 -41.51
C ALA B 76 -26.59 -15.64 -41.46
N THR B 77 -26.47 -16.89 -41.05
CA THR B 77 -27.58 -17.79 -40.89
C THR B 77 -27.57 -18.45 -39.51
N THR B 78 -26.41 -18.41 -38.84
CA THR B 78 -26.19 -19.07 -37.55
C THR B 78 -25.29 -18.21 -36.65
N VAL B 79 -25.78 -17.93 -35.43
CA VAL B 79 -24.97 -17.24 -34.40
C VAL B 79 -24.87 -18.19 -33.21
N ASN B 80 -23.65 -18.47 -32.76
CA ASN B 80 -23.44 -19.32 -31.58
C ASN B 80 -22.79 -18.57 -30.43
N VAL B 81 -23.46 -18.62 -29.29
CA VAL B 81 -22.97 -18.00 -28.05
C VAL B 81 -22.54 -19.13 -27.10
N VAL B 82 -21.32 -19.03 -26.58
CA VAL B 82 -20.85 -20.01 -25.58
C VAL B 82 -20.44 -19.31 -24.29
N LEU B 83 -21.09 -19.69 -23.21
CA LEU B 83 -20.64 -19.28 -21.91
C LEU B 83 -19.54 -20.28 -21.48
N LEU B 84 -18.28 -19.91 -21.71
CA LEU B 84 -17.11 -20.78 -21.46
C LEU B 84 -16.91 -21.08 -19.99
N GLU B 85 -16.26 -22.20 -19.65
CA GLU B 85 -16.02 -22.58 -18.24
C GLU B 85 -15.13 -21.59 -17.46
N ASP B 86 -14.05 -21.10 -18.09
CA ASP B 86 -13.14 -20.09 -17.48
C ASP B 86 -13.77 -18.71 -17.22
N GLY B 87 -15.00 -18.51 -17.70
CA GLY B 87 -15.70 -17.24 -17.48
C GLY B 87 -15.80 -16.39 -18.73
N GLY B 88 -15.13 -16.85 -19.79
CA GLY B 88 -15.12 -16.13 -21.04
C GLY B 88 -16.39 -16.35 -21.81
N VAL B 89 -16.55 -15.61 -22.90
CA VAL B 89 -17.68 -15.72 -23.79
C VAL B 89 -17.13 -15.91 -25.18
N GLU B 90 -17.70 -16.84 -25.94
CA GLU B 90 -17.40 -16.96 -27.38
C GLU B 90 -18.66 -16.61 -28.18
N VAL B 91 -18.52 -15.79 -29.21
CA VAL B 91 -19.65 -15.48 -30.08
C VAL B 91 -19.23 -15.68 -31.53
N ALA B 92 -19.77 -16.73 -32.16
CA ALA B 92 -19.42 -17.06 -33.54
C ALA B 92 -20.59 -16.91 -34.47
N ASP B 93 -20.32 -16.26 -35.60
CA ASP B 93 -21.26 -16.11 -36.71
C ASP B 93 -20.66 -16.68 -38.01
N ASP B 94 -21.49 -16.75 -39.05
CA ASP B 94 -21.10 -17.16 -40.40
C ASP B 94 -21.41 -16.04 -41.39
N GLY B 95 -21.23 -14.81 -40.89
CA GLY B 95 -21.41 -13.60 -41.68
C GLY B 95 -20.33 -13.40 -42.74
N ARG B 96 -19.94 -12.15 -42.94
CA ARG B 96 -18.98 -11.79 -43.95
C ARG B 96 -17.63 -11.62 -43.31
N GLY B 97 -17.57 -11.87 -42.00
CA GLY B 97 -16.36 -11.60 -41.22
C GLY B 97 -16.01 -10.13 -41.16
N ILE B 98 -15.36 -9.76 -40.06
CA ILE B 98 -14.87 -8.41 -39.87
C ILE B 98 -13.77 -8.09 -40.88
N PRO B 99 -13.91 -6.93 -41.55
CA PRO B 99 -12.89 -6.37 -42.40
C PRO B 99 -11.48 -6.46 -41.79
N VAL B 100 -10.62 -7.24 -42.44
CA VAL B 100 -9.19 -7.36 -42.11
C VAL B 100 -8.34 -6.46 -42.99
N ALA B 101 -8.87 -6.08 -44.17
CA ALA B 101 -8.24 -5.16 -45.12
C ALA B 101 -7.76 -3.87 -44.45
N THR B 102 -6.64 -3.31 -44.92
CA THR B 102 -6.06 -2.11 -44.28
C THR B 102 -6.92 -0.85 -44.51
N HIS B 103 -7.42 -0.32 -43.38
CA HIS B 103 -8.31 0.82 -43.29
C HIS B 103 -7.59 2.10 -43.68
N ALA B 104 -8.34 3.17 -43.94
CA ALA B 104 -7.80 4.50 -44.28
C ALA B 104 -6.68 4.96 -43.35
N SER B 105 -6.80 4.60 -42.06
CA SER B 105 -5.80 4.85 -41.00
C SER B 105 -4.41 4.27 -41.31
N GLY B 106 -4.38 3.12 -41.97
CA GLY B 106 -3.15 2.40 -42.27
C GLY B 106 -3.00 1.13 -41.44
N ILE B 107 -3.82 1.04 -40.40
CA ILE B 107 -3.89 -0.11 -39.48
C ILE B 107 -5.05 -1.04 -39.97
N PRO B 108 -4.99 -2.37 -39.71
CA PRO B 108 -6.09 -3.21 -40.21
C PRO B 108 -7.42 -2.80 -39.62
N THR B 109 -8.46 -2.86 -40.44
CA THR B 109 -9.80 -2.46 -40.04
C THR B 109 -10.26 -3.07 -38.70
N VAL B 110 -9.87 -4.33 -38.42
CA VAL B 110 -10.20 -5.00 -37.15
C VAL B 110 -9.75 -4.17 -35.99
N ASP B 111 -8.47 -3.77 -36.02
CA ASP B 111 -7.84 -2.95 -34.99
C ASP B 111 -8.61 -1.65 -34.75
N VAL B 112 -9.07 -1.00 -35.82
CA VAL B 112 -9.92 0.21 -35.74
C VAL B 112 -11.20 -0.10 -34.94
N VAL B 113 -11.97 -1.07 -35.42
CA VAL B 113 -13.17 -1.53 -34.74
C VAL B 113 -12.92 -1.84 -33.26
N MET B 114 -11.87 -2.58 -33.00
CA MET B 114 -11.56 -3.05 -31.67
C MET B 114 -10.83 -2.09 -30.72
N THR B 115 -10.20 -1.03 -31.22
CA THR B 115 -9.41 -0.14 -30.35
C THR B 115 -9.76 1.36 -30.43
N GLN B 116 -10.85 1.70 -31.12
CA GLN B 116 -11.26 3.10 -31.28
C GLN B 116 -12.74 3.24 -31.00
N LEU B 117 -13.20 4.47 -30.76
CA LEU B 117 -14.61 4.69 -30.42
C LEU B 117 -15.34 5.45 -31.50
N HIS B 118 -16.48 4.91 -31.92
CA HIS B 118 -17.32 5.53 -32.96
C HIS B 118 -17.99 6.85 -32.47
N VAL B 137 -21.37 1.69 -26.17
CA VAL B 137 -21.79 1.30 -27.51
C VAL B 137 -20.61 1.41 -28.47
N GLY B 138 -20.33 0.31 -29.15
CA GLY B 138 -19.13 0.22 -29.99
C GLY B 138 -18.20 -0.79 -29.38
N VAL B 139 -18.05 -1.94 -30.06
CA VAL B 139 -17.53 -3.15 -29.43
C VAL B 139 -16.13 -2.95 -28.84
N SER B 140 -15.44 -1.93 -29.32
CA SER B 140 -14.20 -1.52 -28.71
C SER B 140 -14.32 -1.41 -27.19
N VAL B 141 -15.53 -1.07 -26.72
CA VAL B 141 -15.84 -0.94 -25.28
C VAL B 141 -15.65 -2.28 -24.57
N VAL B 142 -16.02 -3.38 -25.22
CA VAL B 142 -15.82 -4.73 -24.69
C VAL B 142 -14.35 -5.01 -24.52
N ASN B 143 -13.59 -4.78 -25.59
CA ASN B 143 -12.14 -4.96 -25.56
C ASN B 143 -11.51 -4.17 -24.41
N ALA B 144 -11.99 -2.95 -24.24
CA ALA B 144 -11.52 -2.01 -23.22
C ALA B 144 -11.66 -2.57 -21.81
N LEU B 145 -12.81 -3.13 -21.52
CA LEU B 145 -13.14 -3.63 -20.19
C LEU B 145 -12.92 -5.15 -20.05
N SER B 146 -12.23 -5.74 -21.05
CA SER B 146 -11.86 -7.16 -21.00
C SER B 146 -10.36 -7.29 -20.71
N THR B 147 -10.00 -8.36 -19.98
CA THR B 147 -8.59 -8.67 -19.71
C THR B 147 -7.93 -9.06 -21.04
N ARG B 148 -8.69 -9.73 -21.91
CA ARG B 148 -8.16 -10.19 -23.18
C ARG B 148 -9.26 -10.51 -24.17
N LEU B 149 -9.08 -10.05 -25.41
CA LEU B 149 -10.04 -10.26 -26.48
C LEU B 149 -9.41 -11.00 -27.67
N GLU B 150 -9.98 -12.14 -28.03
CA GLU B 150 -9.46 -12.92 -29.16
C GLU B 150 -10.43 -12.88 -30.33
N VAL B 151 -9.91 -12.59 -31.52
CA VAL B 151 -10.76 -12.53 -32.71
C VAL B 151 -10.24 -13.46 -33.79
N GLU B 152 -11.11 -14.35 -34.24
CA GLU B 152 -10.81 -15.25 -35.35
C GLU B 152 -11.74 -14.92 -36.52
N ILE B 153 -11.14 -14.62 -37.67
CA ILE B 153 -11.91 -14.16 -38.82
C ILE B 153 -11.65 -15.01 -40.04
N LYS B 154 -12.74 -15.38 -40.70
CA LYS B 154 -12.64 -16.11 -41.94
C LYS B 154 -13.16 -15.20 -43.03
N ARG B 155 -12.23 -14.56 -43.74
CA ARG B 155 -12.54 -13.53 -44.74
C ARG B 155 -11.42 -13.44 -45.77
N ASP B 156 -11.78 -12.92 -46.96
CA ASP B 156 -10.86 -12.67 -48.08
C ASP B 156 -10.00 -13.89 -48.44
N GLY B 157 -10.59 -15.07 -48.29
CA GLY B 157 -9.92 -16.32 -48.65
C GLY B 157 -8.94 -16.93 -47.67
N TYR B 158 -8.91 -16.43 -46.44
CA TYR B 158 -7.99 -16.94 -45.39
C TYR B 158 -8.58 -16.88 -43.96
N GLU B 159 -7.97 -17.67 -43.07
CA GLU B 159 -8.26 -17.65 -41.64
C GLU B 159 -7.33 -16.66 -40.95
N TRP B 160 -7.91 -15.78 -40.15
CA TRP B 160 -7.15 -14.71 -39.53
C TRP B 160 -7.42 -14.66 -38.04
N SER B 161 -6.33 -14.51 -37.28
CA SER B 161 -6.40 -14.51 -35.83
C SER B 161 -5.72 -13.26 -35.32
N GLN B 162 -6.42 -12.50 -34.49
CA GLN B 162 -5.83 -11.35 -33.84
C GLN B 162 -6.13 -11.40 -32.36
N VAL B 163 -5.12 -11.18 -31.53
CA VAL B 163 -5.31 -11.23 -30.08
C VAL B 163 -5.01 -9.88 -29.43
N TYR B 164 -5.92 -9.44 -28.56
CA TYR B 164 -5.76 -8.19 -27.85
C TYR B 164 -5.53 -8.49 -26.38
N GLU B 165 -4.38 -8.11 -25.85
CA GLU B 165 -4.07 -8.35 -24.45
C GLU B 165 -4.16 -7.00 -23.79
N LYS B 166 -5.13 -6.91 -22.88
CA LYS B 166 -5.50 -5.67 -22.20
C LYS B 166 -5.61 -4.53 -23.21
N SER B 167 -6.49 -4.76 -24.19
CA SER B 167 -6.89 -3.83 -25.24
C SER B 167 -5.83 -3.55 -26.30
N GLU B 168 -4.69 -4.21 -26.18
CA GLU B 168 -3.55 -3.90 -27.07
C GLU B 168 -3.33 -5.02 -28.08
N PRO B 169 -3.36 -4.70 -29.39
CA PRO B 169 -3.19 -5.71 -30.44
C PRO B 169 -1.82 -6.39 -30.42
N LEU B 170 -1.78 -7.69 -30.63
CA LEU B 170 -0.51 -8.43 -30.65
C LEU B 170 -0.09 -8.78 -32.08
N GLY B 171 -0.74 -8.12 -33.04
CA GLY B 171 -0.46 -8.29 -34.46
C GLY B 171 -1.37 -9.28 -35.17
N LEU B 172 -1.75 -8.96 -36.40
CA LEU B 172 -2.64 -9.82 -37.16
C LEU B 172 -1.90 -11.02 -37.74
N LYS B 173 -2.52 -12.19 -37.66
CA LYS B 173 -1.90 -13.41 -38.18
C LYS B 173 -2.71 -14.02 -39.31
N GLN B 174 -2.08 -14.23 -40.47
CA GLN B 174 -2.74 -14.88 -41.60
C GLN B 174 -2.43 -16.38 -41.62
N GLY B 175 -3.48 -17.20 -41.68
CA GLY B 175 -3.31 -18.63 -41.61
C GLY B 175 -3.75 -19.34 -42.86
N ALA B 176 -4.38 -20.51 -42.67
CA ALA B 176 -4.84 -21.37 -43.75
C ALA B 176 -5.84 -20.71 -44.71
N PRO B 177 -5.78 -21.07 -46.00
CA PRO B 177 -6.78 -20.58 -46.94
C PRO B 177 -8.14 -21.24 -46.74
N THR B 178 -9.22 -20.53 -47.06
CA THR B 178 -10.56 -21.07 -46.91
C THR B 178 -11.64 -20.24 -47.60
N LYS B 179 -12.55 -20.91 -48.28
CA LYS B 179 -13.77 -20.29 -48.81
C LYS B 179 -14.66 -19.61 -47.74
N LYS B 180 -14.77 -20.26 -46.58
CA LYS B 180 -15.71 -19.91 -45.55
C LYS B 180 -15.51 -18.53 -45.00
N THR B 181 -16.64 -17.87 -44.75
CA THR B 181 -16.68 -16.54 -44.15
C THR B 181 -17.36 -16.60 -42.77
N GLY B 182 -17.18 -15.54 -41.98
CA GLY B 182 -17.69 -15.51 -40.62
C GLY B 182 -16.65 -15.04 -39.63
N SER B 183 -17.09 -14.77 -38.40
CA SER B 183 -16.22 -14.25 -37.36
C SER B 183 -16.46 -14.90 -36.02
N THR B 184 -15.48 -14.82 -35.13
CA THR B 184 -15.56 -15.45 -33.81
C THR B 184 -14.85 -14.56 -32.81
N VAL B 185 -15.59 -14.14 -31.78
CA VAL B 185 -15.06 -13.24 -30.78
C VAL B 185 -15.07 -13.92 -29.43
N ARG B 186 -13.92 -13.93 -28.79
CA ARG B 186 -13.78 -14.50 -27.48
C ARG B 186 -13.26 -13.42 -26.58
N PHE B 187 -13.90 -13.22 -25.41
CA PHE B 187 -13.49 -12.17 -24.49
C PHE B 187 -13.67 -12.56 -23.03
N TRP B 188 -12.81 -11.98 -22.20
CA TRP B 188 -12.89 -12.24 -20.79
C TRP B 188 -13.06 -10.92 -20.03
N ALA B 189 -14.29 -10.67 -19.57
CA ALA B 189 -14.61 -9.54 -18.69
C ALA B 189 -13.63 -9.44 -17.51
N ASP B 190 -13.14 -8.22 -17.30
CA ASP B 190 -12.16 -7.86 -16.27
C ASP B 190 -12.84 -7.85 -14.88
N PRO B 191 -12.31 -8.65 -13.92
CA PRO B 191 -12.92 -8.69 -12.58
C PRO B 191 -12.65 -7.41 -11.82
N ALA B 192 -11.64 -6.68 -12.26
CA ALA B 192 -11.28 -5.36 -11.72
C ALA B 192 -12.32 -4.32 -12.10
N VAL B 193 -13.02 -4.54 -13.22
CA VAL B 193 -14.07 -3.62 -13.68
C VAL B 193 -15.41 -3.99 -13.06
N PHE B 194 -15.75 -5.28 -13.05
CA PHE B 194 -17.10 -5.72 -12.62
C PHE B 194 -17.24 -6.40 -11.27
N GLU B 195 -18.32 -6.05 -10.59
CA GLU B 195 -18.68 -6.58 -9.27
C GLU B 195 -18.96 -8.09 -9.36
N THR B 196 -19.37 -8.55 -10.54
CA THR B 196 -19.53 -9.97 -10.83
C THR B 196 -19.05 -10.27 -12.24
N THR B 197 -18.51 -11.48 -12.46
CA THR B 197 -18.04 -11.88 -13.76
C THR B 197 -18.81 -13.13 -14.21
N GLU B 198 -19.84 -13.49 -13.45
CA GLU B 198 -20.69 -14.66 -13.77
C GLU B 198 -21.88 -14.27 -14.58
N TYR B 199 -21.92 -14.70 -15.82
CA TYR B 199 -23.08 -14.43 -16.66
C TYR B 199 -24.27 -15.30 -16.26
N ASP B 200 -25.47 -14.77 -16.42
CA ASP B 200 -26.72 -15.48 -16.12
C ASP B 200 -27.28 -16.13 -17.39
N PHE B 201 -27.31 -17.45 -17.45
CA PHE B 201 -27.77 -18.20 -18.65
C PHE B 201 -29.16 -17.74 -19.08
N GLU B 202 -30.08 -17.64 -18.12
CA GLU B 202 -31.44 -17.22 -18.37
C GLU B 202 -31.53 -15.81 -18.96
N THR B 203 -30.80 -14.83 -18.43
CA THR B 203 -30.87 -13.48 -19.00
C THR B 203 -30.35 -13.47 -20.45
N VAL B 204 -29.35 -14.29 -20.73
CA VAL B 204 -28.75 -14.37 -22.07
C VAL B 204 -29.71 -15.13 -23.01
N ALA B 205 -30.32 -16.19 -22.49
CA ALA B 205 -31.31 -16.96 -23.26
C ALA B 205 -32.49 -16.09 -23.69
N ARG B 206 -32.99 -15.31 -22.75
CA ARG B 206 -34.20 -14.51 -22.94
C ARG B 206 -33.98 -13.52 -24.08
N ARG B 207 -32.82 -12.88 -24.10
CA ARG B 207 -32.52 -11.90 -25.14
C ARG B 207 -32.30 -12.56 -26.50
N LEU B 208 -31.52 -13.65 -26.52
CA LEU B 208 -31.21 -14.35 -27.79
C LEU B 208 -32.50 -14.82 -28.42
N GLN B 209 -33.41 -15.32 -27.60
CA GLN B 209 -34.72 -15.77 -28.07
C GLN B 209 -35.48 -14.64 -28.78
N GLU B 210 -35.55 -13.46 -28.17
CA GLU B 210 -36.29 -12.38 -28.82
C GLU B 210 -35.62 -11.91 -30.11
N MET B 211 -34.32 -12.13 -30.26
CA MET B 211 -33.62 -11.73 -31.47
C MET B 211 -33.93 -12.70 -32.61
N ALA B 212 -34.07 -13.97 -32.22
CA ALA B 212 -34.34 -15.06 -33.15
C ALA B 212 -35.74 -14.89 -33.75
N PHE B 213 -36.62 -14.31 -32.95
CA PHE B 213 -37.99 -13.97 -33.32
C PHE B 213 -37.97 -12.88 -34.39
N LEU B 214 -37.02 -11.96 -34.26
CA LEU B 214 -36.97 -10.78 -35.11
C LEU B 214 -36.30 -11.01 -36.47
N ASN B 215 -35.43 -12.00 -36.56
CA ASN B 215 -34.80 -12.36 -37.82
C ASN B 215 -35.15 -13.83 -38.08
N LYS B 216 -36.13 -14.06 -38.97
CA LYS B 216 -36.66 -15.42 -39.18
C LYS B 216 -35.69 -16.40 -39.82
N GLY B 217 -34.79 -15.90 -40.67
CA GLY B 217 -33.75 -16.73 -41.28
C GLY B 217 -32.65 -17.19 -40.34
N LEU B 218 -32.59 -16.55 -39.17
CA LEU B 218 -31.53 -16.75 -38.17
C LEU B 218 -31.81 -17.88 -37.18
N THR B 219 -30.73 -18.58 -36.81
CA THR B 219 -30.66 -19.64 -35.78
C THR B 219 -29.58 -19.23 -34.75
N ILE B 220 -29.97 -19.20 -33.47
CA ILE B 220 -29.05 -18.79 -32.39
C ILE B 220 -28.94 -19.97 -31.41
N ASN B 221 -27.72 -20.36 -31.03
CA ASN B 221 -27.51 -21.50 -30.11
C ASN B 221 -26.62 -21.16 -28.90
N LEU B 222 -27.25 -21.00 -27.73
CA LEU B 222 -26.63 -20.76 -26.41
C LEU B 222 -26.10 -22.05 -25.80
N THR B 223 -24.95 -22.01 -25.14
CA THR B 223 -24.30 -23.23 -24.63
C THR B 223 -23.48 -22.81 -23.43
N ASP B 224 -23.90 -23.26 -22.26
CA ASP B 224 -23.23 -22.95 -21.00
C ASP B 224 -22.31 -24.09 -20.69
N GLU B 225 -21.01 -23.84 -20.73
CA GLU B 225 -20.00 -24.85 -20.38
C GLU B 225 -19.72 -24.93 -18.87
N ARG B 226 -20.61 -24.41 -18.04
CA ARG B 226 -20.38 -24.39 -16.58
C ARG B 226 -21.44 -25.27 -15.87
N VAL B 227 -21.34 -26.60 -16.05
CA VAL B 227 -22.41 -27.53 -15.61
C VAL B 227 -21.90 -28.82 -14.99
N LYS B 259 -20.69 -33.04 -19.71
CA LYS B 259 -22.09 -32.61 -19.87
C LYS B 259 -22.20 -31.08 -20.01
N VAL B 260 -23.14 -30.64 -20.84
CA VAL B 260 -23.31 -29.21 -21.09
C VAL B 260 -24.80 -28.82 -21.15
N LYS B 261 -25.07 -27.54 -20.93
CA LYS B 261 -26.41 -26.98 -20.98
C LYS B 261 -26.57 -26.21 -22.28
N SER B 262 -27.66 -26.47 -23.02
CA SER B 262 -27.84 -25.87 -24.35
C SER B 262 -29.26 -25.49 -24.67
N ARG B 263 -29.41 -24.46 -25.50
CA ARG B 263 -30.69 -23.97 -26.05
C ARG B 263 -30.46 -23.52 -27.47
N THR B 264 -31.45 -23.73 -28.32
CA THR B 264 -31.39 -23.36 -29.72
C THR B 264 -32.68 -22.61 -30.05
N PHE B 265 -32.56 -21.43 -30.68
CA PHE B 265 -33.76 -20.67 -31.08
C PHE B 265 -33.73 -20.46 -32.57
N HIS B 266 -34.81 -20.91 -33.20
CA HIS B 266 -35.00 -20.70 -34.61
C HIS B 266 -36.49 -20.57 -34.79
N TYR B 267 -36.93 -19.44 -35.32
CA TYR B 267 -38.35 -19.23 -35.49
C TYR B 267 -38.64 -18.85 -36.94
N PRO B 268 -39.01 -19.85 -37.81
CA PRO B 268 -39.27 -19.55 -39.24
C PRO B 268 -40.46 -18.63 -39.50
N GLY B 269 -41.44 -18.67 -38.60
CA GLY B 269 -42.62 -17.84 -38.66
C GLY B 269 -42.33 -16.37 -38.36
N GLY B 270 -41.18 -16.11 -37.72
CA GLY B 270 -40.76 -14.78 -37.34
C GLY B 270 -41.62 -14.16 -36.27
N LEU B 271 -42.28 -13.02 -36.59
CA LEU B 271 -43.18 -12.28 -35.68
C LEU B 271 -44.46 -13.05 -35.32
N VAL B 272 -44.87 -13.96 -36.19
CA VAL B 272 -46.03 -14.78 -35.94
C VAL B 272 -45.69 -15.74 -34.83
N ASP B 273 -44.52 -16.37 -34.95
CA ASP B 273 -44.08 -17.34 -33.95
C ASP B 273 -43.99 -16.67 -32.58
N PHE B 274 -43.58 -15.41 -32.60
CA PHE B 274 -43.54 -14.56 -31.40
C PHE B 274 -44.96 -14.39 -30.83
N VAL B 275 -45.90 -13.92 -31.65
CA VAL B 275 -47.31 -13.70 -31.23
C VAL B 275 -47.92 -15.00 -30.68
N LYS B 276 -47.71 -16.11 -31.38
CA LYS B 276 -48.16 -17.43 -30.93
C LYS B 276 -47.65 -17.72 -29.54
N HIS B 277 -46.36 -17.45 -29.36
CA HIS B 277 -45.66 -17.71 -28.11
C HIS B 277 -46.25 -16.90 -26.95
N ILE B 278 -46.54 -15.62 -27.20
CA ILE B 278 -47.22 -14.71 -26.27
C ILE B 278 -48.58 -15.26 -25.85
N ASN B 279 -49.43 -15.54 -26.84
CA ASN B 279 -50.78 -16.00 -26.62
C ASN B 279 -50.92 -17.48 -26.33
N ARG B 280 -49.86 -18.17 -25.86
CA ARG B 280 -50.01 -19.61 -25.55
C ARG B 280 -50.81 -19.87 -24.26
N THR B 281 -50.53 -19.07 -23.22
CA THR B 281 -51.20 -19.14 -21.91
C THR B 281 -52.54 -18.39 -21.89
N LYS B 282 -52.62 -17.29 -22.64
CA LYS B 282 -53.86 -16.51 -22.82
C LYS B 282 -54.70 -17.20 -23.89
N ASN B 283 -56.02 -17.15 -23.79
CA ASN B 283 -56.87 -17.84 -24.78
C ASN B 283 -57.17 -16.93 -25.95
N ALA B 284 -56.66 -17.29 -27.13
CA ALA B 284 -56.81 -16.49 -28.35
C ALA B 284 -58.27 -16.48 -28.79
N ILE B 285 -58.73 -15.28 -29.10
CA ILE B 285 -60.08 -14.95 -29.49
C ILE B 285 -60.43 -15.37 -30.95
N HIS B 286 -59.44 -15.32 -31.84
CA HIS B 286 -59.62 -15.64 -33.28
C HIS B 286 -58.41 -16.36 -33.86
N SER B 287 -58.63 -17.18 -34.87
CA SER B 287 -57.59 -18.04 -35.46
C SER B 287 -56.56 -17.31 -36.35
N SER B 288 -57.02 -16.40 -37.20
CA SER B 288 -56.14 -15.74 -38.18
C SER B 288 -55.21 -14.72 -37.55
N ILE B 289 -53.90 -15.02 -37.54
CA ILE B 289 -52.92 -14.09 -36.93
C ILE B 289 -52.52 -13.02 -37.93
N VAL B 290 -52.76 -11.75 -37.57
CA VAL B 290 -52.45 -10.61 -38.44
C VAL B 290 -50.97 -10.50 -38.71
N ASP B 291 -50.61 -10.29 -39.97
CA ASP B 291 -49.24 -10.12 -40.38
C ASP B 291 -49.07 -9.13 -41.51
N PHE B 292 -47.95 -8.41 -41.53
CA PHE B 292 -47.68 -7.50 -42.65
C PHE B 292 -46.40 -6.69 -42.49
N SER B 293 -46.05 -5.99 -43.57
CA SER B 293 -44.78 -5.29 -43.68
C SER B 293 -44.95 -3.97 -44.44
N GLY B 294 -43.95 -3.09 -44.32
CA GLY B 294 -43.91 -1.82 -45.04
C GLY B 294 -42.48 -1.32 -45.23
N LYS B 295 -42.18 -0.82 -46.43
CA LYS B 295 -40.89 -0.22 -46.73
C LYS B 295 -41.04 1.26 -47.11
N GLY B 296 -40.24 2.11 -46.46
CA GLY B 296 -40.20 3.56 -46.68
C GLY B 296 -38.78 3.96 -47.06
N THR B 297 -38.42 5.21 -46.81
CA THR B 297 -37.12 5.73 -47.28
C THR B 297 -35.98 5.09 -46.50
N GLY B 298 -35.81 5.50 -45.24
CA GLY B 298 -34.82 4.87 -44.36
C GLY B 298 -35.51 3.86 -43.47
N HIS B 299 -36.74 4.21 -43.10
CA HIS B 299 -37.60 3.41 -42.24
C HIS B 299 -38.23 2.22 -42.98
N GLU B 300 -38.45 1.16 -42.21
CA GLU B 300 -39.04 -0.12 -42.62
C GLU B 300 -39.75 -0.70 -41.37
N VAL B 301 -40.92 -1.31 -41.56
CA VAL B 301 -41.72 -1.85 -40.44
C VAL B 301 -42.22 -3.28 -40.75
N GLU B 302 -42.51 -4.03 -39.69
CA GLU B 302 -43.07 -5.39 -39.79
C GLU B 302 -43.93 -5.59 -38.54
N ILE B 303 -45.18 -6.01 -38.73
CA ILE B 303 -46.12 -6.15 -37.62
C ILE B 303 -46.86 -7.49 -37.64
N ALA B 304 -47.18 -7.99 -36.44
CA ALA B 304 -48.03 -9.15 -36.29
C ALA B 304 -48.86 -9.00 -35.03
N MET B 305 -50.12 -9.46 -35.08
CA MET B 305 -51.04 -9.30 -33.94
C MET B 305 -52.16 -10.34 -33.92
N GLN B 306 -52.67 -10.63 -32.72
CA GLN B 306 -53.80 -11.55 -32.48
C GLN B 306 -54.41 -11.24 -31.10
N TRP B 307 -55.73 -11.10 -31.04
CA TRP B 307 -56.43 -10.78 -29.77
C TRP B 307 -56.69 -12.04 -28.92
N ASN B 308 -56.74 -11.84 -27.61
CA ASN B 308 -56.98 -12.90 -26.61
C ASN B 308 -58.05 -12.45 -25.61
N ALA B 309 -58.69 -13.41 -24.94
CA ALA B 309 -59.73 -13.10 -23.95
C ALA B 309 -59.22 -12.17 -22.83
N GLY B 310 -57.96 -11.77 -22.92
CA GLY B 310 -57.33 -10.97 -21.88
C GLY B 310 -57.95 -9.61 -21.65
N TYR B 311 -57.76 -9.10 -20.44
CA TYR B 311 -58.22 -7.76 -20.06
C TYR B 311 -57.17 -6.65 -20.24
N SER B 312 -56.01 -7.01 -20.76
CA SER B 312 -54.94 -6.03 -20.98
C SER B 312 -54.22 -6.27 -22.31
N GLU B 313 -53.43 -5.30 -22.77
CA GLU B 313 -52.67 -5.47 -24.02
C GLU B 313 -51.30 -6.08 -23.74
N SER B 314 -50.71 -6.73 -24.73
CA SER B 314 -49.35 -7.28 -24.65
C SER B 314 -48.65 -6.96 -25.97
N VAL B 315 -48.27 -5.70 -26.09
CA VAL B 315 -47.68 -5.20 -27.32
C VAL B 315 -46.17 -4.97 -27.10
N HIS B 316 -45.34 -5.70 -27.86
CA HIS B 316 -43.88 -5.60 -27.80
C HIS B 316 -43.31 -4.80 -28.98
N THR B 317 -42.55 -3.75 -28.69
CA THR B 317 -42.02 -2.89 -29.75
C THR B 317 -40.51 -2.92 -29.82
N PHE B 318 -39.98 -2.78 -31.03
CA PHE B 318 -38.56 -2.89 -31.30
C PHE B 318 -38.14 -1.90 -32.39
N ALA B 319 -36.92 -1.38 -32.25
CA ALA B 319 -36.26 -0.52 -33.24
C ALA B 319 -34.85 -1.05 -33.41
N ASN B 320 -34.54 -1.51 -34.62
CA ASN B 320 -33.26 -2.18 -34.91
C ASN B 320 -32.90 -3.25 -33.88
N THR B 321 -33.85 -4.14 -33.62
CA THR B 321 -33.69 -5.26 -32.69
C THR B 321 -33.68 -4.80 -31.21
N ILE B 322 -33.59 -3.49 -30.97
CA ILE B 322 -33.57 -2.97 -29.60
C ILE B 322 -34.99 -2.92 -29.04
N ASN B 323 -35.20 -3.47 -27.85
CA ASN B 323 -36.52 -3.46 -27.22
C ASN B 323 -36.83 -2.09 -26.66
N THR B 324 -37.59 -1.32 -27.42
CA THR B 324 -38.00 0.01 -27.05
C THR B 324 -39.10 -0.12 -26.01
N HIS B 325 -38.67 -0.33 -24.77
CA HIS B 325 -39.56 -0.50 -23.62
C HIS B 325 -40.48 0.68 -23.39
N GLU B 326 -39.92 1.90 -23.49
CA GLU B 326 -40.66 3.14 -23.28
C GLU B 326 -41.53 3.52 -24.48
N GLY B 327 -41.63 2.63 -25.46
CA GLY B 327 -42.49 2.86 -26.63
C GLY B 327 -41.87 3.81 -27.63
N GLY B 328 -42.67 4.73 -28.17
CA GLY B 328 -42.16 5.73 -29.11
C GLY B 328 -43.05 5.95 -30.32
N THR B 329 -42.55 6.75 -31.27
CA THR B 329 -43.28 7.15 -32.50
C THR B 329 -43.83 5.98 -33.31
N HIS B 330 -43.05 4.90 -33.43
CA HIS B 330 -43.51 3.69 -34.12
C HIS B 330 -44.75 3.09 -33.43
N GLU B 331 -44.74 3.07 -32.11
CA GLU B 331 -45.89 2.56 -31.36
C GLU B 331 -47.09 3.48 -31.53
N GLU B 332 -46.87 4.80 -31.44
CA GLU B 332 -47.95 5.79 -31.50
C GLU B 332 -48.58 5.82 -32.90
N GLY B 333 -47.76 5.67 -33.94
CA GLY B 333 -48.24 5.59 -35.32
C GLY B 333 -49.17 4.41 -35.51
N PHE B 334 -48.77 3.28 -34.97
CA PHE B 334 -49.56 2.05 -34.99
C PHE B 334 -50.89 2.22 -34.28
N ARG B 335 -50.87 2.83 -33.08
CA ARG B 335 -52.05 3.01 -32.23
C ARG B 335 -53.12 3.82 -32.92
N SER B 336 -52.74 5.01 -33.36
CA SER B 336 -53.61 5.95 -34.06
C SER B 336 -54.20 5.37 -35.34
N ALA B 337 -53.46 4.45 -35.98
CA ALA B 337 -53.92 3.81 -37.20
C ALA B 337 -54.98 2.76 -36.87
N LEU B 338 -54.66 1.90 -35.91
CA LEU B 338 -55.55 0.83 -35.48
C LEU B 338 -56.87 1.38 -34.97
N THR B 339 -56.82 2.42 -34.15
CA THR B 339 -58.04 3.01 -33.58
C THR B 339 -58.94 3.53 -34.68
N SER B 340 -58.37 4.25 -35.63
CA SER B 340 -59.14 4.79 -36.74
C SER B 340 -59.71 3.67 -37.62
N VAL B 341 -58.90 2.65 -37.88
CA VAL B 341 -59.33 1.54 -38.74
C VAL B 341 -60.51 0.78 -38.17
N VAL B 342 -60.47 0.49 -36.87
CA VAL B 342 -61.54 -0.26 -36.22
C VAL B 342 -62.87 0.49 -36.29
N ASN B 343 -62.83 1.78 -36.02
CA ASN B 343 -64.05 2.59 -36.05
C ASN B 343 -64.73 2.60 -37.43
N LYS B 344 -63.94 2.77 -38.50
CA LYS B 344 -64.49 2.78 -39.86
C LYS B 344 -65.14 1.45 -40.20
N TYR B 345 -64.45 0.37 -39.87
CA TYR B 345 -64.98 -0.97 -40.04
C TYR B 345 -66.25 -1.14 -39.20
N ALA B 346 -66.22 -0.62 -37.97
CA ALA B 346 -67.35 -0.75 -37.05
C ALA B 346 -68.60 -0.01 -37.56
N LYS B 347 -68.42 1.25 -37.90
CA LYS B 347 -69.53 2.08 -38.35
C LYS B 347 -70.01 1.66 -39.75
N ASP B 348 -69.08 1.52 -40.70
CA ASP B 348 -69.40 1.17 -42.10
C ASP B 348 -70.13 -0.16 -42.19
N ARG B 349 -69.61 -1.11 -41.57
CA ARG B 349 -70.50 -2.17 -41.59
C ARG B 349 -71.53 -2.25 -40.43
N LYS B 350 -71.95 -1.16 -39.79
CA LYS B 350 -73.11 -1.10 -38.88
C LYS B 350 -73.04 -2.00 -37.65
N LEU B 351 -71.83 -2.39 -37.26
CA LEU B 351 -71.61 -3.15 -36.02
C LEU B 351 -71.75 -2.24 -34.80
N LEU B 352 -71.50 -0.94 -35.01
CA LEU B 352 -71.50 0.08 -33.96
C LEU B 352 -72.41 1.30 -34.29
N LYS B 353 -72.87 1.41 -35.55
CA LYS B 353 -73.84 2.46 -35.97
C LYS B 353 -75.07 2.56 -35.07
N ASP B 356 -73.86 7.79 -31.72
CA ASP B 356 -73.13 6.70 -32.36
C ASP B 356 -71.62 6.76 -32.00
N PRO B 357 -71.30 6.55 -30.70
CA PRO B 357 -69.96 6.83 -30.15
C PRO B 357 -68.84 5.97 -30.70
N ASN B 358 -67.68 6.58 -30.97
CA ASN B 358 -66.48 5.81 -31.36
C ASN B 358 -65.83 5.10 -30.18
N LEU B 359 -65.32 3.90 -30.41
CA LEU B 359 -64.64 3.11 -29.38
C LEU B 359 -63.29 3.70 -29.06
N THR B 360 -62.92 3.66 -27.78
CA THR B 360 -61.60 4.14 -27.31
C THR B 360 -60.53 3.16 -27.75
N GLY B 361 -59.34 3.70 -28.01
CA GLY B 361 -58.18 2.88 -28.35
C GLY B 361 -57.87 1.88 -27.25
N ASP B 362 -57.92 2.35 -26.01
CA ASP B 362 -57.81 1.51 -24.80
C ASP B 362 -58.67 0.24 -24.93
N ASP B 363 -59.93 0.46 -25.27
CA ASP B 363 -60.90 -0.62 -25.44
C ASP B 363 -60.53 -1.54 -26.60
N ILE B 364 -60.09 -0.96 -27.70
CA ILE B 364 -59.70 -1.75 -28.88
C ILE B 364 -58.55 -2.69 -28.55
N ARG B 365 -57.57 -2.18 -27.81
CA ARG B 365 -56.37 -2.94 -27.48
C ARG B 365 -56.54 -3.87 -26.28
N GLU B 366 -57.72 -3.91 -25.67
CA GLU B 366 -57.97 -4.84 -24.56
C GLU B 366 -57.76 -6.29 -25.03
N GLY B 367 -56.80 -6.97 -24.41
CA GLY B 367 -56.46 -8.33 -24.79
C GLY B 367 -55.78 -8.46 -26.15
N LEU B 368 -55.12 -7.40 -26.62
CA LEU B 368 -54.39 -7.48 -27.87
C LEU B 368 -52.96 -7.92 -27.61
N ALA B 369 -52.51 -8.94 -28.32
CA ALA B 369 -51.10 -9.34 -28.32
C ALA B 369 -50.51 -8.90 -29.66
N ALA B 370 -49.46 -8.09 -29.65
CA ALA B 370 -48.88 -7.57 -30.89
C ALA B 370 -47.35 -7.38 -30.81
N VAL B 371 -46.70 -7.30 -31.98
CA VAL B 371 -45.28 -7.01 -32.08
C VAL B 371 -45.04 -6.01 -33.22
N ILE B 372 -44.31 -4.94 -32.90
CA ILE B 372 -43.93 -3.94 -33.87
C ILE B 372 -42.39 -3.91 -33.97
N SER B 373 -41.86 -4.24 -35.15
CA SER B 373 -40.42 -4.25 -35.42
C SER B 373 -40.06 -3.25 -36.53
N VAL B 374 -39.60 -2.06 -36.14
CA VAL B 374 -39.05 -1.10 -37.12
C VAL B 374 -37.53 -1.25 -37.31
N LYS B 375 -37.10 -0.96 -38.52
CA LYS B 375 -35.70 -0.92 -38.89
C LYS B 375 -35.48 0.50 -39.41
N VAL B 376 -34.79 1.31 -38.62
CA VAL B 376 -34.56 2.72 -38.97
C VAL B 376 -33.11 2.89 -39.38
N SER B 377 -32.91 3.60 -40.50
CA SER B 377 -31.58 3.90 -41.05
C SER B 377 -30.73 4.78 -40.12
N GLU B 378 -31.33 5.86 -39.60
CA GLU B 378 -30.70 6.75 -38.63
C GLU B 378 -31.60 6.98 -37.40
N PRO B 379 -31.57 6.06 -36.41
CA PRO B 379 -32.50 6.17 -35.27
C PRO B 379 -32.18 7.29 -34.30
N GLN B 380 -33.15 7.71 -33.50
CA GLN B 380 -32.94 8.79 -32.54
C GLN B 380 -33.70 8.56 -31.24
N PHE B 381 -33.13 7.74 -30.37
CA PHE B 381 -33.79 7.38 -29.11
C PHE B 381 -33.85 8.55 -28.14
N GLU B 382 -34.91 8.57 -27.34
CA GLU B 382 -35.10 9.59 -26.31
C GLU B 382 -35.08 8.92 -24.94
N THR B 385 -32.28 6.00 -19.69
CA THR B 385 -33.51 5.78 -20.44
C THR B 385 -33.20 5.08 -21.79
N LYS B 386 -33.09 5.88 -22.87
CA LYS B 386 -32.81 5.48 -24.28
C LYS B 386 -33.59 4.28 -24.85
N THR B 387 -34.80 4.07 -24.36
CA THR B 387 -35.68 2.99 -24.83
C THR B 387 -36.98 3.54 -25.44
N LYS B 388 -36.90 4.73 -26.01
CA LYS B 388 -38.04 5.36 -26.67
C LYS B 388 -37.59 5.86 -28.05
N LEU B 389 -38.19 5.32 -29.11
CA LEU B 389 -37.87 5.82 -30.45
C LEU B 389 -38.53 7.19 -30.64
N GLY B 390 -37.73 8.17 -31.06
CA GLY B 390 -38.21 9.54 -31.20
C GLY B 390 -38.43 10.06 -32.62
N ASN B 391 -38.08 9.26 -33.63
CA ASN B 391 -38.18 9.65 -35.05
C ASN B 391 -39.62 9.99 -35.47
N THR B 392 -39.89 11.29 -35.67
CA THR B 392 -41.20 11.79 -36.11
C THR B 392 -41.58 11.18 -37.45
N GLU B 393 -40.58 11.08 -38.33
CA GLU B 393 -40.63 10.43 -39.64
C GLU B 393 -41.30 9.04 -39.63
N VAL B 394 -41.10 8.29 -38.54
CA VAL B 394 -41.58 6.91 -38.39
C VAL B 394 -43.06 6.88 -38.00
N LYS B 395 -43.52 7.82 -37.17
CA LYS B 395 -44.92 7.90 -36.74
C LYS B 395 -45.90 7.92 -37.92
N SER B 396 -45.65 8.81 -38.88
CA SER B 396 -46.47 8.92 -40.10
C SER B 396 -46.33 7.68 -40.99
N PHE B 397 -45.12 7.13 -41.07
CA PHE B 397 -44.82 5.95 -41.87
C PHE B 397 -45.60 4.73 -41.38
N VAL B 398 -45.39 4.35 -40.12
CA VAL B 398 -46.10 3.21 -39.50
C VAL B 398 -47.63 3.40 -39.60
N GLN B 399 -48.08 4.64 -39.38
CA GLN B 399 -49.50 4.98 -39.45
C GLN B 399 -50.08 4.63 -40.82
N LYS B 400 -49.39 5.04 -41.88
CA LYS B 400 -49.83 4.76 -43.27
C LYS B 400 -49.78 3.27 -43.61
N VAL B 401 -48.73 2.56 -43.17
CA VAL B 401 -48.60 1.12 -43.44
C VAL B 401 -49.73 0.36 -42.76
N CYS B 402 -49.97 0.67 -41.48
CA CYS B 402 -51.06 0.06 -40.70
C CYS B 402 -52.43 0.38 -41.27
N ASN B 403 -52.67 1.65 -41.58
CA ASN B 403 -53.93 2.05 -42.19
C ASN B 403 -54.28 1.20 -43.41
N GLU B 404 -53.32 1.04 -44.33
CA GLU B 404 -53.52 0.25 -45.56
C GLU B 404 -53.68 -1.26 -45.32
N GLN B 405 -52.70 -1.87 -44.67
CA GLN B 405 -52.66 -3.32 -44.45
C GLN B 405 -53.64 -3.87 -43.42
N LEU B 406 -53.94 -3.10 -42.35
CA LEU B 406 -54.94 -3.52 -41.35
C LEU B 406 -56.32 -3.51 -41.93
N THR B 407 -56.58 -2.55 -42.82
CA THR B 407 -57.85 -2.49 -43.53
C THR B 407 -58.01 -3.73 -44.42
N HIS B 408 -56.96 -4.09 -45.16
CA HIS B 408 -56.97 -5.28 -46.01
C HIS B 408 -57.22 -6.57 -45.24
N TRP B 409 -56.73 -6.65 -43.99
CA TRP B 409 -56.96 -7.80 -43.13
C TRP B 409 -58.40 -7.83 -42.62
N PHE B 410 -58.88 -6.71 -42.11
CA PHE B 410 -60.23 -6.58 -41.59
C PHE B 410 -61.27 -6.86 -42.68
N GLU B 411 -60.97 -6.41 -43.89
CA GLU B 411 -61.87 -6.65 -45.02
C GLU B 411 -61.87 -8.13 -45.39
N ALA B 412 -60.69 -8.75 -45.36
CA ALA B 412 -60.52 -10.16 -45.76
C ALA B 412 -60.89 -11.19 -44.70
N ASN B 413 -60.84 -10.82 -43.41
CA ASN B 413 -61.20 -11.74 -42.33
C ASN B 413 -62.37 -11.19 -41.51
N PRO B 414 -63.61 -11.30 -42.05
CA PRO B 414 -64.74 -10.68 -41.37
C PRO B 414 -65.18 -11.42 -40.11
N THR B 415 -64.91 -12.72 -40.03
CA THR B 415 -65.21 -13.52 -38.84
C THR B 415 -64.44 -12.96 -37.64
N ASP B 416 -63.11 -12.97 -37.77
CA ASP B 416 -62.17 -12.46 -36.76
C ASP B 416 -62.43 -10.97 -36.47
N ALA B 417 -62.59 -10.19 -37.54
CA ALA B 417 -62.84 -8.75 -37.46
C ALA B 417 -64.04 -8.42 -36.57
N LYS B 418 -65.11 -9.20 -36.69
CA LYS B 418 -66.29 -9.04 -35.85
C LYS B 418 -65.98 -9.30 -34.38
N VAL B 419 -65.12 -10.28 -34.11
CA VAL B 419 -64.83 -10.68 -32.72
C VAL B 419 -64.07 -9.57 -31.98
N VAL B 420 -63.04 -9.02 -32.64
CA VAL B 420 -62.22 -7.95 -32.06
C VAL B 420 -63.08 -6.70 -31.78
N VAL B 421 -63.96 -6.34 -32.72
CA VAL B 421 -64.90 -5.24 -32.53
C VAL B 421 -65.74 -5.46 -31.28
N ASN B 422 -66.33 -6.66 -31.18
CA ASN B 422 -67.16 -7.01 -30.04
C ASN B 422 -66.36 -7.00 -28.74
N LYS B 423 -65.09 -7.39 -28.83
CA LYS B 423 -64.20 -7.37 -27.67
C LYS B 423 -63.98 -5.94 -27.22
N ALA B 424 -63.82 -5.02 -28.18
CA ALA B 424 -63.65 -3.61 -27.87
C ALA B 424 -64.90 -3.03 -27.18
N VAL B 425 -66.07 -3.39 -27.70
CA VAL B 425 -67.36 -2.99 -27.16
C VAL B 425 -67.48 -3.48 -25.71
N SER B 426 -67.18 -4.76 -25.50
CA SER B 426 -67.23 -5.38 -24.17
C SER B 426 -66.35 -4.62 -23.18
N SER B 427 -65.11 -4.34 -23.58
CA SER B 427 -64.15 -3.58 -22.79
C SER B 427 -64.72 -2.24 -22.32
N ALA B 428 -65.36 -1.50 -23.26
CA ALA B 428 -65.98 -0.19 -23.02
C ALA B 428 -67.16 -0.30 -22.07
N GLN B 429 -67.98 -1.37 -22.21
CA GLN B 429 -69.15 -1.62 -21.36
C GLN B 429 -68.73 -2.02 -19.94
N ALA B 430 -67.58 -2.72 -19.82
CA ALA B 430 -67.00 -3.16 -18.54
C ALA B 430 -66.53 -1.98 -17.69
N ARG B 431 -66.02 -0.91 -18.34
CA ARG B 431 -65.54 0.30 -17.68
C ARG B 431 -66.74 1.10 -17.14
N ILE B 432 -67.85 1.18 -17.92
CA ILE B 432 -69.10 1.88 -17.55
C ILE B 432 -69.79 1.13 -16.40
N ALA B 433 -69.77 -0.22 -16.42
CA ALA B 433 -70.35 -1.09 -15.40
C ALA B 433 -69.69 -0.87 -14.02
N ALA B 434 -68.37 -0.59 -14.01
CA ALA B 434 -67.59 -0.32 -12.80
C ALA B 434 -67.91 1.08 -12.25
N ARG B 435 -68.14 2.05 -13.17
CA ARG B 435 -68.51 3.44 -12.90
C ARG B 435 -69.93 3.44 -12.27
N LYS B 436 -70.82 2.59 -12.82
CA LYS B 436 -72.19 2.41 -12.35
C LYS B 436 -72.21 1.35 -11.22
N ALA B 437 -71.45 1.61 -10.14
CA ALA B 437 -71.33 0.74 -8.96
C ALA B 437 -70.97 1.55 -7.72
N GLY C 36 -8.85 -3.77 17.23
CA GLY C 36 -10.02 -2.92 17.07
C GLY C 36 -10.70 -3.10 15.73
N LEU C 37 -11.96 -3.58 15.75
CA LEU C 37 -12.75 -3.85 14.53
C LEU C 37 -13.75 -2.75 14.16
N GLU C 38 -13.62 -1.58 14.77
CA GLU C 38 -14.63 -0.55 14.62
C GLU C 38 -14.53 0.18 13.28
N ALA C 39 -13.32 0.36 12.77
CA ALA C 39 -13.14 1.04 11.48
C ALA C 39 -13.61 0.14 10.34
N VAL C 40 -13.48 -1.17 10.52
CA VAL C 40 -13.92 -2.13 9.52
C VAL C 40 -15.40 -1.99 9.24
N ARG C 41 -16.18 -1.90 10.32
CA ARG C 41 -17.62 -1.81 10.21
C ARG C 41 -18.02 -0.45 9.64
N LYS C 42 -17.29 0.59 10.05
CA LYS C 42 -17.51 1.95 9.57
C LYS C 42 -17.22 2.09 8.06
N ARG C 43 -16.09 1.56 7.58
CA ARG C 43 -15.71 1.58 6.14
C ARG C 43 -15.47 0.16 5.59
N PRO C 44 -16.55 -0.59 5.25
CA PRO C 44 -16.44 -2.00 4.82
C PRO C 44 -15.58 -2.22 3.58
N GLY C 45 -15.87 -1.49 2.50
CA GLY C 45 -15.17 -1.63 1.21
C GLY C 45 -13.69 -1.31 1.26
N MET C 46 -13.27 -0.49 2.23
CA MET C 46 -11.89 -0.12 2.44
C MET C 46 -11.02 -1.29 2.94
N TYR C 47 -11.66 -2.28 3.55
CA TYR C 47 -10.98 -3.51 3.97
C TYR C 47 -11.31 -4.65 3.01
N ILE C 48 -12.49 -5.21 3.13
CA ILE C 48 -12.97 -6.16 2.13
C ILE C 48 -13.23 -5.40 0.85
N GLY C 49 -13.04 -6.05 -0.28
CA GLY C 49 -13.18 -5.42 -1.60
C GLY C 49 -14.28 -4.37 -1.74
N SER C 50 -15.52 -4.82 -1.65
CA SER C 50 -16.68 -3.94 -1.82
C SER C 50 -17.80 -4.46 -0.92
N THR C 51 -19.03 -3.97 -1.16
CA THR C 51 -20.19 -4.43 -0.39
C THR C 51 -21.20 -5.24 -1.23
N GLY C 52 -20.84 -5.51 -2.48
CA GLY C 52 -21.65 -6.32 -3.38
C GLY C 52 -21.18 -7.76 -3.35
N GLU C 53 -21.43 -8.52 -4.43
CA GLU C 53 -21.07 -9.94 -4.52
C GLU C 53 -19.59 -10.24 -4.27
N ARG C 54 -18.71 -9.42 -4.87
CA ARG C 54 -17.25 -9.58 -4.75
C ARG C 54 -16.76 -9.54 -3.29
N GLY C 55 -17.12 -8.47 -2.57
CA GLY C 55 -16.79 -8.36 -1.16
C GLY C 55 -17.43 -9.45 -0.29
N LEU C 56 -18.60 -9.92 -0.69
CA LEU C 56 -19.30 -10.97 0.05
C LEU C 56 -18.56 -12.30 -0.03
N HIS C 57 -18.18 -12.69 -1.25
CA HIS C 57 -17.42 -13.92 -1.44
C HIS C 57 -16.05 -13.90 -0.82
N HIS C 58 -15.47 -12.69 -0.73
CA HIS C 58 -14.20 -12.53 -0.08
C HIS C 58 -14.25 -13.13 1.32
N LEU C 59 -15.39 -13.02 1.99
CA LEU C 59 -15.53 -13.60 3.32
C LEU C 59 -15.18 -15.09 3.32
N ILE C 60 -15.78 -15.86 2.41
CA ILE C 60 -15.47 -17.30 2.26
C ILE C 60 -13.96 -17.50 2.05
N TRP C 61 -13.41 -16.80 1.07
CA TRP C 61 -12.00 -16.96 0.73
C TRP C 61 -11.13 -16.80 1.93
N GLU C 62 -11.40 -15.77 2.73
CA GLU C 62 -10.54 -15.37 3.84
C GLU C 62 -10.50 -16.44 4.90
N VAL C 63 -11.41 -17.41 4.81
CA VAL C 63 -11.50 -18.50 5.75
C VAL C 63 -10.97 -19.77 5.13
N VAL C 64 -11.34 -19.99 3.88
CA VAL C 64 -10.87 -21.17 3.14
C VAL C 64 -9.36 -21.09 2.96
N ASP C 65 -8.84 -19.88 2.77
CA ASP C 65 -7.40 -19.65 2.69
C ASP C 65 -6.68 -20.17 3.92
N ASN C 66 -7.23 -19.84 5.08
CA ASN C 66 -6.70 -20.31 6.35
C ASN C 66 -6.79 -21.82 6.47
N ALA C 67 -7.91 -22.41 6.04
CA ALA C 67 -8.07 -23.86 6.05
C ALA C 67 -7.11 -24.55 5.08
N VAL C 68 -6.95 -23.95 3.91
CA VAL C 68 -6.06 -24.48 2.87
C VAL C 68 -4.61 -24.29 3.27
N ASP C 69 -4.29 -23.20 3.98
CA ASP C 69 -2.93 -22.94 4.49
C ASP C 69 -2.35 -24.13 5.23
N GLU C 70 -3.20 -24.87 5.93
CA GLU C 70 -2.76 -25.93 6.81
C GLU C 70 -2.60 -27.27 6.09
N ALA C 71 -3.22 -27.36 4.91
CA ALA C 71 -2.94 -28.43 3.97
C ALA C 71 -1.63 -28.12 3.28
N MET C 72 -1.43 -26.84 2.97
CA MET C 72 -0.24 -26.35 2.35
C MET C 72 0.96 -26.55 3.26
N ALA C 73 0.76 -26.35 4.56
CA ALA C 73 1.78 -26.59 5.61
C ALA C 73 2.03 -28.07 5.87
N GLY C 74 1.10 -28.91 5.38
CA GLY C 74 1.21 -30.37 5.45
C GLY C 74 0.47 -31.05 6.59
N TYR C 75 -0.53 -30.42 7.18
CA TYR C 75 -1.24 -30.96 8.34
C TYR C 75 -2.69 -31.34 8.05
N ALA C 76 -3.31 -30.61 7.13
CA ALA C 76 -4.66 -30.95 6.71
C ALA C 76 -4.61 -31.86 5.49
N THR C 77 -5.73 -32.50 5.20
CA THR C 77 -5.85 -33.38 4.07
C THR C 77 -7.22 -33.21 3.37
N THR C 78 -8.16 -32.61 4.10
CA THR C 78 -9.55 -32.48 3.70
C THR C 78 -10.13 -31.15 4.21
N VAL C 79 -10.67 -30.36 3.28
CA VAL C 79 -11.38 -29.11 3.61
C VAL C 79 -12.81 -29.24 3.07
N ASN C 80 -13.78 -29.02 3.95
CA ASN C 80 -15.19 -29.12 3.59
C ASN C 80 -15.88 -27.79 3.77
N VAL C 81 -16.45 -27.30 2.67
CA VAL C 81 -17.16 -26.02 2.66
C VAL C 81 -18.64 -26.34 2.52
N VAL C 82 -19.47 -25.72 3.36
CA VAL C 82 -20.92 -25.88 3.23
C VAL C 82 -21.59 -24.52 3.15
N LEU C 83 -22.39 -24.34 2.10
CA LEU C 83 -23.23 -23.16 2.00
C LEU C 83 -24.55 -23.56 2.64
N LEU C 84 -24.76 -23.10 3.87
CA LEU C 84 -25.88 -23.53 4.68
C LEU C 84 -27.18 -22.91 4.21
N GLU C 85 -28.31 -23.45 4.67
CA GLU C 85 -29.62 -22.96 4.20
C GLU C 85 -29.92 -21.54 4.71
N ASP C 86 -29.52 -21.25 5.95
CA ASP C 86 -29.74 -19.95 6.61
C ASP C 86 -28.85 -18.81 6.08
N GLY C 87 -27.99 -19.12 5.13
CA GLY C 87 -27.13 -18.07 4.56
C GLY C 87 -25.72 -18.12 5.08
N GLY C 88 -25.50 -18.99 6.07
CA GLY C 88 -24.22 -19.14 6.70
C GLY C 88 -23.31 -19.99 5.84
N VAL C 89 -22.06 -20.04 6.27
CA VAL C 89 -21.03 -20.85 5.62
C VAL C 89 -20.28 -21.62 6.68
N GLU C 90 -20.06 -22.91 6.41
CA GLU C 90 -19.28 -23.73 7.29
C GLU C 90 -18.01 -24.19 6.57
N VAL C 91 -16.85 -23.97 7.19
CA VAL C 91 -15.59 -24.45 6.64
C VAL C 91 -14.86 -25.32 7.68
N ALA C 92 -14.81 -26.62 7.40
CA ALA C 92 -14.18 -27.58 8.29
C ALA C 92 -12.93 -28.21 7.68
N ASP C 93 -11.84 -28.23 8.45
CA ASP C 93 -10.60 -28.83 8.03
C ASP C 93 -10.11 -29.80 9.10
N ASP C 94 -9.05 -30.54 8.78
CA ASP C 94 -8.48 -31.53 9.70
C ASP C 94 -7.03 -31.18 10.02
N GLY C 95 -6.79 -29.87 10.09
CA GLY C 95 -5.48 -29.33 10.37
C GLY C 95 -4.98 -29.52 11.78
N ARG C 96 -4.26 -28.54 12.28
CA ARG C 96 -3.70 -28.58 13.61
C ARG C 96 -4.70 -27.96 14.57
N GLY C 97 -5.84 -27.55 14.02
CA GLY C 97 -6.74 -26.66 14.73
C GLY C 97 -6.12 -25.30 15.01
N ILE C 98 -6.86 -24.47 15.74
CA ILE C 98 -6.51 -23.08 15.94
C ILE C 98 -6.15 -22.89 17.38
N PRO C 99 -4.98 -22.28 17.65
CA PRO C 99 -4.44 -22.08 18.99
C PRO C 99 -5.47 -21.51 19.94
N VAL C 100 -5.88 -22.33 20.90
CA VAL C 100 -6.87 -21.94 21.92
C VAL C 100 -6.15 -21.48 23.18
N ALA C 101 -4.89 -21.92 23.31
CA ALA C 101 -3.99 -21.56 24.41
C ALA C 101 -3.95 -20.06 24.63
N THR C 102 -3.78 -19.66 25.89
CA THR C 102 -3.76 -18.25 26.26
C THR C 102 -2.57 -17.56 25.60
N HIS C 103 -2.86 -16.44 24.94
CA HIS C 103 -1.90 -15.65 24.18
C HIS C 103 -1.19 -14.67 25.12
N ALA C 104 -0.06 -14.11 24.68
CA ALA C 104 0.72 -13.12 25.43
C ALA C 104 -0.15 -12.00 26.00
N SER C 105 -1.19 -11.63 25.25
CA SER C 105 -2.22 -10.63 25.62
C SER C 105 -2.94 -10.95 26.93
N GLY C 106 -3.13 -12.23 27.20
CA GLY C 106 -3.88 -12.68 28.36
C GLY C 106 -5.25 -13.24 28.00
N ILE C 107 -5.68 -12.99 26.75
CA ILE C 107 -6.96 -13.46 26.20
C ILE C 107 -6.61 -14.71 25.34
N PRO C 108 -7.54 -15.69 25.17
CA PRO C 108 -7.16 -16.86 24.36
C PRO C 108 -6.79 -16.50 22.92
N THR C 109 -5.83 -17.21 22.35
CA THR C 109 -5.30 -16.93 21.01
C THR C 109 -6.39 -16.83 19.94
N VAL C 110 -7.45 -17.65 20.04
CA VAL C 110 -8.57 -17.61 19.10
C VAL C 110 -9.15 -16.21 19.06
N ASP C 111 -9.44 -15.67 20.25
CA ASP C 111 -10.01 -14.34 20.41
C ASP C 111 -9.17 -13.26 19.71
N VAL C 112 -7.85 -13.36 19.84
CA VAL C 112 -6.93 -12.44 19.18
C VAL C 112 -7.14 -12.51 17.66
N VAL C 113 -7.01 -13.73 17.11
CA VAL C 113 -7.21 -13.97 15.69
C VAL C 113 -8.53 -13.38 15.23
N MET C 114 -9.57 -13.72 15.95
CA MET C 114 -10.93 -13.41 15.56
C MET C 114 -11.42 -11.99 15.88
N THR C 115 -10.77 -11.28 16.82
CA THR C 115 -11.23 -9.92 17.16
C THR C 115 -10.22 -8.77 16.99
N GLN C 116 -9.05 -9.05 16.39
CA GLN C 116 -8.03 -8.00 16.22
C GLN C 116 -7.39 -8.00 14.84
N LEU C 117 -7.00 -6.80 14.39
CA LEU C 117 -6.32 -6.63 13.12
C LEU C 117 -4.81 -6.61 13.28
N VAL C 137 -7.93 -8.15 4.31
CA VAL C 137 -7.49 -9.42 4.88
C VAL C 137 -7.05 -9.27 6.35
N GLY C 138 -6.83 -10.43 6.95
CA GLY C 138 -7.27 -10.74 8.31
C GLY C 138 -8.52 -11.58 8.15
N VAL C 139 -8.80 -12.45 9.11
CA VAL C 139 -10.06 -13.17 9.16
C VAL C 139 -10.96 -12.55 10.21
N SER C 140 -10.36 -11.71 11.04
CA SER C 140 -11.08 -10.89 11.98
C SER C 140 -12.13 -10.12 11.21
N VAL C 141 -11.79 -9.65 10.02
CA VAL C 141 -12.71 -8.88 9.19
C VAL C 141 -13.98 -9.67 8.91
N VAL C 142 -13.84 -10.97 8.67
CA VAL C 142 -14.99 -11.83 8.45
C VAL C 142 -15.89 -11.80 9.69
N ASN C 143 -15.29 -11.86 10.86
CA ASN C 143 -16.05 -11.81 12.09
C ASN C 143 -16.75 -10.46 12.25
N ALA C 144 -16.06 -9.39 11.89
CA ALA C 144 -16.59 -8.02 12.02
C ALA C 144 -17.81 -7.80 11.14
N LEU C 145 -17.79 -8.38 9.95
CA LEU C 145 -18.88 -8.20 9.00
C LEU C 145 -19.91 -9.32 9.06
N SER C 146 -19.85 -10.12 10.12
CA SER C 146 -20.84 -11.17 10.34
C SER C 146 -21.71 -10.92 11.58
N THR C 147 -23.01 -11.10 11.45
CA THR C 147 -23.94 -11.02 12.57
C THR C 147 -23.48 -11.96 13.69
N ARG C 148 -22.85 -13.09 13.32
CA ARG C 148 -22.44 -14.11 14.27
C ARG C 148 -21.49 -15.16 13.68
N LEU C 149 -20.37 -15.41 14.38
CA LEU C 149 -19.41 -16.43 13.98
C LEU C 149 -19.17 -17.48 15.07
N GLU C 150 -19.17 -18.76 14.67
CA GLU C 150 -18.93 -19.87 15.59
C GLU C 150 -17.69 -20.64 15.22
N VAL C 151 -16.93 -21.07 16.23
CA VAL C 151 -15.68 -21.81 16.02
C VAL C 151 -15.70 -23.09 16.81
N GLU C 152 -15.35 -24.17 16.14
CA GLU C 152 -15.24 -25.45 16.77
C GLU C 152 -13.82 -25.98 16.54
N ILE C 153 -13.00 -25.93 17.58
CA ILE C 153 -11.61 -26.36 17.47
C ILE C 153 -11.43 -27.69 18.23
N LYS C 154 -10.78 -28.64 17.56
CA LYS C 154 -10.36 -29.88 18.21
C LYS C 154 -8.83 -29.82 18.28
N ARG C 155 -8.34 -29.44 19.46
CA ARG C 155 -6.92 -29.17 19.70
C ARG C 155 -6.63 -29.39 21.15
N ASP C 156 -5.34 -29.63 21.46
CA ASP C 156 -4.82 -29.82 22.83
C ASP C 156 -5.64 -30.85 23.62
N GLY C 157 -6.12 -31.87 22.90
CA GLY C 157 -6.86 -33.00 23.46
C GLY C 157 -8.31 -32.78 23.88
N TYR C 158 -8.92 -31.71 23.40
CA TYR C 158 -10.32 -31.41 23.71
C TYR C 158 -11.05 -30.71 22.56
N GLU C 159 -12.38 -30.80 22.61
CA GLU C 159 -13.25 -30.04 21.72
C GLU C 159 -13.51 -28.68 22.35
N TRP C 160 -13.31 -27.62 21.56
CA TRP C 160 -13.48 -26.26 22.03
C TRP C 160 -14.48 -25.54 21.15
N SER C 161 -15.31 -24.71 21.75
CA SER C 161 -16.38 -24.05 21.04
C SER C 161 -16.48 -22.62 21.51
N GLN C 162 -16.30 -21.69 20.58
CA GLN C 162 -16.41 -20.27 20.89
C GLN C 162 -17.44 -19.60 19.97
N VAL C 163 -18.29 -18.73 20.55
CA VAL C 163 -19.29 -18.01 19.76
C VAL C 163 -19.07 -16.50 19.83
N TYR C 164 -19.06 -15.85 18.67
CA TYR C 164 -18.92 -14.40 18.63
C TYR C 164 -20.25 -13.85 18.14
N GLU C 165 -20.95 -13.11 18.98
CA GLU C 165 -22.21 -12.56 18.60
C GLU C 165 -21.94 -11.11 18.30
N LYS C 166 -22.12 -10.73 17.04
CA LYS C 166 -21.79 -9.36 16.58
C LYS C 166 -20.36 -9.01 16.97
N SER C 167 -19.44 -9.87 16.54
CA SER C 167 -18.00 -9.69 16.79
C SER C 167 -17.57 -9.75 18.27
N GLU C 168 -18.49 -10.02 19.18
CA GLU C 168 -18.19 -10.02 20.62
C GLU C 168 -18.14 -11.44 21.15
N PRO C 169 -16.99 -11.85 21.74
CA PRO C 169 -16.86 -13.23 22.24
C PRO C 169 -17.84 -13.51 23.39
N LEU C 170 -18.47 -14.68 23.38
CA LEU C 170 -19.42 -15.05 24.43
C LEU C 170 -18.80 -15.98 25.47
N GLY C 171 -17.57 -16.41 25.22
CA GLY C 171 -16.81 -17.20 26.18
C GLY C 171 -16.44 -18.57 25.66
N LEU C 172 -15.13 -18.86 25.69
CA LEU C 172 -14.58 -20.13 25.24
C LEU C 172 -15.06 -21.28 26.12
N LYS C 173 -15.54 -22.35 25.49
CA LYS C 173 -15.99 -23.52 26.21
C LYS C 173 -15.15 -24.75 25.87
N GLN C 174 -14.72 -25.43 26.92
CA GLN C 174 -13.98 -26.67 26.77
C GLN C 174 -14.94 -27.84 26.99
N GLY C 175 -14.94 -28.77 26.02
CA GLY C 175 -15.88 -29.88 26.02
C GLY C 175 -15.20 -31.22 26.11
N ALA C 176 -15.73 -32.20 25.37
CA ALA C 176 -15.26 -33.59 25.36
C ALA C 176 -13.81 -33.76 24.96
N PRO C 177 -13.10 -34.73 25.56
CA PRO C 177 -11.72 -34.96 25.17
C PRO C 177 -11.65 -35.71 23.84
N THR C 178 -10.59 -35.48 23.07
CA THR C 178 -10.45 -36.06 21.71
C THR C 178 -9.00 -36.03 21.24
N LYS C 179 -8.53 -37.12 20.64
CA LYS C 179 -7.20 -37.15 20.03
C LYS C 179 -7.15 -36.51 18.65
N LYS C 180 -8.33 -36.15 18.13
CA LYS C 180 -8.43 -35.52 16.81
C LYS C 180 -7.96 -34.07 16.83
N THR C 181 -7.57 -33.57 15.64
CA THR C 181 -7.22 -32.16 15.40
C THR C 181 -7.97 -31.60 14.21
N GLY C 182 -8.23 -30.30 14.26
CA GLY C 182 -8.93 -29.62 13.19
C GLY C 182 -9.76 -28.45 13.68
N SER C 183 -10.30 -27.72 12.73
CA SER C 183 -11.10 -26.55 13.02
C SER C 183 -12.40 -26.56 12.24
N THR C 184 -13.34 -25.72 12.63
CA THR C 184 -14.61 -25.58 11.93
C THR C 184 -15.10 -24.20 12.23
N VAL C 185 -15.22 -23.40 11.16
CA VAL C 185 -15.66 -22.02 11.29
C VAL C 185 -17.02 -21.84 10.64
N ARG C 186 -17.92 -21.20 11.37
CA ARG C 186 -19.23 -20.85 10.86
C ARG C 186 -19.44 -19.34 10.99
N PHE C 187 -19.90 -18.70 9.90
CA PHE C 187 -20.17 -17.25 9.93
C PHE C 187 -21.40 -16.92 9.17
N TRP C 188 -22.05 -15.82 9.58
CA TRP C 188 -23.30 -15.36 8.96
C TRP C 188 -23.17 -13.91 8.55
N ALA C 189 -22.89 -13.70 7.27
CA ALA C 189 -22.62 -12.36 6.78
C ALA C 189 -23.79 -11.43 7.06
N ASP C 190 -23.46 -10.20 7.47
CA ASP C 190 -24.42 -9.19 7.90
C ASP C 190 -25.12 -8.56 6.69
N PRO C 191 -26.46 -8.65 6.61
CA PRO C 191 -27.18 -8.05 5.51
C PRO C 191 -27.15 -6.53 5.57
N ALA C 192 -26.81 -5.96 6.73
CA ALA C 192 -26.67 -4.50 6.88
C ALA C 192 -25.36 -3.98 6.26
N VAL C 193 -24.39 -4.88 6.10
CA VAL C 193 -23.11 -4.55 5.49
C VAL C 193 -23.13 -4.81 3.99
N PHE C 194 -23.65 -5.97 3.59
CA PHE C 194 -23.66 -6.39 2.19
C PHE C 194 -25.00 -6.26 1.49
N GLU C 195 -24.99 -5.70 0.28
CA GLU C 195 -26.21 -5.46 -0.47
C GLU C 195 -26.90 -6.76 -0.89
N THR C 196 -26.19 -7.91 -0.90
CA THR C 196 -26.80 -9.27 -0.90
C THR C 196 -26.01 -10.24 -0.04
N THR C 197 -26.67 -11.29 0.46
CA THR C 197 -26.03 -12.28 1.33
C THR C 197 -26.06 -13.69 0.69
N GLU C 198 -26.45 -13.73 -0.58
CA GLU C 198 -26.60 -14.95 -1.32
C GLU C 198 -25.30 -15.31 -2.04
N TYR C 199 -24.63 -16.39 -1.61
CA TYR C 199 -23.42 -16.84 -2.29
C TYR C 199 -23.76 -17.47 -3.64
N ASP C 200 -22.87 -17.31 -4.62
CA ASP C 200 -22.96 -17.94 -5.94
C ASP C 200 -22.18 -19.27 -5.92
N PHE C 201 -22.88 -20.38 -6.10
CA PHE C 201 -22.25 -21.70 -6.03
C PHE C 201 -21.10 -21.82 -7.01
N GLU C 202 -21.33 -21.35 -8.23
CA GLU C 202 -20.37 -21.48 -9.31
C GLU C 202 -19.09 -20.73 -9.02
N THR C 203 -19.18 -19.49 -8.53
CA THR C 203 -17.95 -18.74 -8.20
C THR C 203 -17.15 -19.43 -7.09
N VAL C 204 -17.84 -20.05 -6.14
CA VAL C 204 -17.23 -20.76 -5.02
C VAL C 204 -16.58 -22.07 -5.50
N ALA C 205 -17.30 -22.79 -6.35
CA ALA C 205 -16.83 -24.03 -6.96
C ALA C 205 -15.55 -23.82 -7.76
N ARG C 206 -15.56 -22.81 -8.64
CA ARG C 206 -14.44 -22.48 -9.48
C ARG C 206 -13.15 -22.41 -8.66
N ARG C 207 -13.10 -21.48 -7.70
CA ARG C 207 -11.94 -21.22 -6.84
C ARG C 207 -11.49 -22.46 -6.12
N LEU C 208 -12.44 -23.21 -5.54
CA LEU C 208 -12.07 -24.41 -4.77
C LEU C 208 -11.41 -25.42 -5.68
N GLN C 209 -11.88 -25.52 -6.91
CA GLN C 209 -11.26 -26.41 -7.89
C GLN C 209 -9.79 -26.05 -8.18
N GLU C 210 -9.52 -24.77 -8.42
CA GLU C 210 -8.15 -24.39 -8.71
C GLU C 210 -7.22 -24.54 -7.51
N MET C 211 -7.76 -24.54 -6.28
CA MET C 211 -6.96 -24.75 -5.08
C MET C 211 -6.57 -26.20 -4.93
N ALA C 212 -7.49 -27.08 -5.32
CA ALA C 212 -7.29 -28.52 -5.34
C ALA C 212 -6.20 -28.94 -6.31
N PHE C 213 -6.09 -28.20 -7.41
CA PHE C 213 -5.08 -28.40 -8.44
C PHE C 213 -3.72 -28.07 -7.88
N LEU C 214 -3.69 -27.06 -7.01
CA LEU C 214 -2.43 -26.53 -6.51
C LEU C 214 -1.86 -27.25 -5.30
N ASN C 215 -2.71 -27.91 -4.53
CA ASN C 215 -2.23 -28.77 -3.46
C ASN C 215 -2.72 -30.17 -3.78
N LYS C 216 -1.84 -31.02 -4.32
CA LYS C 216 -2.27 -32.31 -4.83
C LYS C 216 -2.76 -33.29 -3.77
N GLY C 217 -2.23 -33.17 -2.54
CA GLY C 217 -2.63 -34.03 -1.43
C GLY C 217 -3.97 -33.68 -0.82
N LEU C 218 -4.46 -32.49 -1.16
CA LEU C 218 -5.70 -31.94 -0.63
C LEU C 218 -6.94 -32.40 -1.40
N THR C 219 -8.02 -32.59 -0.63
CA THR C 219 -9.39 -32.88 -1.09
C THR C 219 -10.32 -31.78 -0.53
N ILE C 220 -11.03 -31.12 -1.45
CA ILE C 220 -11.98 -30.08 -1.08
C ILE C 220 -13.38 -30.57 -1.43
N ASN C 221 -14.33 -30.34 -0.52
CA ASN C 221 -15.72 -30.78 -0.74
C ASN C 221 -16.65 -29.63 -0.53
N LEU C 222 -17.33 -29.23 -1.60
CA LEU C 222 -18.30 -28.13 -1.59
C LEU C 222 -19.67 -28.74 -1.63
N THR C 223 -20.55 -28.23 -0.77
CA THR C 223 -21.92 -28.70 -0.70
C THR C 223 -22.84 -27.53 -0.38
N ASP C 224 -23.90 -27.39 -1.17
CA ASP C 224 -24.90 -26.34 -1.01
C ASP C 224 -26.16 -26.95 -0.39
N GLU C 225 -26.60 -26.36 0.73
CA GLU C 225 -27.79 -26.81 1.45
C GLU C 225 -29.04 -26.01 1.13
N ARG C 226 -29.03 -25.32 -0.02
CA ARG C 226 -30.16 -24.48 -0.45
C ARG C 226 -30.88 -25.06 -1.67
N LYS C 259 -26.78 -36.40 -1.36
CA LYS C 259 -27.27 -36.66 -2.72
C LYS C 259 -27.13 -35.41 -3.64
N VAL C 260 -28.07 -34.46 -3.47
CA VAL C 260 -28.01 -33.13 -4.09
C VAL C 260 -27.82 -31.99 -3.01
N LYS C 261 -27.00 -30.97 -3.29
CA LYS C 261 -26.11 -30.96 -4.45
C LYS C 261 -24.71 -30.67 -3.96
N SER C 262 -23.72 -31.28 -4.59
CA SER C 262 -22.35 -31.11 -4.16
C SER C 262 -21.33 -31.23 -5.28
N ARG C 263 -20.10 -30.84 -4.98
CA ARG C 263 -18.95 -31.03 -5.88
C ARG C 263 -17.73 -31.37 -5.06
N THR C 264 -16.86 -32.22 -5.62
CA THR C 264 -15.68 -32.68 -4.89
C THR C 264 -14.41 -32.45 -5.71
N PHE C 265 -13.37 -31.99 -5.06
CA PHE C 265 -12.17 -31.75 -5.80
C PHE C 265 -11.01 -32.46 -5.15
N HIS C 266 -10.35 -33.28 -5.96
CA HIS C 266 -9.09 -33.91 -5.60
C HIS C 266 -8.37 -34.21 -6.90
N TYR C 267 -7.17 -33.65 -7.04
CA TYR C 267 -6.37 -33.85 -8.25
C TYR C 267 -4.97 -34.32 -7.88
N PRO C 268 -4.74 -35.66 -7.90
CA PRO C 268 -3.41 -36.20 -7.53
C PRO C 268 -2.26 -35.76 -8.46
N GLY C 269 -2.58 -35.52 -9.72
CA GLY C 269 -1.63 -35.07 -10.73
C GLY C 269 -1.12 -33.65 -10.52
N GLY C 270 -1.87 -32.86 -9.75
CA GLY C 270 -1.52 -31.49 -9.45
C GLY C 270 -1.62 -30.57 -10.65
N LEU C 271 -0.48 -29.98 -11.06
CA LEU C 271 -0.44 -29.02 -12.16
C LEU C 271 -0.60 -29.66 -13.53
N VAL C 272 -0.32 -30.95 -13.63
CA VAL C 272 -0.54 -31.69 -14.87
C VAL C 272 -2.04 -31.82 -15.09
N ASP C 273 -2.75 -32.27 -14.04
CA ASP C 273 -4.20 -32.41 -14.07
C ASP C 273 -4.82 -31.07 -14.48
N PHE C 274 -4.20 -29.98 -14.04
CA PHE C 274 -4.61 -28.61 -14.40
C PHE C 274 -4.38 -28.37 -15.91
N VAL C 275 -3.16 -28.65 -16.39
CA VAL C 275 -2.79 -28.49 -17.81
C VAL C 275 -3.73 -29.28 -18.73
N LYS C 276 -3.95 -30.55 -18.39
CA LYS C 276 -4.86 -31.43 -19.10
C LYS C 276 -6.23 -30.77 -19.18
N HIS C 277 -6.66 -30.22 -18.06
CA HIS C 277 -7.98 -29.60 -17.93
C HIS C 277 -8.14 -28.42 -18.88
N ILE C 278 -7.13 -27.56 -18.94
CA ILE C 278 -7.14 -26.41 -19.84
C ILE C 278 -7.23 -26.83 -21.32
N ASN C 279 -6.29 -27.68 -21.73
CA ASN C 279 -6.19 -28.26 -23.07
C ASN C 279 -7.20 -29.37 -23.43
N ARG C 280 -8.29 -29.50 -22.70
CA ARG C 280 -9.37 -30.45 -22.99
C ARG C 280 -10.17 -30.23 -24.27
N THR C 281 -10.51 -28.97 -24.49
CA THR C 281 -11.21 -28.42 -25.66
C THR C 281 -10.26 -27.97 -26.79
N LYS C 282 -9.07 -27.50 -26.43
CA LYS C 282 -8.05 -27.13 -27.42
C LYS C 282 -7.36 -28.43 -27.80
N ASN C 283 -6.86 -28.53 -29.04
CA ASN C 283 -6.19 -29.76 -29.46
C ASN C 283 -4.71 -29.69 -29.17
N ALA C 284 -4.26 -30.51 -28.23
CA ALA C 284 -2.85 -30.57 -27.84
C ALA C 284 -1.99 -31.07 -28.97
N ILE C 285 -0.90 -30.35 -29.21
CA ILE C 285 0.07 -30.58 -30.28
C ILE C 285 1.00 -31.80 -30.08
N HIS C 286 1.38 -32.06 -28.82
CA HIS C 286 2.32 -33.10 -28.40
C HIS C 286 1.85 -33.81 -27.13
N SER C 287 2.19 -35.08 -26.98
CA SER C 287 1.73 -35.93 -25.87
C SER C 287 2.40 -35.69 -24.51
N SER C 288 3.72 -35.50 -24.49
CA SER C 288 4.46 -35.30 -23.24
C SER C 288 4.21 -33.93 -22.61
N ILE C 289 3.52 -33.91 -21.47
CA ILE C 289 3.25 -32.67 -20.73
C ILE C 289 4.47 -32.31 -19.88
N VAL C 290 5.00 -31.11 -20.10
CA VAL C 290 6.15 -30.63 -19.34
C VAL C 290 5.81 -30.47 -17.86
N ASP C 291 6.72 -30.89 -17.01
CA ASP C 291 6.52 -30.81 -15.58
C ASP C 291 7.86 -30.62 -14.86
N PHE C 292 7.82 -29.88 -13.76
CA PHE C 292 9.00 -29.74 -12.89
C PHE C 292 8.81 -28.82 -11.68
N SER C 293 9.88 -28.72 -10.89
CA SER C 293 9.89 -28.02 -9.61
C SER C 293 11.25 -27.39 -9.33
N GLY C 294 11.27 -26.44 -8.39
CA GLY C 294 12.46 -25.71 -7.97
C GLY C 294 12.32 -25.17 -6.56
N LYS C 295 13.37 -25.31 -5.76
CA LYS C 295 13.39 -24.74 -4.42
C LYS C 295 14.53 -23.72 -4.31
N GLY C 296 14.21 -22.57 -3.72
CA GLY C 296 15.16 -21.50 -3.44
C GLY C 296 15.16 -21.18 -1.95
N THR C 297 15.58 -19.97 -1.60
CA THR C 297 15.68 -19.57 -0.20
C THR C 297 14.27 -19.42 0.42
N GLY C 298 13.56 -18.35 0.08
CA GLY C 298 12.17 -18.15 0.54
C GLY C 298 11.19 -18.65 -0.50
N HIS C 299 11.57 -18.45 -1.76
CA HIS C 299 10.78 -18.85 -2.91
C HIS C 299 10.90 -20.34 -3.20
N GLU C 300 9.92 -20.82 -3.98
CA GLU C 300 9.75 -22.19 -4.42
C GLU C 300 8.82 -22.09 -5.65
N VAL C 301 9.07 -22.91 -6.69
CA VAL C 301 8.28 -22.88 -7.92
C VAL C 301 7.89 -24.30 -8.38
N GLU C 302 6.78 -24.37 -9.12
CA GLU C 302 6.33 -25.60 -9.74
C GLU C 302 5.65 -25.23 -11.07
N ILE C 303 6.05 -25.91 -12.15
CA ILE C 303 5.53 -25.60 -13.48
C ILE C 303 5.02 -26.83 -14.23
N ALA C 304 4.02 -26.61 -15.08
CA ALA C 304 3.54 -27.62 -16.01
C ALA C 304 3.04 -26.93 -17.27
N MET C 305 3.42 -27.48 -18.43
CA MET C 305 3.04 -26.86 -19.72
C MET C 305 2.87 -27.87 -20.87
N GLN C 306 2.06 -27.50 -21.86
CA GLN C 306 1.75 -28.30 -23.05
C GLN C 306 1.15 -27.40 -24.14
N TRP C 307 1.74 -27.46 -25.35
CA TRP C 307 1.25 -26.69 -26.51
C TRP C 307 0.02 -27.31 -27.17
N ASN C 308 -0.80 -26.43 -27.73
CA ASN C 308 -2.00 -26.82 -28.48
C ASN C 308 -2.09 -26.07 -29.80
N ALA C 309 -3.05 -26.45 -30.63
CA ALA C 309 -3.23 -25.87 -31.94
C ALA C 309 -3.58 -24.37 -31.95
N GLY C 310 -4.35 -23.90 -30.97
CA GLY C 310 -4.82 -22.51 -30.93
C GLY C 310 -3.74 -21.44 -30.93
N TYR C 311 -4.03 -20.34 -31.62
CA TYR C 311 -3.17 -19.17 -31.71
C TYR C 311 -2.87 -18.50 -30.35
N SER C 312 -3.89 -18.29 -29.55
CA SER C 312 -3.69 -17.60 -28.27
C SER C 312 -3.06 -18.51 -27.22
N GLU C 313 -2.32 -17.92 -26.28
CA GLU C 313 -1.78 -18.68 -25.16
C GLU C 313 -2.77 -18.82 -24.01
N SER C 314 -2.48 -19.73 -23.09
CA SER C 314 -3.34 -19.94 -21.92
C SER C 314 -2.52 -20.26 -20.67
N VAL C 315 -1.88 -19.21 -20.13
CA VAL C 315 -0.89 -19.34 -19.08
C VAL C 315 -1.50 -18.84 -17.77
N HIS C 316 -1.61 -19.72 -16.76
CA HIS C 316 -2.18 -19.36 -15.46
C HIS C 316 -1.11 -19.30 -14.41
N THR C 317 -1.03 -18.15 -13.73
CA THR C 317 0.02 -17.91 -12.76
C THR C 317 -0.59 -17.78 -11.38
N PHE C 318 0.16 -18.26 -10.39
CA PHE C 318 -0.24 -18.23 -9.01
C PHE C 318 0.95 -17.93 -8.10
N ALA C 319 0.66 -17.21 -7.02
CA ALA C 319 1.61 -16.94 -5.96
C ALA C 319 0.89 -17.20 -4.65
N ASN C 320 1.37 -18.20 -3.94
CA ASN C 320 0.76 -18.66 -2.68
C ASN C 320 -0.73 -18.94 -2.88
N THR C 321 -1.05 -19.68 -3.95
CA THR C 321 -2.43 -20.09 -4.28
C THR C 321 -3.30 -18.91 -4.77
N ILE C 322 -2.80 -17.68 -4.71
CA ILE C 322 -3.59 -16.57 -5.20
C ILE C 322 -3.37 -16.47 -6.70
N ASN C 323 -4.46 -16.36 -7.45
CA ASN C 323 -4.39 -16.19 -8.91
C ASN C 323 -3.89 -14.80 -9.30
N THR C 324 -2.61 -14.71 -9.65
CA THR C 324 -1.97 -13.46 -10.04
C THR C 324 -2.39 -13.09 -11.46
N HIS C 325 -3.60 -12.55 -11.56
CA HIS C 325 -4.20 -12.19 -12.83
C HIS C 325 -3.36 -11.22 -13.63
N GLU C 326 -2.72 -10.27 -12.95
CA GLU C 326 -1.91 -9.25 -13.60
C GLU C 326 -0.49 -9.73 -13.90
N GLY C 327 -0.25 -11.02 -13.68
CA GLY C 327 1.04 -11.63 -13.95
C GLY C 327 2.04 -11.32 -12.86
N GLY C 328 3.29 -11.15 -13.24
CA GLY C 328 4.33 -10.85 -12.26
C GLY C 328 5.71 -11.23 -12.70
N THR C 329 6.64 -11.14 -11.75
CA THR C 329 8.05 -11.44 -11.97
C THR C 329 8.27 -12.94 -12.26
N HIS C 330 7.42 -13.80 -11.69
CA HIS C 330 7.44 -15.24 -11.97
C HIS C 330 7.07 -15.50 -13.42
N GLU C 331 6.05 -14.80 -13.90
CA GLU C 331 5.67 -14.90 -15.30
C GLU C 331 6.78 -14.42 -16.21
N GLU C 332 7.38 -13.27 -15.90
CA GLU C 332 8.46 -12.69 -16.74
C GLU C 332 9.73 -13.54 -16.72
N GLY C 333 10.07 -14.08 -15.56
CA GLY C 333 11.20 -15.02 -15.43
C GLY C 333 11.02 -16.23 -16.31
N PHE C 334 9.82 -16.77 -16.26
CA PHE C 334 9.41 -17.91 -17.05
C PHE C 334 9.52 -17.64 -18.54
N ARG C 335 9.00 -16.49 -18.97
CA ARG C 335 8.97 -16.10 -20.38
C ARG C 335 10.36 -16.01 -20.98
N SER C 336 11.21 -15.22 -20.33
CA SER C 336 12.59 -14.99 -20.76
C SER C 336 13.42 -16.27 -20.80
N ALA C 337 13.08 -17.24 -19.93
CA ALA C 337 13.79 -18.52 -19.91
C ALA C 337 13.34 -19.37 -21.07
N LEU C 338 12.02 -19.43 -21.25
CA LEU C 338 11.42 -20.19 -22.34
C LEU C 338 11.84 -19.65 -23.70
N THR C 339 11.92 -18.32 -23.84
CA THR C 339 12.35 -17.69 -25.08
C THR C 339 13.77 -18.13 -25.43
N SER C 340 14.65 -18.18 -24.43
CA SER C 340 16.02 -18.59 -24.67
C SER C 340 16.21 -20.10 -24.86
N VAL C 341 15.48 -20.92 -24.10
CA VAL C 341 15.66 -22.37 -24.18
C VAL C 341 15.28 -22.86 -25.59
N VAL C 342 14.11 -22.42 -26.05
CA VAL C 342 13.56 -22.74 -27.38
C VAL C 342 14.53 -22.32 -28.49
N ASN C 343 14.97 -21.07 -28.44
CA ASN C 343 15.88 -20.51 -29.41
C ASN C 343 17.19 -21.27 -29.51
N LYS C 344 17.86 -21.41 -28.37
CA LYS C 344 19.18 -22.04 -28.35
C LYS C 344 19.07 -23.46 -28.83
N TYR C 345 18.03 -24.16 -28.38
CA TYR C 345 17.78 -25.52 -28.84
C TYR C 345 17.49 -25.52 -30.33
N ALA C 346 16.69 -24.57 -30.76
CA ALA C 346 16.24 -24.53 -32.14
C ALA C 346 17.40 -24.31 -33.10
N LYS C 347 18.25 -23.34 -32.78
CA LYS C 347 19.42 -23.07 -33.60
C LYS C 347 20.39 -24.24 -33.58
N ASP C 348 20.60 -24.81 -32.39
CA ASP C 348 21.56 -25.87 -32.15
C ASP C 348 21.25 -27.09 -33.01
N ARG C 349 19.97 -27.46 -33.07
CA ARG C 349 19.57 -28.51 -33.99
C ARG C 349 19.67 -28.02 -35.42
N LYS C 350 19.50 -26.72 -35.60
CA LYS C 350 19.53 -26.07 -36.92
C LYS C 350 18.18 -26.17 -37.63
N LEU C 351 17.17 -26.69 -36.92
CA LEU C 351 15.79 -26.72 -37.37
C LEU C 351 15.38 -25.28 -37.65
N LEU C 352 15.76 -24.38 -36.75
CA LEU C 352 15.49 -22.96 -36.88
C LEU C 352 16.27 -22.34 -38.05
N LYS C 353 17.50 -22.81 -38.24
CA LYS C 353 18.38 -22.23 -39.25
C LYS C 353 17.68 -22.01 -40.60
N ASP C 356 15.72 -18.42 -40.44
CA ASP C 356 17.15 -18.15 -40.36
C ASP C 356 17.47 -16.85 -39.56
N PRO C 357 16.56 -16.45 -38.66
CA PRO C 357 16.58 -15.34 -37.69
C PRO C 357 15.89 -15.78 -36.38
N ASN C 358 16.07 -15.01 -35.30
CA ASN C 358 15.58 -15.37 -33.95
C ASN C 358 14.05 -15.55 -33.83
N LEU C 359 13.62 -16.47 -32.96
CA LEU C 359 12.19 -16.65 -32.65
C LEU C 359 11.77 -15.76 -31.49
N THR C 360 10.67 -15.04 -31.65
CA THR C 360 10.18 -14.13 -30.63
C THR C 360 9.38 -14.90 -29.59
N GLY C 361 9.34 -14.37 -28.36
CA GLY C 361 8.61 -15.01 -27.26
C GLY C 361 7.16 -15.25 -27.60
N ASP C 362 6.55 -14.27 -28.26
CA ASP C 362 5.13 -14.31 -28.62
C ASP C 362 4.81 -15.52 -29.47
N ASP C 363 5.66 -15.75 -30.47
CA ASP C 363 5.50 -16.88 -31.37
C ASP C 363 5.71 -18.21 -30.67
N ILE C 364 6.70 -18.26 -29.78
CA ILE C 364 6.96 -19.45 -28.97
C ILE C 364 5.75 -19.82 -28.13
N ARG C 365 5.09 -18.80 -27.59
CA ARG C 365 3.99 -19.01 -26.65
C ARG C 365 2.64 -19.28 -27.33
N GLU C 366 2.63 -19.23 -28.67
CA GLU C 366 1.42 -19.52 -29.42
C GLU C 366 0.98 -20.95 -29.11
N GLY C 367 -0.32 -21.10 -28.82
CA GLY C 367 -0.87 -22.40 -28.44
C GLY C 367 -0.15 -23.02 -27.25
N LEU C 368 0.19 -22.17 -26.29
CA LEU C 368 0.89 -22.64 -25.11
C LEU C 368 0.00 -22.57 -23.87
N ALA C 369 -0.32 -23.75 -23.32
CA ALA C 369 -1.11 -23.82 -22.08
C ALA C 369 -0.15 -24.15 -20.96
N ALA C 370 -0.10 -23.29 -19.93
CA ALA C 370 0.90 -23.43 -18.88
C ALA C 370 0.33 -23.01 -17.54
N VAL C 371 0.97 -23.49 -16.48
CA VAL C 371 0.67 -23.08 -15.10
C VAL C 371 1.97 -22.84 -14.33
N ILE C 372 2.09 -21.67 -13.73
CA ILE C 372 3.22 -21.33 -12.89
C ILE C 372 2.72 -21.14 -11.46
N SER C 373 3.21 -21.97 -10.53
CA SER C 373 2.85 -21.88 -9.13
C SER C 373 4.09 -21.59 -8.24
N VAL C 374 4.24 -20.34 -7.82
CA VAL C 374 5.31 -19.96 -6.86
C VAL C 374 4.78 -19.88 -5.42
N LYS C 375 5.65 -20.21 -4.49
CA LYS C 375 5.36 -20.12 -3.07
C LYS C 375 6.45 -19.21 -2.55
N VAL C 376 6.07 -17.97 -2.23
CA VAL C 376 6.99 -16.96 -1.75
C VAL C 376 6.79 -16.80 -0.25
N SER C 377 7.90 -16.76 0.50
CA SER C 377 7.90 -16.55 1.96
C SER C 377 7.32 -15.20 2.40
N GLU C 378 7.79 -14.12 1.76
CA GLU C 378 7.24 -12.78 1.96
C GLU C 378 6.93 -12.12 0.60
N PRO C 379 5.70 -12.32 0.11
CA PRO C 379 5.31 -11.77 -1.20
C PRO C 379 5.15 -10.26 -1.19
N GLN C 380 5.24 -9.64 -2.36
CA GLN C 380 5.07 -8.18 -2.49
C GLN C 380 4.16 -7.85 -3.65
N PHE C 381 2.86 -8.06 -3.48
CA PHE C 381 1.92 -7.82 -4.57
C PHE C 381 1.78 -6.35 -4.86
N GLU C 382 1.59 -5.99 -6.12
CA GLU C 382 1.31 -4.61 -6.50
C GLU C 382 0.19 -4.56 -7.55
N THR C 385 -6.35 -3.67 -7.22
CA THR C 385 -5.62 -4.62 -8.03
C THR C 385 -5.08 -5.77 -7.16
N LYS C 386 -3.85 -5.62 -6.71
CA LYS C 386 -3.22 -6.62 -5.85
C LYS C 386 -3.19 -8.00 -6.51
N THR C 387 -2.95 -8.01 -7.81
CA THR C 387 -2.88 -9.26 -8.57
C THR C 387 -1.66 -9.29 -9.46
N LYS C 388 -0.54 -8.83 -8.92
CA LYS C 388 0.74 -8.81 -9.65
C LYS C 388 1.88 -9.04 -8.69
N LEU C 389 2.63 -10.13 -8.89
CA LEU C 389 3.77 -10.41 -8.05
C LEU C 389 4.89 -9.47 -8.46
N GLY C 390 5.44 -8.75 -7.49
CA GLY C 390 6.49 -7.74 -7.75
C GLY C 390 7.89 -8.10 -7.29
N ASN C 391 8.04 -9.26 -6.62
CA ASN C 391 9.33 -9.74 -6.10
C ASN C 391 10.40 -9.92 -7.18
N THR C 392 11.36 -8.99 -7.27
CA THR C 392 12.46 -9.05 -8.25
C THR C 392 13.24 -10.36 -8.13
N GLU C 393 13.42 -10.79 -6.87
CA GLU C 393 14.06 -12.06 -6.46
C GLU C 393 13.55 -13.28 -7.20
N VAL C 394 12.23 -13.31 -7.41
CA VAL C 394 11.51 -14.43 -8.01
C VAL C 394 11.78 -14.51 -9.53
N LYS C 395 11.87 -13.36 -10.19
CA LYS C 395 12.15 -13.32 -11.65
C LYS C 395 13.40 -14.09 -12.00
N SER C 396 14.50 -13.83 -11.27
CA SER C 396 15.77 -14.51 -11.49
C SER C 396 15.71 -15.99 -11.10
N PHE C 397 14.97 -16.29 -10.02
CA PHE C 397 14.80 -17.65 -9.52
C PHE C 397 14.08 -18.52 -10.53
N VAL C 398 12.86 -18.13 -10.91
CA VAL C 398 12.07 -18.85 -11.93
C VAL C 398 12.86 -18.97 -13.25
N GLN C 399 13.58 -17.91 -13.66
CA GLN C 399 14.37 -17.96 -14.90
C GLN C 399 15.41 -19.07 -14.86
N LYS C 400 16.14 -19.17 -13.74
CA LYS C 400 17.15 -20.23 -13.52
C LYS C 400 16.57 -21.65 -13.47
N VAL C 401 15.44 -21.83 -12.77
CA VAL C 401 14.77 -23.13 -12.71
C VAL C 401 14.31 -23.56 -14.10
N CYS C 402 13.67 -22.65 -14.84
CA CYS C 402 13.21 -22.93 -16.20
C CYS C 402 14.34 -23.21 -17.16
N ASN C 403 15.39 -22.39 -17.12
CA ASN C 403 16.57 -22.62 -17.96
C ASN C 403 17.11 -24.05 -17.83
N GLU C 404 17.31 -24.52 -16.60
CA GLU C 404 17.82 -25.88 -16.32
C GLU C 404 16.83 -26.97 -16.74
N GLN C 405 15.62 -26.90 -16.18
CA GLN C 405 14.60 -27.92 -16.32
C GLN C 405 13.91 -27.99 -17.70
N LEU C 406 13.73 -26.85 -18.36
CA LEU C 406 13.18 -26.83 -19.72
C LEU C 406 14.15 -27.41 -20.74
N THR C 407 15.44 -27.19 -20.52
CA THR C 407 16.46 -27.74 -21.39
C THR C 407 16.46 -29.26 -21.26
N HIS C 408 16.38 -29.77 -20.02
CA HIS C 408 16.35 -31.22 -19.78
C HIS C 408 15.15 -31.91 -20.45
N TRP C 409 14.03 -31.20 -20.56
CA TRP C 409 12.84 -31.73 -21.21
C TRP C 409 13.03 -31.74 -22.74
N PHE C 410 13.48 -30.59 -23.28
CA PHE C 410 13.70 -30.41 -24.71
C PHE C 410 14.72 -31.38 -25.29
N GLU C 411 15.71 -31.71 -24.47
CA GLU C 411 16.74 -32.65 -24.88
C GLU C 411 16.17 -34.07 -24.88
N ALA C 412 15.40 -34.41 -23.84
CA ALA C 412 14.84 -35.75 -23.64
C ALA C 412 13.60 -36.09 -24.48
N ASN C 413 12.83 -35.08 -24.91
CA ASN C 413 11.65 -35.28 -25.74
C ASN C 413 11.82 -34.62 -27.10
N PRO C 414 12.58 -35.27 -28.01
CA PRO C 414 12.91 -34.62 -29.27
C PRO C 414 11.73 -34.60 -30.26
N THR C 415 10.82 -35.56 -30.15
CA THR C 415 9.61 -35.63 -30.97
C THR C 415 8.79 -34.35 -30.75
N ASP C 416 8.36 -34.16 -29.51
CA ASP C 416 7.60 -33.01 -29.03
C ASP C 416 8.36 -31.71 -29.30
N ALA C 417 9.65 -31.69 -28.94
CA ALA C 417 10.53 -30.52 -29.13
C ALA C 417 10.46 -29.98 -30.56
N LYS C 418 10.46 -30.90 -31.53
CA LYS C 418 10.37 -30.53 -32.94
C LYS C 418 9.02 -29.91 -33.29
N VAL C 419 7.94 -30.40 -32.66
CA VAL C 419 6.59 -29.89 -32.95
C VAL C 419 6.44 -28.46 -32.43
N VAL C 420 6.88 -28.22 -31.19
CA VAL C 420 6.76 -26.89 -30.57
C VAL C 420 7.58 -25.85 -31.37
N VAL C 421 8.75 -26.25 -31.86
CA VAL C 421 9.63 -25.37 -32.67
C VAL C 421 8.99 -25.06 -34.03
N ASN C 422 8.39 -26.06 -34.67
CA ASN C 422 7.62 -25.83 -35.89
C ASN C 422 6.43 -24.91 -35.63
N LYS C 423 5.79 -25.05 -34.45
CA LYS C 423 4.66 -24.23 -34.10
C LYS C 423 5.10 -22.78 -33.94
N ALA C 424 6.26 -22.57 -33.33
CA ALA C 424 6.83 -21.23 -33.18
C ALA C 424 7.14 -20.58 -34.55
N VAL C 425 7.66 -21.39 -35.45
CA VAL C 425 7.97 -20.97 -36.82
C VAL C 425 6.71 -20.58 -37.59
N SER C 426 5.71 -21.48 -37.59
CA SER C 426 4.45 -21.25 -38.30
C SER C 426 3.71 -19.98 -37.82
N SER C 427 3.81 -19.69 -36.52
CA SER C 427 3.23 -18.46 -35.95
C SER C 427 3.91 -17.23 -36.51
N ALA C 428 5.28 -17.27 -36.59
CA ALA C 428 6.12 -16.20 -37.15
C ALA C 428 5.87 -15.98 -38.65
N GLN C 429 5.66 -17.07 -39.39
CA GLN C 429 5.38 -17.05 -40.84
C GLN C 429 3.98 -16.50 -41.10
N ALA C 430 3.02 -16.77 -40.19
CA ALA C 430 1.62 -16.31 -40.25
C ALA C 430 1.54 -14.78 -40.11
N ARG C 431 2.46 -14.19 -39.28
CA ARG C 431 2.56 -12.75 -39.06
C ARG C 431 3.02 -12.06 -40.35
N ILE C 432 4.06 -12.62 -40.99
CA ILE C 432 4.68 -12.12 -42.22
C ILE C 432 3.72 -12.25 -43.41
N ALA C 433 2.95 -13.35 -43.46
CA ALA C 433 1.94 -13.63 -44.50
C ALA C 433 0.83 -12.58 -44.51
N ALA C 434 0.46 -12.07 -43.31
CA ALA C 434 -0.56 -11.03 -43.14
C ALA C 434 -0.14 -9.70 -43.75
N ARG C 435 1.18 -9.42 -43.86
CA ARG C 435 1.71 -8.20 -44.48
C ARG C 435 1.35 -8.15 -45.99
N LYS C 436 1.50 -9.28 -46.70
CA LYS C 436 1.17 -9.39 -48.13
C LYS C 436 -0.25 -9.90 -48.32
N SER D 30 23.73 -16.02 38.87
CA SER D 30 22.75 -16.22 37.80
C SER D 30 22.40 -14.88 37.13
N ILE D 31 21.57 -14.04 37.78
CA ILE D 31 21.17 -12.75 37.23
C ILE D 31 22.33 -11.75 37.31
N THR D 32 22.41 -10.82 36.33
CA THR D 32 23.47 -9.82 36.27
C THR D 32 22.89 -8.42 36.44
N ILE D 33 23.35 -7.71 37.49
CA ILE D 33 22.91 -6.36 37.78
C ILE D 33 23.92 -5.36 37.21
N LEU D 34 23.44 -4.47 36.32
CA LEU D 34 24.28 -3.46 35.67
C LEU D 34 24.14 -2.11 36.36
N GLU D 35 25.01 -1.93 37.36
CA GLU D 35 25.12 -0.76 38.22
C GLU D 35 26.31 0.06 37.84
N GLY D 36 26.23 1.35 38.15
CA GLY D 36 27.35 2.24 37.96
C GLY D 36 27.62 2.75 36.57
N LEU D 37 28.65 2.22 35.92
CA LEU D 37 29.21 2.72 34.83
C LEU D 37 29.20 1.76 33.74
N GLU D 38 28.89 0.52 34.10
CA GLU D 38 28.82 -0.58 33.15
C GLU D 38 27.52 -0.43 32.42
N ALA D 39 26.53 0.15 33.12
CA ALA D 39 25.17 0.42 32.64
C ALA D 39 25.15 1.34 31.42
N VAL D 40 25.89 2.43 31.56
CA VAL D 40 26.09 3.42 30.50
C VAL D 40 26.63 2.74 29.25
N ARG D 41 27.62 1.86 29.42
CA ARG D 41 28.21 1.14 28.28
C ARG D 41 27.20 0.21 27.65
N LYS D 42 26.34 -0.39 28.46
CA LYS D 42 25.31 -1.32 27.98
C LYS D 42 24.19 -0.61 27.19
N ARG D 43 23.64 0.47 27.75
CA ARG D 43 22.59 1.26 27.10
C ARG D 43 23.07 2.71 26.92
N PRO D 44 23.94 2.94 25.94
CA PRO D 44 24.54 4.26 25.76
C PRO D 44 23.52 5.34 25.40
N GLY D 45 22.62 5.06 24.49
CA GLY D 45 21.72 6.10 24.00
C GLY D 45 20.77 6.65 25.06
N MET D 46 20.28 5.77 25.92
CA MET D 46 19.38 6.17 26.97
C MET D 46 20.00 7.27 27.84
N TYR D 47 21.25 7.06 28.26
CA TYR D 47 22.01 8.07 29.00
C TYR D 47 22.40 9.27 28.16
N ILE D 48 22.79 9.03 26.91
CA ILE D 48 23.31 10.10 26.04
C ILE D 48 22.37 10.55 24.91
N GLY D 49 21.16 10.01 24.85
CA GLY D 49 20.30 10.28 23.70
C GLY D 49 20.54 9.25 22.60
N SER D 50 21.47 9.51 21.69
CA SER D 50 21.71 8.56 20.60
C SER D 50 23.18 8.24 20.35
N THR D 51 23.43 7.06 19.81
CA THR D 51 24.76 6.70 19.32
C THR D 51 25.10 7.49 18.05
N GLY D 52 24.13 8.25 17.56
CA GLY D 52 24.36 9.08 16.41
C GLY D 52 25.27 10.29 16.60
N GLU D 53 25.24 11.20 15.62
CA GLU D 53 26.00 12.43 15.66
C GLU D 53 25.70 13.23 16.93
N ARG D 54 24.43 13.27 17.31
CA ARG D 54 23.99 14.01 18.50
C ARG D 54 24.64 13.45 19.75
N GLY D 55 24.60 12.13 19.86
CA GLY D 55 25.20 11.45 20.98
C GLY D 55 26.67 11.70 21.05
N LEU D 56 27.34 11.64 19.90
CA LEU D 56 28.78 11.80 19.85
C LEU D 56 29.15 13.22 20.30
N HIS D 57 28.38 14.21 19.88
CA HIS D 57 28.67 15.60 20.23
C HIS D 57 28.40 15.89 21.68
N HIS D 58 27.51 15.08 22.26
CA HIS D 58 27.12 15.27 23.64
C HIS D 58 28.31 15.22 24.53
N LEU D 59 29.24 14.34 24.22
CA LEU D 59 30.45 14.22 25.03
C LEU D 59 31.18 15.55 25.07
N ILE D 60 31.29 16.20 23.94
CA ILE D 60 31.92 17.51 23.88
C ILE D 60 31.18 18.51 24.76
N TRP D 61 29.86 18.44 24.75
CA TRP D 61 29.06 19.36 25.55
C TRP D 61 29.33 19.15 27.03
N GLU D 62 29.40 17.90 27.45
CA GLU D 62 29.59 17.59 28.86
C GLU D 62 30.91 18.19 29.39
N VAL D 63 31.97 18.07 28.59
CA VAL D 63 33.31 18.52 28.95
C VAL D 63 33.40 20.05 28.94
N VAL D 64 32.89 20.65 27.86
CA VAL D 64 32.89 22.11 27.69
C VAL D 64 32.00 22.75 28.75
N ASP D 65 30.83 22.16 29.00
CA ASP D 65 29.89 22.67 30.00
C ASP D 65 30.57 22.85 31.34
N ASN D 66 31.35 21.86 31.74
CA ASN D 66 32.11 21.90 32.98
C ASN D 66 33.11 23.06 32.99
N ALA D 67 33.83 23.21 31.87
CA ALA D 67 34.83 24.27 31.74
C ALA D 67 34.24 25.68 31.73
N VAL D 68 33.15 25.85 30.99
CA VAL D 68 32.47 27.13 30.92
C VAL D 68 31.87 27.48 32.27
N ASP D 69 31.43 26.48 33.03
CA ASP D 69 31.01 26.69 34.42
C ASP D 69 31.96 27.57 35.18
N GLU D 70 33.26 27.31 35.06
CA GLU D 70 34.27 28.02 35.85
C GLU D 70 34.40 29.48 35.44
N ALA D 71 34.02 29.78 34.21
CA ALA D 71 33.96 31.16 33.74
C ALA D 71 32.71 31.80 34.30
N MET D 72 31.65 31.00 34.37
CA MET D 72 30.37 31.42 34.87
C MET D 72 30.49 31.72 36.37
N ALA D 73 31.28 30.92 37.08
CA ALA D 73 31.60 31.12 38.50
C ALA D 73 32.55 32.31 38.72
N GLY D 74 33.19 32.76 37.63
CA GLY D 74 34.07 33.93 37.65
C GLY D 74 35.55 33.64 37.83
N TYR D 75 36.01 32.45 37.43
CA TYR D 75 37.40 32.05 37.61
C TYR D 75 38.11 31.82 36.29
N ALA D 76 37.39 31.33 35.29
CA ALA D 76 37.99 31.13 33.98
C ALA D 76 37.76 32.35 33.12
N THR D 77 38.62 32.52 32.12
CA THR D 77 38.53 33.64 31.19
C THR D 77 38.67 33.17 29.74
N THR D 78 39.20 31.95 29.60
CA THR D 78 39.54 31.38 28.32
C THR D 78 39.26 29.87 28.31
N VAL D 79 38.47 29.42 27.35
CA VAL D 79 38.21 28.00 27.17
C VAL D 79 38.61 27.70 25.74
N ASN D 80 39.46 26.69 25.58
CA ASN D 80 40.00 26.31 24.29
C ASN D 80 39.60 24.89 23.95
N VAL D 81 38.94 24.77 22.81
CA VAL D 81 38.48 23.50 22.25
C VAL D 81 39.38 23.17 21.06
N VAL D 82 39.88 21.94 21.02
CA VAL D 82 40.64 21.44 19.87
C VAL D 82 40.12 20.10 19.37
N LEU D 83 39.73 20.08 18.11
CA LEU D 83 39.34 18.83 17.47
C LEU D 83 40.64 18.28 16.90
N LEU D 84 41.28 17.39 17.65
CA LEU D 84 42.62 16.88 17.33
C LEU D 84 42.61 16.05 16.06
N GLU D 85 43.79 15.85 15.46
CA GLU D 85 43.87 15.11 14.22
C GLU D 85 43.56 13.61 14.38
N ASP D 86 43.97 13.02 15.52
CA ASP D 86 43.64 11.62 15.82
C ASP D 86 42.15 11.30 16.11
N GLY D 87 41.31 12.32 16.19
CA GLY D 87 39.87 12.09 16.41
C GLY D 87 39.45 12.46 17.81
N GLY D 88 40.45 12.78 18.64
CA GLY D 88 40.18 13.13 20.00
C GLY D 88 39.76 14.58 20.11
N VAL D 89 39.42 14.97 21.33
CA VAL D 89 38.99 16.31 21.60
C VAL D 89 39.71 16.79 22.83
N GLU D 90 40.28 17.99 22.71
CA GLU D 90 40.91 18.66 23.85
C GLU D 90 40.06 19.86 24.32
N VAL D 91 39.82 19.94 25.62
CA VAL D 91 39.16 21.11 26.19
C VAL D 91 39.97 21.64 27.38
N ALA D 92 40.59 22.80 27.19
CA ALA D 92 41.41 23.43 28.20
C ALA D 92 40.81 24.73 28.73
N ASP D 93 40.81 24.87 30.07
CA ASP D 93 40.31 26.07 30.75
C ASP D 93 41.27 26.59 31.82
N ASP D 94 41.10 27.86 32.19
CA ASP D 94 41.96 28.49 33.16
C ASP D 94 41.22 28.79 34.46
N GLY D 95 40.29 27.90 34.79
CA GLY D 95 39.51 27.97 36.01
C GLY D 95 40.34 27.66 37.24
N ARG D 96 39.80 26.90 38.16
CA ARG D 96 40.55 26.51 39.34
C ARG D 96 40.85 25.03 39.21
N GLY D 97 40.39 24.46 38.11
CA GLY D 97 40.69 23.09 37.80
C GLY D 97 40.08 22.08 38.75
N ILE D 98 40.15 20.81 38.38
CA ILE D 98 39.44 19.80 39.10
C ILE D 98 40.18 19.50 40.37
N PRO D 99 39.43 19.49 41.49
CA PRO D 99 39.89 18.98 42.78
C PRO D 99 40.67 17.65 42.66
N VAL D 100 41.96 17.70 43.00
CA VAL D 100 42.83 16.53 43.01
C VAL D 100 42.96 15.93 44.42
N ALA D 101 42.68 16.77 45.42
CA ALA D 101 42.67 16.39 46.83
C ALA D 101 41.80 15.14 47.09
N THR D 102 42.19 14.35 48.09
CA THR D 102 41.47 13.12 48.45
C THR D 102 40.03 13.41 48.88
N HIS D 103 39.12 12.68 48.25
CA HIS D 103 37.68 12.79 48.46
C HIS D 103 37.31 11.95 49.69
N ALA D 104 36.13 12.20 50.27
CA ALA D 104 35.61 11.47 51.43
C ALA D 104 35.69 9.94 51.27
N SER D 105 35.51 9.47 50.03
CA SER D 105 35.67 8.05 49.62
C SER D 105 37.05 7.45 49.95
N GLY D 106 38.09 8.29 49.85
CA GLY D 106 39.45 7.82 50.00
C GLY D 106 40.22 7.76 48.68
N ILE D 107 39.50 7.92 47.56
CA ILE D 107 40.08 7.96 46.21
C ILE D 107 40.19 9.45 45.80
N PRO D 108 41.13 9.86 44.90
CA PRO D 108 41.22 11.30 44.58
C PRO D 108 39.93 11.82 43.94
N THR D 109 39.58 13.08 44.23
CA THR D 109 38.33 13.68 43.78
C THR D 109 38.13 13.55 42.28
N VAL D 110 39.22 13.67 41.51
CA VAL D 110 39.16 13.52 40.06
C VAL D 110 38.56 12.17 39.69
N ASP D 111 39.07 11.09 40.29
CA ASP D 111 38.60 9.72 40.05
C ASP D 111 37.10 9.59 40.31
N VAL D 112 36.62 10.25 41.36
CA VAL D 112 35.19 10.25 41.65
C VAL D 112 34.39 10.89 40.51
N VAL D 113 34.73 12.14 40.17
CA VAL D 113 34.12 12.86 39.06
C VAL D 113 34.11 12.01 37.80
N MET D 114 35.28 11.48 37.48
CA MET D 114 35.51 10.79 36.25
C MET D 114 35.05 9.33 36.15
N THR D 115 34.85 8.61 37.25
CA THR D 115 34.43 7.18 37.14
C THR D 115 33.07 6.83 37.71
N GLN D 116 32.42 7.75 38.42
CA GLN D 116 31.13 7.50 39.06
C GLN D 116 30.01 8.39 38.53
N LEU D 117 28.79 7.85 38.44
CA LEU D 117 27.66 8.66 37.99
C LEU D 117 27.12 9.61 39.07
N HIS D 118 27.09 10.90 38.77
CA HIS D 118 26.35 11.87 39.60
C HIS D 118 24.85 11.67 39.40
N GLY D 136 21.91 16.11 31.64
CA GLY D 136 23.26 16.22 32.26
C GLY D 136 23.65 14.94 32.97
N VAL D 137 24.12 13.98 32.19
CA VAL D 137 24.56 12.69 32.69
C VAL D 137 25.81 12.88 33.56
N GLY D 138 26.67 13.81 33.14
CA GLY D 138 27.90 14.13 33.86
C GLY D 138 29.14 13.78 33.07
N VAL D 139 30.29 14.25 33.54
CA VAL D 139 31.54 14.03 32.84
C VAL D 139 31.90 12.53 32.77
N SER D 140 31.46 11.78 33.78
CA SER D 140 31.87 10.38 33.91
C SER D 140 31.46 9.58 32.69
N VAL D 141 30.32 9.94 32.11
CA VAL D 141 29.80 9.23 30.95
C VAL D 141 30.77 9.31 29.77
N VAL D 142 31.41 10.47 29.64
CA VAL D 142 32.40 10.68 28.58
C VAL D 142 33.55 9.70 28.73
N ASN D 143 34.02 9.54 29.97
CA ASN D 143 35.03 8.54 30.27
C ASN D 143 34.53 7.14 29.93
N ALA D 144 33.26 6.87 30.26
CA ALA D 144 32.62 5.58 30.04
C ALA D 144 32.55 5.19 28.58
N LEU D 145 32.24 6.17 27.74
CA LEU D 145 32.07 5.95 26.30
C LEU D 145 33.30 6.37 25.46
N SER D 146 34.43 6.57 26.12
CA SER D 146 35.71 6.81 25.46
C SER D 146 36.69 5.64 25.64
N THR D 147 37.49 5.38 24.61
CA THR D 147 38.57 4.39 24.70
C THR D 147 39.63 4.86 25.73
N ARG D 148 39.82 6.18 25.84
CA ARG D 148 40.80 6.74 26.75
C ARG D 148 40.50 8.20 27.09
N LEU D 149 40.52 8.53 28.38
CA LEU D 149 40.41 9.93 28.84
C LEU D 149 41.67 10.40 29.63
N GLU D 150 42.19 11.58 29.26
CA GLU D 150 43.36 12.14 29.93
C GLU D 150 43.00 13.47 30.57
N VAL D 151 43.64 13.77 31.69
CA VAL D 151 43.38 15.02 32.40
C VAL D 151 44.71 15.68 32.81
N GLU D 152 44.77 16.99 32.63
CA GLU D 152 45.92 17.78 33.04
C GLU D 152 45.47 18.94 33.91
N ILE D 153 45.58 18.76 35.21
CA ILE D 153 45.10 19.75 36.17
C ILE D 153 46.28 20.56 36.72
N LYS D 154 46.14 21.87 36.71
CA LYS D 154 47.08 22.77 37.33
C LYS D 154 46.35 23.38 38.53
N ARG D 155 46.51 22.71 39.68
CA ARG D 155 45.85 23.06 40.92
C ARG D 155 46.75 22.79 42.13
N ASP D 156 46.47 23.49 43.24
CA ASP D 156 47.16 23.35 44.53
C ASP D 156 48.67 23.46 44.42
N GLY D 157 49.11 24.34 43.51
CA GLY D 157 50.52 24.65 43.30
C GLY D 157 51.36 23.68 42.48
N TYR D 158 50.70 22.74 41.79
CA TYR D 158 51.41 21.74 40.97
C TYR D 158 50.64 21.33 39.71
N GLU D 159 51.39 20.79 38.74
CA GLU D 159 50.83 20.20 37.53
C GLU D 159 50.52 18.72 37.82
N TRP D 160 49.28 18.33 37.52
CA TRP D 160 48.78 17.00 37.81
C TRP D 160 48.31 16.30 36.53
N SER D 161 48.51 14.98 36.48
CA SER D 161 48.18 14.19 35.31
C SER D 161 47.55 12.87 35.69
N GLN D 162 46.44 12.51 35.04
CA GLN D 162 45.76 11.24 35.26
C GLN D 162 45.22 10.74 33.94
N VAL D 163 45.43 9.45 33.67
CA VAL D 163 45.01 8.80 32.45
C VAL D 163 44.04 7.67 32.79
N TYR D 164 42.90 7.68 32.10
CA TYR D 164 41.92 6.61 32.26
C TYR D 164 41.93 5.78 30.96
N GLU D 165 42.42 4.56 31.07
CA GLU D 165 42.42 3.67 29.92
C GLU D 165 41.18 2.81 30.02
N LYS D 166 40.27 2.99 29.07
CA LYS D 166 39.01 2.26 29.03
C LYS D 166 38.31 2.39 30.37
N SER D 167 38.13 3.65 30.78
CA SER D 167 37.42 4.06 32.00
C SER D 167 38.10 3.69 33.29
N GLU D 168 39.29 3.10 33.21
CA GLU D 168 40.03 2.64 34.39
C GLU D 168 41.20 3.59 34.70
N PRO D 169 41.24 4.18 35.92
CA PRO D 169 42.34 5.11 36.24
C PRO D 169 43.71 4.41 36.32
N LEU D 170 44.76 5.08 35.84
CA LEU D 170 46.10 4.52 35.89
C LEU D 170 46.92 5.15 37.00
N GLY D 171 46.26 5.90 37.86
CA GLY D 171 46.94 6.55 38.98
C GLY D 171 47.34 7.99 38.72
N LEU D 172 47.29 8.80 39.78
CA LEU D 172 47.61 10.20 39.75
C LEU D 172 49.12 10.43 39.66
N LYS D 173 49.49 11.58 39.11
CA LYS D 173 50.88 11.94 38.93
C LYS D 173 51.09 13.41 39.20
N GLN D 174 51.96 13.71 40.18
CA GLN D 174 52.28 15.09 40.50
C GLN D 174 53.60 15.48 39.85
N GLY D 175 53.57 16.60 39.14
CA GLY D 175 54.74 17.09 38.41
C GLY D 175 55.28 18.41 38.92
N ALA D 176 55.64 19.28 37.98
CA ALA D 176 56.27 20.57 38.25
C ALA D 176 55.38 21.52 39.06
N PRO D 177 55.98 22.35 39.91
CA PRO D 177 55.18 23.35 40.62
C PRO D 177 54.73 24.47 39.67
N THR D 178 53.56 25.04 39.93
CA THR D 178 53.01 26.12 39.11
C THR D 178 52.01 26.97 39.89
N LYS D 179 52.13 28.30 39.74
CA LYS D 179 51.20 29.27 40.33
C LYS D 179 49.89 29.34 39.56
N LYS D 180 49.88 28.76 38.36
CA LYS D 180 48.75 28.83 37.45
C LYS D 180 47.65 27.87 37.89
N THR D 181 46.41 28.14 37.45
CA THR D 181 45.27 27.26 37.74
C THR D 181 44.52 26.94 36.46
N GLY D 182 43.90 25.76 36.40
CA GLY D 182 43.12 25.32 35.24
C GLY D 182 43.15 23.81 35.01
N SER D 183 42.41 23.36 34.01
CA SER D 183 42.40 21.96 33.68
C SER D 183 42.43 21.75 32.18
N THR D 184 42.60 20.49 31.78
CA THR D 184 42.63 20.13 30.36
C THR D 184 42.23 18.70 30.24
N VAL D 185 41.14 18.46 29.51
CA VAL D 185 40.67 17.09 29.29
C VAL D 185 40.76 16.67 27.84
N ARG D 186 41.34 15.50 27.58
CA ARG D 186 41.33 14.93 26.25
C ARG D 186 40.67 13.56 26.31
N PHE D 187 39.76 13.31 25.37
CA PHE D 187 39.05 12.03 25.31
C PHE D 187 38.95 11.56 23.87
N TRP D 188 38.88 10.24 23.70
CA TRP D 188 38.77 9.63 22.38
C TRP D 188 37.56 8.71 22.33
N ALA D 189 36.49 9.21 21.70
CA ALA D 189 35.24 8.48 21.61
C ALA D 189 35.48 7.06 21.10
N ASP D 190 34.84 6.09 21.76
CA ASP D 190 34.88 4.67 21.39
C ASP D 190 34.08 4.41 20.11
N PRO D 191 34.77 3.90 19.07
CA PRO D 191 34.08 3.69 17.80
C PRO D 191 33.08 2.54 17.90
N ALA D 192 33.24 1.73 18.95
CA ALA D 192 32.37 0.60 19.25
C ALA D 192 31.01 1.06 19.72
N VAL D 193 31.00 2.25 20.36
CA VAL D 193 29.77 2.83 20.90
C VAL D 193 29.00 3.62 19.85
N PHE D 194 29.72 4.43 19.08
CA PHE D 194 29.12 5.39 18.17
C PHE D 194 29.20 5.00 16.69
N GLU D 195 28.07 5.19 16.00
CA GLU D 195 27.91 5.03 14.55
C GLU D 195 28.86 5.91 13.75
N THR D 196 29.19 7.08 14.31
CA THR D 196 30.23 7.99 13.77
C THR D 196 31.11 8.53 14.91
N THR D 197 32.38 8.81 14.64
CA THR D 197 33.27 9.36 15.65
C THR D 197 33.79 10.71 15.12
N GLU D 198 33.20 11.20 14.04
CA GLU D 198 33.68 12.42 13.39
C GLU D 198 32.88 13.60 13.82
N TYR D 199 33.53 14.52 14.53
CA TYR D 199 32.83 15.70 15.05
C TYR D 199 32.60 16.70 13.95
N ASP D 200 31.50 17.44 14.03
CA ASP D 200 31.14 18.43 13.02
C ASP D 200 31.55 19.79 13.53
N PHE D 201 32.49 20.42 12.84
CA PHE D 201 33.04 21.71 13.24
C PHE D 201 31.94 22.74 13.39
N GLU D 202 31.05 22.81 12.42
CA GLU D 202 30.00 23.80 12.42
C GLU D 202 29.05 23.65 13.60
N THR D 203 28.64 22.42 13.92
CA THR D 203 27.74 22.21 15.07
C THR D 203 28.42 22.58 16.38
N VAL D 204 29.72 22.27 16.46
CA VAL D 204 30.54 22.58 17.62
C VAL D 204 30.72 24.10 17.73
N ALA D 205 30.88 24.79 16.61
CA ALA D 205 31.07 26.23 16.64
C ALA D 205 29.79 26.91 17.07
N ARG D 206 28.68 26.48 16.48
CA ARG D 206 27.37 27.06 16.73
C ARG D 206 27.02 27.14 18.21
N ARG D 207 27.36 26.07 18.96
CA ARG D 207 27.18 26.02 20.41
C ARG D 207 28.15 26.93 21.15
N LEU D 208 29.42 26.85 20.76
CA LEU D 208 30.47 27.64 21.42
C LEU D 208 30.19 29.14 21.31
N GLN D 209 29.68 29.55 20.15
CA GLN D 209 29.28 30.92 19.94
C GLN D 209 28.19 31.34 20.93
N GLU D 210 27.14 30.52 21.09
CA GLU D 210 26.07 30.91 22.00
C GLU D 210 26.50 30.93 23.47
N MET D 211 27.59 30.24 23.82
CA MET D 211 28.10 30.26 25.21
C MET D 211 28.88 31.52 25.50
N ALA D 212 29.63 31.95 24.47
CA ALA D 212 30.45 33.16 24.50
C ALA D 212 29.58 34.37 24.70
N PHE D 213 28.36 34.30 24.17
CA PHE D 213 27.35 35.33 24.29
C PHE D 213 26.90 35.45 25.74
N LEU D 214 26.82 34.31 26.43
CA LEU D 214 26.23 34.26 27.77
C LEU D 214 27.16 34.72 28.90
N ASN D 215 28.47 34.63 28.67
CA ASN D 215 29.46 35.08 29.65
C ASN D 215 30.32 36.10 28.90
N LYS D 216 30.14 37.39 29.18
CA LYS D 216 30.80 38.43 28.35
C LYS D 216 32.31 38.51 28.52
N GLY D 217 32.78 38.15 29.71
CA GLY D 217 34.21 38.11 30.00
C GLY D 217 34.93 36.93 29.38
N LEU D 218 34.17 35.95 28.90
CA LEU D 218 34.72 34.70 28.33
C LEU D 218 35.05 34.81 26.84
N THR D 219 36.12 34.09 26.46
CA THR D 219 36.59 33.92 25.08
C THR D 219 36.79 32.42 24.82
N ILE D 220 36.08 31.89 23.84
CA ILE D 220 36.16 30.48 23.50
C ILE D 220 36.84 30.39 22.15
N ASN D 221 37.90 29.59 22.10
CA ASN D 221 38.67 29.41 20.88
C ASN D 221 38.50 27.99 20.41
N LEU D 222 38.01 27.86 19.18
CA LEU D 222 37.82 26.57 18.55
C LEU D 222 38.85 26.44 17.47
N THR D 223 39.50 25.29 17.40
CA THR D 223 40.46 25.03 16.35
C THR D 223 40.43 23.56 15.94
N ASP D 224 40.30 23.34 14.62
CA ASP D 224 40.23 22.00 14.01
C ASP D 224 41.57 21.62 13.38
N GLU D 225 42.11 20.48 13.81
CA GLU D 225 43.42 19.96 13.38
C GLU D 225 43.27 18.85 12.34
N ARG D 226 42.08 18.70 11.78
CA ARG D 226 41.82 17.62 10.82
C ARG D 226 41.88 18.12 9.37
N VAL D 227 42.41 19.32 9.21
CA VAL D 227 42.62 19.91 7.90
C VAL D 227 44.15 20.04 7.70
N THR D 228 44.63 19.53 6.59
CA THR D 228 46.07 19.59 6.30
C THR D 228 46.34 18.95 4.96
N VAL D 260 45.03 25.41 12.26
CA VAL D 260 44.64 25.30 10.86
C VAL D 260 43.35 26.08 10.58
N LYS D 261 42.22 25.41 10.85
CA LYS D 261 40.89 25.98 10.78
C LYS D 261 40.50 26.39 12.19
N SER D 262 40.39 27.69 12.39
CA SER D 262 40.15 28.24 13.72
C SER D 262 39.01 29.27 13.71
N ARG D 263 38.37 29.41 14.88
CA ARG D 263 37.35 30.43 15.13
C ARG D 263 37.51 30.89 16.56
N THR D 264 37.23 32.16 16.80
CA THR D 264 37.32 32.73 18.13
C THR D 264 36.04 33.45 18.40
N PHE D 265 35.43 33.20 19.55
CA PHE D 265 34.17 33.82 19.92
C PHE D 265 34.27 34.62 21.22
N HIS D 266 34.25 35.94 21.12
CA HIS D 266 34.25 36.81 22.28
C HIS D 266 33.25 37.93 22.03
N TYR D 267 32.26 38.05 22.91
CA TYR D 267 31.21 39.08 22.80
C TYR D 267 31.17 39.97 24.05
N PRO D 268 31.91 41.11 24.04
CA PRO D 268 31.93 42.00 25.21
C PRO D 268 30.57 42.62 25.58
N GLY D 269 29.69 42.78 24.60
CA GLY D 269 28.32 43.28 24.81
C GLY D 269 27.43 42.28 25.54
N GLY D 270 27.85 41.01 25.52
CA GLY D 270 27.16 39.90 26.16
C GLY D 270 25.86 39.57 25.49
N LEU D 271 24.79 39.65 26.27
CA LEU D 271 23.41 39.37 25.84
C LEU D 271 22.87 40.35 24.80
N VAL D 272 23.38 41.57 24.82
CA VAL D 272 23.03 42.56 23.82
C VAL D 272 23.58 42.15 22.46
N ASP D 273 24.89 41.87 22.41
CA ASP D 273 25.56 41.37 21.21
C ASP D 273 24.75 40.21 20.61
N PHE D 274 24.17 39.39 21.50
CA PHE D 274 23.30 38.27 21.13
C PHE D 274 22.04 38.82 20.47
N VAL D 275 21.35 39.76 21.14
CA VAL D 275 20.11 40.38 20.62
C VAL D 275 20.33 41.00 19.23
N LYS D 276 21.42 41.79 19.12
CA LYS D 276 21.82 42.38 17.86
C LYS D 276 21.98 41.31 16.80
N HIS D 277 22.63 40.20 17.18
CA HIS D 277 22.90 39.08 16.27
C HIS D 277 21.62 38.46 15.72
N ILE D 278 20.63 38.28 16.60
CA ILE D 278 19.31 37.78 16.23
C ILE D 278 18.62 38.71 15.24
N ASN D 279 18.51 39.98 15.63
CA ASN D 279 17.82 41.01 14.85
C ASN D 279 18.63 41.60 13.68
N ARG D 280 19.62 40.90 13.13
CA ARG D 280 20.33 41.50 12.01
C ARG D 280 19.54 41.35 10.72
N THR D 281 18.98 40.16 10.48
CA THR D 281 18.18 39.90 9.27
C THR D 281 16.76 40.47 9.41
N LYS D 282 16.24 40.48 10.62
CA LYS D 282 14.92 41.09 10.95
C LYS D 282 15.13 42.59 11.13
N ASN D 283 14.15 43.40 10.78
CA ASN D 283 14.36 44.83 10.88
C ASN D 283 13.92 45.33 12.24
N ALA D 284 14.88 45.78 13.05
CA ALA D 284 14.62 46.30 14.39
C ALA D 284 13.77 47.57 14.35
N ILE D 285 12.74 47.58 15.17
CA ILE D 285 11.74 48.63 15.25
C ILE D 285 12.24 49.83 16.06
N HIS D 286 13.14 49.58 17.01
CA HIS D 286 13.68 50.64 17.86
C HIS D 286 15.18 50.50 18.08
N SER D 287 15.83 51.60 18.47
CA SER D 287 17.28 51.67 18.64
C SER D 287 17.75 51.20 20.00
N SER D 288 17.07 51.63 21.07
CA SER D 288 17.46 51.28 22.45
C SER D 288 17.18 49.81 22.79
N ILE D 289 18.24 49.02 22.93
CA ILE D 289 18.13 47.60 23.28
C ILE D 289 17.99 47.47 24.80
N VAL D 290 16.90 46.87 25.25
CA VAL D 290 16.65 46.70 26.68
C VAL D 290 17.66 45.77 27.31
N ASP D 291 18.13 46.16 28.49
CA ASP D 291 19.08 45.33 29.20
C ASP D 291 18.86 45.37 30.71
N PHE D 292 19.20 44.30 31.42
CA PHE D 292 19.21 44.35 32.88
C PHE D 292 19.61 43.05 33.56
N SER D 293 19.65 43.11 34.89
CA SER D 293 20.21 42.04 35.71
C SER D 293 19.47 41.97 37.03
N GLY D 294 19.63 40.86 37.74
CA GLY D 294 19.08 40.68 39.09
C GLY D 294 19.79 39.56 39.83
N LYS D 295 20.02 39.72 41.12
CA LYS D 295 20.62 38.62 41.91
C LYS D 295 19.69 38.24 43.05
N GLY D 296 19.59 36.93 43.30
CA GLY D 296 18.74 36.39 44.36
C GLY D 296 19.51 35.46 45.28
N THR D 297 18.81 34.54 45.94
CA THR D 297 19.38 33.58 46.88
C THR D 297 20.31 32.63 46.12
N GLY D 298 19.74 31.68 45.40
CA GLY D 298 20.51 30.75 44.58
C GLY D 298 20.54 31.21 43.14
N HIS D 299 19.44 31.80 42.72
CA HIS D 299 19.26 32.30 41.39
C HIS D 299 19.90 33.66 41.18
N GLU D 300 20.03 33.99 39.90
CA GLU D 300 20.57 35.23 39.38
C GLU D 300 20.06 35.29 37.92
N VAL D 301 19.69 36.46 37.43
CA VAL D 301 19.11 36.58 36.07
C VAL D 301 19.75 37.70 35.29
N GLU D 302 19.72 37.57 33.96
CA GLU D 302 20.22 38.60 33.05
C GLU D 302 19.36 38.58 31.81
N ILE D 303 18.76 39.72 31.48
CA ILE D 303 17.84 39.81 30.36
C ILE D 303 18.20 40.92 29.36
N ALA D 304 17.97 40.68 28.08
CA ALA D 304 18.12 41.69 27.05
C ALA D 304 17.06 41.47 25.98
N MET D 305 16.57 42.56 25.38
CA MET D 305 15.49 42.47 24.37
C MET D 305 15.35 43.72 23.46
N GLN D 306 14.86 43.49 22.24
CA GLN D 306 14.59 44.53 21.23
C GLN D 306 13.55 44.03 20.22
N TRP D 307 12.49 44.82 19.94
CA TRP D 307 11.43 44.44 18.98
C TRP D 307 11.84 44.66 17.51
N ASN D 308 11.27 43.83 16.62
CA ASN D 308 11.51 43.87 15.17
C ASN D 308 10.20 43.84 14.38
N ALA D 309 10.22 44.33 13.14
CA ALA D 309 9.02 44.40 12.32
C ALA D 309 8.33 43.07 12.08
N GLY D 310 8.59 42.09 12.93
CA GLY D 310 8.21 40.71 12.69
C GLY D 310 6.81 40.31 13.05
N TYR D 311 6.36 39.15 12.57
CA TYR D 311 5.08 38.56 12.97
C TYR D 311 5.17 37.48 14.01
N SER D 312 6.37 37.22 14.51
CA SER D 312 6.57 36.23 15.57
C SER D 312 7.68 36.63 16.52
N GLU D 313 7.75 35.94 17.63
CA GLU D 313 8.78 36.18 18.63
C GLU D 313 10.02 35.31 18.39
N SER D 314 11.17 35.81 18.85
CA SER D 314 12.43 35.08 18.89
C SER D 314 13.07 35.24 20.27
N VAL D 315 12.57 34.49 21.23
CA VAL D 315 13.03 34.56 22.62
C VAL D 315 13.89 33.31 22.91
N HIS D 316 15.16 33.49 23.24
CA HIS D 316 16.07 32.37 23.53
C HIS D 316 16.33 32.28 25.00
N THR D 317 16.07 31.12 25.59
CA THR D 317 16.23 31.04 27.04
C THR D 317 17.32 30.07 27.44
N PHE D 318 17.93 30.37 28.57
CA PHE D 318 19.02 29.58 29.14
C PHE D 318 18.91 29.47 30.65
N ALA D 319 19.52 28.39 31.16
CA ALA D 319 19.66 28.12 32.59
C ALA D 319 21.03 27.47 32.75
N ASN D 320 21.95 28.15 33.43
CA ASN D 320 23.32 27.68 33.58
C ASN D 320 23.97 27.30 32.25
N THR D 321 23.85 28.19 31.27
CA THR D 321 24.34 28.02 29.88
C THR D 321 23.65 26.92 29.10
N ILE D 322 22.73 26.21 29.75
CA ILE D 322 21.96 25.18 29.05
C ILE D 322 20.82 25.88 28.33
N ASN D 323 20.65 25.56 27.05
CA ASN D 323 19.62 26.21 26.26
C ASN D 323 18.33 25.45 26.38
N THR D 324 17.35 26.05 27.04
CA THR D 324 16.07 25.41 27.25
C THR D 324 15.11 25.74 26.11
N HIS D 325 15.02 24.83 25.14
CA HIS D 325 14.17 25.07 24.00
C HIS D 325 12.72 25.05 24.44
N GLU D 326 12.41 24.13 25.36
CA GLU D 326 11.05 23.96 25.84
C GLU D 326 10.62 25.16 26.64
N GLY D 327 11.57 25.76 27.35
CA GLY D 327 11.32 26.97 28.14
C GLY D 327 11.30 26.56 29.58
N GLY D 328 10.72 27.40 30.41
CA GLY D 328 10.58 27.08 31.82
C GLY D 328 10.02 28.19 32.69
N THR D 329 10.16 27.99 33.99
CA THR D 329 9.69 28.93 35.00
C THR D 329 10.32 30.31 34.79
N HIS D 330 11.55 30.34 34.29
CA HIS D 330 12.19 31.60 33.99
C HIS D 330 11.50 32.34 32.83
N GLU D 331 11.09 31.60 31.80
CA GLU D 331 10.37 32.17 30.65
C GLU D 331 9.00 32.68 31.07
N GLU D 332 8.26 31.87 31.84
CA GLU D 332 6.92 32.25 32.31
C GLU D 332 6.91 33.46 33.23
N GLY D 333 7.87 33.54 34.13
CA GLY D 333 8.02 34.69 35.00
C GLY D 333 8.26 35.97 34.20
N PHE D 334 9.12 35.87 33.20
CA PHE D 334 9.43 36.97 32.29
C PHE D 334 8.19 37.42 31.52
N ARG D 335 7.44 36.47 30.98
CA ARG D 335 6.28 36.77 30.16
C ARG D 335 5.22 37.50 30.94
N SER D 336 4.84 36.93 32.09
CA SER D 336 3.83 37.51 32.99
C SER D 336 4.20 38.91 33.50
N ALA D 337 5.51 39.18 33.62
CA ALA D 337 5.99 40.49 34.00
C ALA D 337 5.85 41.49 32.83
N LEU D 338 6.32 41.08 31.66
CA LEU D 338 6.26 41.87 30.44
C LEU D 338 4.82 42.18 30.04
N THR D 339 3.93 41.20 30.16
CA THR D 339 2.51 41.36 29.82
C THR D 339 1.91 42.44 30.72
N SER D 340 2.24 42.40 32.01
CA SER D 340 1.78 43.34 33.02
C SER D 340 2.32 44.75 32.78
N VAL D 341 3.65 44.88 32.73
CA VAL D 341 4.33 46.18 32.56
C VAL D 341 3.81 46.96 31.33
N VAL D 342 3.76 46.31 30.17
CA VAL D 342 3.21 46.90 28.93
C VAL D 342 1.77 47.37 29.13
N ASN D 343 0.92 46.51 29.69
CA ASN D 343 -0.47 46.85 29.94
C ASN D 343 -0.65 48.07 30.88
N LYS D 344 0.06 48.09 32.01
CA LYS D 344 -0.02 49.23 32.94
C LYS D 344 0.48 50.53 32.29
N TYR D 345 1.64 50.46 31.63
CA TYR D 345 2.22 51.63 30.96
C TYR D 345 1.28 52.20 29.91
N ALA D 346 0.69 51.31 29.11
CA ALA D 346 -0.17 51.74 28.02
C ALA D 346 -1.39 52.50 28.55
N LYS D 347 -2.01 51.99 29.62
CA LYS D 347 -3.17 52.64 30.21
C LYS D 347 -2.88 54.05 30.76
N ASP D 348 -1.79 54.19 31.51
CA ASP D 348 -1.42 55.49 32.07
C ASP D 348 -1.09 56.48 30.95
N ARG D 349 -0.39 56.00 29.95
CA ARG D 349 -0.09 56.79 28.77
C ARG D 349 -1.37 57.05 28.00
N LYS D 350 -2.35 56.17 28.17
CA LYS D 350 -3.66 56.30 27.53
C LYS D 350 -3.59 55.87 26.09
N LEU D 351 -2.47 55.27 25.71
CA LEU D 351 -2.34 54.73 24.38
C LEU D 351 -3.34 53.59 24.21
N LEU D 352 -3.53 52.80 25.27
CA LEU D 352 -4.55 51.76 25.30
C LEU D 352 -5.58 52.04 26.38
N ASP D 356 -10.30 49.66 24.39
CA ASP D 356 -10.17 49.62 25.84
C ASP D 356 -10.14 48.18 26.36
N PRO D 357 -9.54 47.27 25.58
CA PRO D 357 -9.43 45.85 25.96
C PRO D 357 -7.98 45.47 26.20
N ASN D 358 -7.74 44.80 27.32
CA ASN D 358 -6.38 44.42 27.73
C ASN D 358 -5.62 43.69 26.66
N LEU D 359 -4.38 44.12 26.46
CA LEU D 359 -3.51 43.54 25.42
C LEU D 359 -3.07 42.13 25.79
N THR D 360 -3.12 41.24 24.81
CA THR D 360 -2.71 39.86 25.01
C THR D 360 -1.19 39.84 25.02
N GLY D 361 -0.63 38.88 25.75
CA GLY D 361 0.81 38.70 25.78
C GLY D 361 1.39 38.44 24.40
N ASP D 362 0.72 37.60 23.62
CA ASP D 362 1.21 37.20 22.30
C ASP D 362 1.41 38.41 21.42
N ASP D 363 0.43 39.31 21.45
CA ASP D 363 0.51 40.54 20.68
C ASP D 363 1.69 41.39 21.13
N ILE D 364 1.92 41.44 22.45
CA ILE D 364 3.06 42.17 23.02
C ILE D 364 4.36 41.59 22.50
N ARG D 365 4.41 40.26 22.39
CA ARG D 365 5.64 39.58 21.93
C ARG D 365 5.74 39.45 20.41
N GLU D 366 4.76 39.85 19.62
CA GLU D 366 4.92 39.68 18.18
C GLU D 366 6.11 40.51 17.85
N GLY D 367 7.10 39.91 17.23
CA GLY D 367 8.22 40.66 16.75
C GLY D 367 9.17 41.03 17.85
N LEU D 368 9.11 40.31 18.95
CA LEU D 368 10.08 40.52 20.04
C LEU D 368 11.27 39.55 19.93
N ALA D 369 12.49 40.08 20.00
CA ALA D 369 13.71 39.27 20.10
C ALA D 369 14.27 39.49 21.50
N ALA D 370 14.46 38.39 22.24
CA ALA D 370 14.88 38.44 23.64
C ALA D 370 15.82 37.29 23.98
N VAL D 371 16.64 37.47 25.03
CA VAL D 371 17.47 36.39 25.59
C VAL D 371 17.40 36.40 27.14
N ILE D 372 16.92 35.31 27.73
CA ILE D 372 16.86 35.17 29.18
C ILE D 372 17.97 34.21 29.63
N SER D 373 18.80 34.67 30.56
CA SER D 373 19.84 33.82 31.10
C SER D 373 19.80 33.77 32.64
N VAL D 374 19.23 32.70 33.20
CA VAL D 374 19.22 32.46 34.66
C VAL D 374 20.36 31.54 35.08
N LYS D 375 20.99 31.89 36.20
CA LYS D 375 22.01 31.06 36.87
C LYS D 375 21.38 30.56 38.14
N VAL D 376 21.03 29.28 38.18
CA VAL D 376 20.35 28.68 39.33
C VAL D 376 21.34 27.77 40.06
N SER D 377 21.37 27.86 41.38
CA SER D 377 22.30 27.06 42.22
C SER D 377 22.03 25.55 42.20
N GLU D 378 20.77 25.16 42.36
CA GLU D 378 20.34 23.76 42.24
C GLU D 378 19.14 23.63 41.26
N PRO D 379 19.44 23.51 39.94
CA PRO D 379 18.36 23.49 38.95
C PRO D 379 17.62 22.17 38.91
N GLN D 380 16.46 22.19 38.29
CA GLN D 380 15.70 20.99 38.04
C GLN D 380 14.90 21.18 36.74
N PHE D 381 15.12 20.27 35.79
CA PHE D 381 14.42 20.32 34.50
C PHE D 381 13.30 19.32 34.34
N GLU D 382 12.12 19.84 34.07
CA GLU D 382 10.90 19.03 34.00
C GLU D 382 10.72 18.43 32.61
N GLY D 383 11.36 19.05 31.61
CA GLY D 383 11.19 18.61 30.21
C GLY D 383 11.51 17.16 29.91
N GLN D 384 10.71 16.51 29.05
CA GLN D 384 11.06 15.15 28.59
C GLN D 384 12.38 15.18 27.81
N THR D 385 12.54 16.22 27.02
CA THR D 385 13.81 16.57 26.40
C THR D 385 14.85 16.84 27.51
N LYS D 386 14.38 17.39 28.64
CA LYS D 386 15.18 17.87 29.78
C LYS D 386 15.51 19.34 29.56
N THR D 387 14.99 19.88 28.48
CA THR D 387 15.30 21.26 28.18
C THR D 387 14.52 22.22 29.08
N LYS D 388 13.34 21.83 29.53
CA LYS D 388 12.48 22.72 30.36
C LYS D 388 12.98 22.93 31.79
N LEU D 389 12.90 24.16 32.31
CA LEU D 389 13.24 24.44 33.69
C LEU D 389 12.04 24.32 34.58
N GLY D 390 12.19 23.73 35.76
CA GLY D 390 11.02 23.50 36.61
C GLY D 390 11.01 24.16 37.98
N ASN D 391 11.98 25.02 38.24
CA ASN D 391 12.11 25.65 39.55
C ASN D 391 11.05 26.73 39.76
N THR D 392 10.07 26.45 40.63
CA THR D 392 8.99 27.38 40.98
C THR D 392 9.57 28.69 41.53
N GLU D 393 10.56 28.54 42.41
CA GLU D 393 11.37 29.62 43.01
C GLU D 393 11.88 30.67 41.99
N VAL D 394 12.17 30.24 40.76
CA VAL D 394 12.76 31.09 39.72
C VAL D 394 11.70 31.94 39.02
N LYS D 395 10.51 31.38 38.83
CA LYS D 395 9.39 32.08 38.19
C LYS D 395 9.12 33.40 38.88
N SER D 396 8.99 33.37 40.21
CA SER D 396 8.72 34.57 41.02
C SER D 396 9.91 35.53 41.06
N PHE D 397 11.12 34.96 41.16
CA PHE D 397 12.37 35.73 41.11
C PHE D 397 12.44 36.61 39.85
N VAL D 398 12.41 35.97 38.68
CA VAL D 398 12.48 36.65 37.38
C VAL D 398 11.36 37.68 37.24
N GLN D 399 10.13 37.25 37.54
CA GLN D 399 8.95 38.11 37.48
C GLN D 399 9.17 39.43 38.20
N LYS D 400 9.69 39.38 39.43
CA LYS D 400 9.96 40.57 40.23
C LYS D 400 11.09 41.43 39.65
N VAL D 401 12.16 40.79 39.17
CA VAL D 401 13.29 41.51 38.54
C VAL D 401 12.79 42.23 37.29
N CYS D 402 12.05 41.50 36.45
CA CYS D 402 11.46 42.04 35.23
C CYS D 402 10.47 43.18 35.51
N ASN D 403 9.57 43.00 36.48
CA ASN D 403 8.58 44.03 36.86
C ASN D 403 9.24 45.36 37.22
N GLU D 404 10.27 45.32 38.06
CA GLU D 404 11.02 46.51 38.45
C GLU D 404 11.80 47.18 37.31
N GLN D 405 12.64 46.40 36.63
CA GLN D 405 13.55 46.91 35.60
C GLN D 405 12.88 47.27 34.28
N LEU D 406 11.81 46.55 33.91
CA LEU D 406 11.09 46.85 32.66
C LEU D 406 10.32 48.16 32.78
N THR D 407 9.82 48.44 33.98
CA THR D 407 9.16 49.69 34.30
C THR D 407 10.16 50.85 34.11
N HIS D 408 11.38 50.69 34.63
CA HIS D 408 12.42 51.72 34.54
C HIS D 408 12.83 52.01 33.11
N TRP D 409 12.80 51.00 32.24
CA TRP D 409 13.14 51.18 30.83
C TRP D 409 12.01 51.90 30.07
N PHE D 410 10.78 51.42 30.29
CA PHE D 410 9.58 51.98 29.67
C PHE D 410 9.33 53.43 30.04
N GLU D 411 9.69 53.79 31.28
CA GLU D 411 9.60 55.17 31.75
C GLU D 411 10.67 56.02 31.09
N ALA D 412 11.91 55.51 31.02
CA ALA D 412 13.08 56.22 30.51
C ALA D 412 13.19 56.34 28.99
N ASN D 413 12.61 55.40 28.25
CA ASN D 413 12.61 55.44 26.79
C ASN D 413 11.19 55.55 26.22
N PRO D 414 10.61 56.77 26.26
CA PRO D 414 9.21 56.90 25.82
C PRO D 414 9.05 56.81 24.32
N THR D 415 10.09 57.15 23.55
CA THR D 415 10.10 57.04 22.10
C THR D 415 9.85 55.58 21.70
N ASP D 416 10.79 54.72 22.10
CA ASP D 416 10.77 53.27 21.87
C ASP D 416 9.50 52.66 22.48
N ALA D 417 9.20 53.02 23.72
CA ALA D 417 8.02 52.52 24.47
C ALA D 417 6.74 52.69 23.67
N LYS D 418 6.59 53.82 23.00
CA LYS D 418 5.42 54.07 22.17
C LYS D 418 5.39 53.19 20.91
N VAL D 419 6.55 52.90 20.32
CA VAL D 419 6.63 52.04 19.12
C VAL D 419 6.20 50.61 19.44
N VAL D 420 6.78 50.09 20.53
CA VAL D 420 6.47 48.74 21.02
C VAL D 420 4.98 48.59 21.35
N VAL D 421 4.37 49.60 22.00
CA VAL D 421 2.94 49.59 22.35
C VAL D 421 2.09 49.59 21.08
N ASN D 422 2.49 50.39 20.10
CA ASN D 422 1.78 50.45 18.83
C ASN D 422 1.93 49.16 18.05
N LYS D 423 3.07 48.49 18.19
CA LYS D 423 3.27 47.19 17.56
C LYS D 423 2.34 46.15 18.17
N ALA D 424 2.17 46.18 19.49
CA ALA D 424 1.23 45.29 20.18
C ALA D 424 -0.22 45.55 19.74
N VAL D 425 -0.59 46.83 19.63
CA VAL D 425 -1.93 47.21 19.18
C VAL D 425 -2.13 46.76 17.73
N SER D 426 -1.13 46.99 16.87
CA SER D 426 -1.17 46.57 15.46
C SER D 426 -1.43 45.06 15.38
N SER D 427 -0.65 44.28 16.13
CA SER D 427 -0.80 42.83 16.25
C SER D 427 -2.24 42.41 16.58
N ALA D 428 -2.83 43.06 17.59
CA ALA D 428 -4.19 42.80 18.06
C ALA D 428 -5.23 43.15 17.00
N GLN D 429 -5.02 44.26 16.26
CA GLN D 429 -5.89 44.72 15.19
C GLN D 429 -5.81 43.81 13.96
N ALA D 430 -4.62 43.23 13.71
CA ALA D 430 -4.36 42.30 12.59
C ALA D 430 -5.13 40.99 12.76
N ARG D 431 -5.30 40.55 14.03
CA ARG D 431 -6.03 39.34 14.42
C ARG D 431 -7.53 39.52 14.18
N ILE D 432 -8.06 40.72 14.52
CA ILE D 432 -9.48 41.11 14.37
C ILE D 432 -9.82 41.29 12.87
N ALA D 433 -8.87 41.89 12.10
CA ALA D 433 -9.00 42.13 10.66
C ALA D 433 -9.17 40.83 9.87
N ALA D 434 -8.49 39.75 10.32
CA ALA D 434 -8.56 38.42 9.70
C ALA D 434 -9.89 37.73 10.03
N ARG D 435 -10.43 37.98 11.25
CA ARG D 435 -11.69 37.43 11.74
C ARG D 435 -12.90 37.99 11.00
N LYS D 436 -12.91 39.33 10.78
CA LYS D 436 -13.98 40.04 10.07
C LYS D 436 -14.00 39.68 8.59
N ALA D 437 -12.83 39.72 7.92
CA ALA D 437 -12.67 39.39 6.51
C ALA D 437 -12.31 37.91 6.33
N LEU E 37 -3.17 14.65 14.34
CA LEU E 37 -1.68 14.63 14.37
C LEU E 37 -1.17 13.88 15.59
N GLU E 38 -2.09 13.23 16.29
CA GLU E 38 -1.79 12.51 17.53
C GLU E 38 -0.92 11.30 17.26
N ALA E 39 -1.36 10.44 16.35
CA ALA E 39 -0.63 9.23 15.95
C ALA E 39 0.73 9.50 15.29
N VAL E 40 0.87 10.67 14.68
CA VAL E 40 2.11 11.05 14.02
C VAL E 40 3.21 11.23 15.06
N ARG E 41 2.90 11.93 16.13
CA ARG E 41 3.86 12.18 17.19
C ARG E 41 4.21 10.91 17.93
N LYS E 42 3.23 10.02 18.08
CA LYS E 42 3.42 8.73 18.77
C LYS E 42 4.28 7.74 17.95
N ARG E 43 3.98 7.59 16.66
CA ARG E 43 4.78 6.75 15.76
C ARG E 43 5.34 7.57 14.58
N PRO E 44 6.44 8.33 14.80
CA PRO E 44 6.91 9.22 13.73
C PRO E 44 7.41 8.51 12.46
N GLY E 45 8.25 7.50 12.62
CA GLY E 45 8.80 6.73 11.50
C GLY E 45 7.76 6.06 10.62
N MET E 46 6.58 5.80 11.20
CA MET E 46 5.44 5.23 10.49
C MET E 46 4.84 6.21 9.48
N TYR E 47 5.04 7.52 9.72
CA TYR E 47 4.51 8.59 8.87
C TYR E 47 5.58 9.27 8.02
N ILE E 48 6.66 9.71 8.65
CA ILE E 48 7.81 10.21 7.92
C ILE E 48 8.67 8.98 7.59
N GLY E 49 9.80 9.15 6.90
CA GLY E 49 10.69 8.01 6.60
C GLY E 49 11.16 7.21 7.82
N SER E 50 11.91 7.87 8.69
CA SER E 50 12.50 7.33 9.91
C SER E 50 12.72 8.52 10.87
N THR E 51 13.50 8.33 11.93
CA THR E 51 13.80 9.45 12.84
C THR E 51 15.24 9.95 12.69
N GLY E 52 15.94 9.47 11.66
CA GLY E 52 17.32 9.86 11.43
C GLY E 52 17.40 10.81 10.27
N GLU E 53 18.57 10.86 9.63
CA GLU E 53 18.84 11.80 8.53
C GLU E 53 17.79 11.78 7.41
N ARG E 54 17.34 10.57 7.05
CA ARG E 54 16.36 10.37 5.97
C ARG E 54 15.00 11.03 6.25
N GLY E 55 14.38 10.66 7.37
CA GLY E 55 13.11 11.27 7.79
C GLY E 55 13.27 12.72 8.25
N LEU E 56 14.50 13.17 8.43
CA LEU E 56 14.76 14.57 8.80
C LEU E 56 14.78 15.40 7.56
N HIS E 57 15.37 14.93 6.48
CA HIS E 57 15.35 15.70 5.25
C HIS E 57 13.99 15.78 4.62
N HIS E 58 13.20 14.76 4.87
CA HIS E 58 11.89 14.62 4.32
C HIS E 58 11.04 15.74 4.79
N LEU E 59 11.44 16.41 5.84
CA LEU E 59 10.77 17.60 6.30
C LEU E 59 10.88 18.70 5.26
N ILE E 60 12.05 18.85 4.68
CA ILE E 60 12.34 19.82 3.60
C ILE E 60 11.60 19.43 2.32
N TRP E 61 11.73 18.19 1.89
CA TRP E 61 11.08 17.69 0.67
C TRP E 61 9.58 17.94 0.70
N GLU E 62 8.89 17.50 1.75
CA GLU E 62 7.44 17.56 1.75
C GLU E 62 7.02 18.99 1.47
N VAL E 63 7.82 19.95 1.96
CA VAL E 63 7.54 21.36 1.76
C VAL E 63 7.93 21.81 0.38
N VAL E 64 9.20 21.69 0.05
CA VAL E 64 9.69 22.06 -1.26
C VAL E 64 8.85 21.43 -2.36
N ASP E 65 8.47 20.16 -2.17
CA ASP E 65 7.54 19.50 -3.07
C ASP E 65 6.28 20.34 -3.31
N ASN E 66 5.59 20.72 -2.22
CA ASN E 66 4.40 21.58 -2.34
C ASN E 66 4.70 22.82 -3.14
N ALA E 67 5.91 23.16 -3.21
CA ALA E 67 6.03 24.45 -3.70
C ALA E 67 6.40 24.38 -5.15
N VAL E 68 7.31 23.47 -5.45
CA VAL E 68 7.67 23.11 -6.82
C VAL E 68 6.39 22.77 -7.58
N ASP E 69 5.39 22.22 -6.88
CA ASP E 69 4.11 21.87 -7.52
C ASP E 69 3.51 23.06 -8.26
N GLU E 70 3.65 24.24 -7.68
CA GLU E 70 3.02 25.43 -8.23
C GLU E 70 3.78 25.95 -9.44
N ALA E 71 5.07 25.68 -9.48
CA ALA E 71 5.86 25.98 -10.67
C ALA E 71 5.49 25.00 -11.77
N MET E 72 5.25 23.76 -11.36
CA MET E 72 4.82 22.71 -12.26
C MET E 72 3.46 23.05 -12.85
N ALA E 73 2.59 23.66 -12.03
CA ALA E 73 1.26 24.14 -12.43
C ALA E 73 1.34 25.41 -13.28
N GLY E 74 2.49 26.06 -13.25
CA GLY E 74 2.76 27.26 -14.03
C GLY E 74 2.50 28.58 -13.35
N TYR E 75 2.52 28.61 -12.01
CA TYR E 75 2.26 29.84 -11.26
C TYR E 75 3.49 30.37 -10.50
N ALA E 76 4.34 29.47 -10.02
CA ALA E 76 5.61 29.88 -9.41
C ALA E 76 6.72 29.92 -10.47
N THR E 77 7.75 30.73 -10.20
CA THR E 77 8.86 30.86 -11.12
C THR E 77 10.21 30.79 -10.37
N THR E 78 10.12 30.99 -9.06
CA THR E 78 11.29 31.03 -8.17
C THR E 78 10.96 30.36 -6.83
N VAL E 79 11.78 29.40 -6.41
CA VAL E 79 11.69 28.79 -5.09
C VAL E 79 13.04 28.99 -4.37
N ASN E 80 12.99 29.56 -3.17
CA ASN E 80 14.19 29.85 -2.40
C ASN E 80 14.17 29.08 -1.11
N VAL E 81 15.25 28.33 -0.90
CA VAL E 81 15.41 27.47 0.27
C VAL E 81 16.54 28.05 1.11
N VAL E 82 16.32 28.18 2.43
CA VAL E 82 17.36 28.65 3.36
C VAL E 82 17.47 27.73 4.57
N LEU E 83 18.69 27.24 4.80
CA LEU E 83 18.98 26.47 6.00
C LEU E 83 19.44 27.48 7.04
N LEU E 84 18.53 27.85 7.93
CA LEU E 84 18.75 28.91 8.92
C LEU E 84 19.78 28.53 9.98
N GLU E 85 20.38 29.52 10.63
CA GLU E 85 21.43 29.27 11.65
C GLU E 85 20.90 28.54 12.88
N ASP E 86 19.68 28.86 13.31
CA ASP E 86 19.05 28.22 14.49
C ASP E 86 18.62 26.77 14.26
N GLY E 87 18.77 26.27 13.04
CA GLY E 87 18.36 24.90 12.73
C GLY E 87 17.10 24.83 11.89
N GLY E 88 16.46 25.97 11.67
CA GLY E 88 15.22 26.03 10.92
C GLY E 88 15.45 26.00 9.44
N VAL E 89 14.37 25.90 8.68
CA VAL E 89 14.39 25.90 7.21
C VAL E 89 13.31 26.85 6.69
N GLU E 90 13.68 27.75 5.77
CA GLU E 90 12.73 28.66 5.10
C GLU E 90 12.58 28.27 3.63
N VAL E 91 11.33 28.17 3.17
CA VAL E 91 11.02 27.84 1.77
C VAL E 91 10.01 28.83 1.20
N ALA E 92 10.50 29.71 0.34
CA ALA E 92 9.71 30.80 -0.21
C ALA E 92 9.50 30.67 -1.71
N ASP E 93 8.26 30.80 -2.14
CA ASP E 93 7.89 30.72 -3.53
C ASP E 93 7.08 31.95 -3.94
N ASP E 94 6.74 32.03 -5.22
CA ASP E 94 5.93 33.10 -5.75
C ASP E 94 4.70 32.53 -6.45
N GLY E 95 4.21 31.43 -5.90
CA GLY E 95 3.05 30.71 -6.43
C GLY E 95 1.74 31.45 -6.24
N ARG E 96 0.68 30.70 -5.96
CA ARG E 96 -0.63 31.29 -5.77
C ARG E 96 -0.85 31.55 -4.29
N GLY E 97 0.22 31.44 -3.52
CA GLY E 97 0.11 31.38 -2.06
C GLY E 97 -0.74 30.20 -1.62
N ILE E 98 -1.17 30.22 -0.36
CA ILE E 98 -1.92 29.11 0.20
C ILE E 98 -3.31 29.59 0.64
N PRO E 99 -4.37 28.87 0.21
CA PRO E 99 -5.76 29.17 0.54
C PRO E 99 -5.96 29.52 2.01
N VAL E 100 -6.21 30.80 2.28
CA VAL E 100 -6.43 31.31 3.63
C VAL E 100 -7.92 31.36 3.99
N ALA E 101 -8.79 31.41 2.96
CA ALA E 101 -10.26 31.45 3.12
C ALA E 101 -10.79 30.33 4.02
N THR E 102 -11.90 30.58 4.71
CA THR E 102 -12.50 29.61 5.62
C THR E 102 -12.93 28.35 4.88
N HIS E 103 -12.49 27.22 5.41
CA HIS E 103 -12.77 25.90 4.85
C HIS E 103 -14.12 25.41 5.36
N ALA E 104 -14.69 24.40 4.70
CA ALA E 104 -15.94 23.74 5.09
C ALA E 104 -15.98 23.40 6.59
N SER E 105 -14.82 23.04 7.15
CA SER E 105 -14.63 22.74 8.57
C SER E 105 -14.98 23.90 9.50
N GLY E 106 -14.78 25.12 9.03
CA GLY E 106 -14.99 26.32 9.84
C GLY E 106 -13.71 26.99 10.30
N ILE E 107 -12.60 26.26 10.16
CA ILE E 107 -11.24 26.73 10.45
C ILE E 107 -10.60 27.18 9.11
N PRO E 108 -9.64 28.14 9.11
CA PRO E 108 -9.06 28.56 7.81
C PRO E 108 -8.37 27.42 7.09
N THR E 109 -8.46 27.41 5.76
CA THR E 109 -7.91 26.34 4.92
C THR E 109 -6.44 26.03 5.22
N VAL E 110 -5.64 27.05 5.54
CA VAL E 110 -4.23 26.87 5.96
C VAL E 110 -4.17 25.88 7.10
N ASP E 111 -4.96 26.15 8.16
CA ASP E 111 -5.03 25.30 9.35
C ASP E 111 -5.36 23.84 8.99
N VAL E 112 -6.27 23.63 8.04
CA VAL E 112 -6.62 22.28 7.60
C VAL E 112 -5.38 21.60 7.02
N VAL E 113 -4.77 22.24 6.04
CA VAL E 113 -3.55 21.74 5.41
C VAL E 113 -2.51 21.42 6.46
N MET E 114 -2.27 22.40 7.33
CA MET E 114 -1.20 22.32 8.31
C MET E 114 -1.49 21.48 9.57
N THR E 115 -2.75 21.18 9.89
CA THR E 115 -3.06 20.42 11.11
C THR E 115 -3.89 19.12 10.92
N GLN E 116 -4.11 18.69 9.67
CA GLN E 116 -4.87 17.45 9.41
C GLN E 116 -4.24 16.56 8.31
N LEU E 117 -4.51 15.26 8.33
CA LEU E 117 -3.93 14.33 7.35
C LEU E 117 -4.87 14.03 6.17
N GLY E 138 2.01 13.93 3.75
CA GLY E 138 1.28 15.17 4.04
C GLY E 138 2.19 16.21 4.68
N VAL E 139 1.94 17.48 4.42
CA VAL E 139 2.80 18.56 4.91
C VAL E 139 2.55 18.78 6.40
N SER E 140 1.30 18.60 6.79
CA SER E 140 0.88 18.63 8.18
C SER E 140 1.87 17.86 9.03
N VAL E 141 2.42 16.77 8.47
CA VAL E 141 3.44 15.97 9.15
C VAL E 141 4.66 16.82 9.53
N VAL E 142 4.99 17.83 8.71
CA VAL E 142 6.06 18.77 9.05
C VAL E 142 5.65 19.59 10.29
N ASN E 143 4.46 20.19 10.27
CA ASN E 143 3.96 20.92 11.44
C ASN E 143 3.93 20.06 12.71
N ALA E 144 3.54 18.80 12.55
CA ALA E 144 3.39 17.87 13.67
C ALA E 144 4.72 17.51 14.30
N LEU E 145 5.77 17.43 13.47
CA LEU E 145 7.08 17.04 13.97
C LEU E 145 8.05 18.23 14.12
N SER E 146 7.51 19.45 14.09
CA SER E 146 8.27 20.66 14.32
C SER E 146 7.85 21.34 15.62
N THR E 147 8.83 21.89 16.35
CA THR E 147 8.57 22.68 17.55
C THR E 147 7.76 23.93 17.16
N ARG E 148 7.99 24.44 15.95
CA ARG E 148 7.28 25.59 15.40
C ARG E 148 7.23 25.57 13.85
N LEU E 149 6.10 26.01 13.31
CA LEU E 149 5.93 26.25 11.87
C LEU E 149 5.31 27.64 11.64
N GLU E 150 5.88 28.46 10.78
CA GLU E 150 5.32 29.76 10.42
C GLU E 150 4.97 29.88 8.94
N VAL E 151 3.90 30.59 8.62
CA VAL E 151 3.48 30.79 7.24
C VAL E 151 3.33 32.27 6.96
N GLU E 152 3.76 32.72 5.79
CA GLU E 152 3.61 34.09 5.39
C GLU E 152 3.08 34.05 4.00
N ILE E 153 1.76 34.18 3.86
CA ILE E 153 1.04 34.00 2.62
C ILE E 153 0.65 35.36 2.09
N LYS E 154 0.95 35.59 0.82
CA LYS E 154 0.46 36.75 0.10
C LYS E 154 -0.56 36.24 -0.90
N ARG E 155 -1.83 36.42 -0.53
CA ARG E 155 -2.97 35.89 -1.27
C ARG E 155 -4.19 36.74 -0.96
N ASP E 156 -5.17 36.71 -1.88
CA ASP E 156 -6.47 37.40 -1.75
C ASP E 156 -6.33 38.88 -1.37
N GLY E 157 -5.28 39.50 -1.90
CA GLY E 157 -5.04 40.93 -1.75
C GLY E 157 -4.43 41.41 -0.44
N TYR E 158 -3.93 40.49 0.37
CA TYR E 158 -3.32 40.83 1.65
C TYR E 158 -2.14 39.91 2.03
N GLU E 159 -1.34 40.41 2.97
CA GLU E 159 -0.29 39.63 3.63
C GLU E 159 -0.94 38.94 4.83
N TRP E 160 -0.69 37.64 4.93
CA TRP E 160 -1.22 36.82 6.02
C TRP E 160 -0.07 36.11 6.74
N SER E 161 -0.16 36.03 8.06
CA SER E 161 0.81 35.34 8.90
C SER E 161 0.14 34.44 9.89
N GLN E 162 0.69 33.28 10.11
CA GLN E 162 0.17 32.31 11.08
C GLN E 162 1.35 31.57 11.68
N VAL E 163 1.35 31.41 12.99
CA VAL E 163 2.41 30.69 13.69
C VAL E 163 1.81 29.51 14.43
N TYR E 164 2.33 28.32 14.17
CA TYR E 164 1.87 27.10 14.83
C TYR E 164 2.92 26.78 15.86
N GLU E 165 2.53 26.89 17.13
CA GLU E 165 3.45 26.61 18.20
C GLU E 165 3.12 25.21 18.69
N LYS E 166 4.08 24.30 18.49
CA LYS E 166 3.95 22.87 18.78
C LYS E 166 2.66 22.35 18.18
N SER E 167 2.54 22.55 16.86
CA SER E 167 1.41 22.13 16.00
C SER E 167 0.07 22.83 16.27
N GLU E 168 0.04 23.77 17.19
CA GLU E 168 -1.22 24.44 17.51
C GLU E 168 -1.24 25.84 16.92
N PRO E 169 -2.29 26.15 16.13
CA PRO E 169 -2.36 27.48 15.52
C PRO E 169 -2.52 28.57 16.57
N LEU E 170 -1.83 29.69 16.39
CA LEU E 170 -1.91 30.80 17.32
C LEU E 170 -2.86 31.91 16.85
N GLY E 171 -3.38 31.77 15.63
CA GLY E 171 -4.27 32.77 15.09
C GLY E 171 -3.74 33.48 13.87
N LEU E 172 -4.49 33.34 12.78
CA LEU E 172 -4.21 33.97 11.49
C LEU E 172 -4.28 35.49 11.61
N LYS E 173 -3.29 36.16 11.06
CA LYS E 173 -3.26 37.60 11.07
C LYS E 173 -3.27 38.13 9.67
N GLN E 174 -4.16 39.10 9.44
CA GLN E 174 -4.25 39.79 8.16
C GLN E 174 -3.51 41.12 8.30
N GLY E 175 -2.63 41.40 7.35
CA GLY E 175 -1.82 42.60 7.42
C GLY E 175 -2.05 43.59 6.29
N ALA E 176 -0.96 44.16 5.80
CA ALA E 176 -0.96 45.11 4.67
C ALA E 176 -1.53 44.51 3.40
N PRO E 177 -2.18 45.35 2.58
CA PRO E 177 -2.66 44.87 1.30
C PRO E 177 -1.50 44.68 0.32
N THR E 178 -1.61 43.71 -0.60
CA THR E 178 -0.56 43.44 -1.61
C THR E 178 -1.19 42.74 -2.80
N LYS E 179 -0.82 43.19 -4.00
CA LYS E 179 -1.30 42.55 -5.22
C LYS E 179 -0.50 41.28 -5.55
N LYS E 180 0.57 41.03 -4.80
CA LYS E 180 1.44 39.86 -4.99
C LYS E 180 0.79 38.55 -4.53
N THR E 181 1.34 37.45 -5.03
CA THR E 181 1.00 36.09 -4.59
C THR E 181 2.27 35.29 -4.23
N GLY E 182 2.13 34.36 -3.30
CA GLY E 182 3.23 33.51 -2.87
C GLY E 182 3.12 33.06 -1.43
N SER E 183 3.96 32.11 -1.08
CA SER E 183 4.03 31.63 0.29
C SER E 183 5.46 31.70 0.83
N THR E 184 5.59 31.45 2.12
CA THR E 184 6.88 31.34 2.79
C THR E 184 6.59 30.47 4.01
N VAL E 185 7.28 29.33 4.06
CA VAL E 185 7.09 28.36 5.11
C VAL E 185 8.40 28.23 5.87
N ARG E 186 8.32 28.34 7.19
CA ARG E 186 9.46 28.24 8.08
C ARG E 186 9.16 27.22 9.13
N PHE E 187 10.09 26.28 9.35
CA PHE E 187 9.88 25.22 10.34
C PHE E 187 11.14 24.84 11.10
N TRP E 188 10.93 24.35 12.32
CA TRP E 188 12.02 23.95 13.19
C TRP E 188 11.77 22.52 13.69
N ALA E 189 12.47 21.55 13.12
CA ALA E 189 12.40 20.14 13.53
C ALA E 189 12.61 19.94 15.03
N ASP E 190 11.76 19.09 15.61
CA ASP E 190 11.75 18.76 17.04
C ASP E 190 12.88 17.79 17.34
N PRO E 191 13.83 18.20 18.21
CA PRO E 191 14.94 17.35 18.64
C PRO E 191 14.48 16.14 19.41
N ALA E 192 13.30 16.24 20.04
CA ALA E 192 12.72 15.11 20.74
C ALA E 192 12.37 13.97 19.80
N VAL E 193 11.91 14.31 18.61
CA VAL E 193 11.47 13.32 17.63
C VAL E 193 12.63 12.80 16.78
N PHE E 194 13.55 13.67 16.40
CA PHE E 194 14.63 13.27 15.51
C PHE E 194 15.95 13.12 16.19
N GLU E 195 16.64 12.01 15.87
CA GLU E 195 17.96 11.66 16.39
C GLU E 195 19.02 12.70 16.01
N THR E 196 18.83 13.39 14.88
CA THR E 196 19.65 14.53 14.46
C THR E 196 18.76 15.67 13.93
N THR E 197 19.17 16.93 14.13
CA THR E 197 18.42 18.10 13.66
C THR E 197 19.32 18.96 12.73
N GLU E 198 20.47 18.40 12.37
CA GLU E 198 21.39 19.06 11.45
C GLU E 198 21.13 18.59 10.02
N TYR E 199 20.68 19.48 9.16
CA TYR E 199 20.49 19.12 7.77
C TYR E 199 21.83 19.07 7.04
N ASP E 200 21.93 18.19 6.03
CA ASP E 200 23.12 18.02 5.20
C ASP E 200 22.98 18.84 3.91
N PHE E 201 23.84 19.85 3.76
CA PHE E 201 23.77 20.75 2.60
C PHE E 201 23.81 19.99 1.27
N GLU E 202 24.74 19.03 1.17
CA GLU E 202 24.93 18.28 -0.06
C GLU E 202 23.73 17.46 -0.46
N THR E 203 23.14 16.72 0.49
CA THR E 203 21.94 15.93 0.15
C THR E 203 20.78 16.81 -0.40
N VAL E 204 20.68 18.04 0.13
CA VAL E 204 19.66 19.03 -0.26
C VAL E 204 20.01 19.63 -1.62
N ALA E 205 21.27 20.06 -1.79
CA ALA E 205 21.73 20.64 -3.04
C ALA E 205 21.47 19.70 -4.23
N ARG E 206 21.73 18.42 -4.00
CA ARG E 206 21.54 17.33 -4.98
C ARG E 206 20.11 17.31 -5.52
N ARG E 207 19.15 17.25 -4.60
CA ARG E 207 17.75 17.10 -4.96
C ARG E 207 17.18 18.32 -5.66
N LEU E 208 17.47 19.54 -5.17
CA LEU E 208 16.93 20.73 -5.83
C LEU E 208 17.51 20.89 -7.23
N GLN E 209 18.75 20.46 -7.41
CA GLN E 209 19.36 20.46 -8.72
C GLN E 209 18.55 19.60 -9.72
N GLU E 210 18.22 18.38 -9.31
CA GLU E 210 17.48 17.51 -10.21
C GLU E 210 16.04 17.99 -10.47
N MET E 211 15.47 18.76 -9.54
CA MET E 211 14.13 19.34 -9.70
C MET E 211 14.16 20.48 -10.71
N ALA E 212 15.27 21.23 -10.68
CA ALA E 212 15.51 22.36 -11.56
C ALA E 212 15.66 21.90 -13.01
N PHE E 213 16.23 20.71 -13.16
CA PHE E 213 16.42 20.02 -14.43
C PHE E 213 15.11 19.56 -15.03
N LEU E 214 14.09 19.35 -14.19
CA LEU E 214 12.79 18.81 -14.62
C LEU E 214 11.72 19.87 -14.88
N ASN E 215 11.87 21.04 -14.26
CA ASN E 215 11.02 22.18 -14.54
C ASN E 215 11.94 23.27 -15.07
N LYS E 216 12.00 23.42 -16.40
CA LYS E 216 12.96 24.34 -17.02
C LYS E 216 12.68 25.81 -16.74
N GLY E 217 11.41 26.16 -16.57
CA GLY E 217 11.00 27.53 -16.21
C GLY E 217 11.35 27.94 -14.79
N LEU E 218 11.70 26.97 -13.96
CA LEU E 218 11.95 27.15 -12.55
C LEU E 218 13.40 27.51 -12.22
N THR E 219 13.55 28.39 -11.22
CA THR E 219 14.81 28.81 -10.61
C THR E 219 14.74 28.49 -9.12
N ILE E 220 15.73 27.75 -8.64
CA ILE E 220 15.81 27.34 -7.24
C ILE E 220 17.12 27.87 -6.65
N ASN E 221 17.03 28.57 -5.51
CA ASN E 221 18.19 29.11 -4.83
C ASN E 221 18.32 28.49 -3.47
N LEU E 222 19.48 27.87 -3.20
CA LEU E 222 19.77 27.24 -1.92
C LEU E 222 20.80 28.10 -1.22
N THR E 223 20.57 28.37 0.05
CA THR E 223 21.51 29.15 0.83
C THR E 223 21.58 28.68 2.30
N ASP E 224 22.80 28.44 2.79
CA ASP E 224 23.05 27.93 4.15
C ASP E 224 23.60 29.04 5.05
N GLU E 225 22.95 29.24 6.20
CA GLU E 225 23.33 30.27 7.17
C GLU E 225 24.14 29.72 8.34
N ARG E 226 24.72 28.54 8.18
CA ARG E 226 25.57 27.91 9.22
C ARG E 226 27.04 27.80 8.79
N LYS E 261 27.05 30.45 2.52
CA LYS E 261 27.17 29.41 1.51
C LYS E 261 25.91 29.36 0.65
N SER E 262 26.08 29.35 -0.67
CA SER E 262 24.95 29.42 -1.60
C SER E 262 25.17 28.59 -2.86
N ARG E 263 24.06 28.16 -3.47
CA ARG E 263 24.03 27.52 -4.81
C ARG E 263 22.76 28.00 -5.54
N THR E 264 22.85 28.14 -6.86
CA THR E 264 21.68 28.54 -7.64
C THR E 264 21.44 27.54 -8.76
N PHE E 265 20.20 27.08 -8.95
CA PHE E 265 19.94 26.14 -10.03
C PHE E 265 18.83 26.64 -10.94
N HIS E 266 19.19 26.90 -12.20
CA HIS E 266 18.23 27.19 -13.25
C HIS E 266 18.78 26.58 -14.52
N TYR E 267 18.01 25.69 -15.13
CA TYR E 267 18.46 25.01 -16.33
C TYR E 267 17.42 25.16 -17.43
N PRO E 268 17.63 26.16 -18.34
CA PRO E 268 16.65 26.41 -19.41
C PRO E 268 16.53 25.28 -20.42
N GLY E 269 17.62 24.52 -20.61
CA GLY E 269 17.69 23.37 -21.51
C GLY E 269 16.88 22.20 -21.01
N GLY E 270 16.62 22.17 -19.70
CA GLY E 270 15.84 21.14 -19.03
C GLY E 270 16.51 19.79 -18.98
N LEU E 271 15.95 18.82 -19.72
CA LEU E 271 16.43 17.47 -19.76
C LEU E 271 17.74 17.34 -20.55
N VAL E 272 17.96 18.25 -21.51
CA VAL E 272 19.20 18.23 -22.29
C VAL E 272 20.35 18.69 -21.40
N ASP E 273 20.13 19.76 -20.63
CA ASP E 273 21.13 20.24 -19.67
C ASP E 273 21.47 19.11 -18.67
N PHE E 274 20.46 18.28 -18.34
CA PHE E 274 20.63 17.10 -17.49
C PHE E 274 21.53 16.09 -18.21
N VAL E 275 21.19 15.70 -19.45
CA VAL E 275 21.99 14.74 -20.23
C VAL E 275 23.45 15.19 -20.38
N LYS E 276 23.63 16.46 -20.75
CA LYS E 276 24.96 17.10 -20.84
C LYS E 276 25.73 16.93 -19.53
N HIS E 277 25.03 17.19 -18.42
CA HIS E 277 25.57 17.07 -17.08
C HIS E 277 26.08 15.65 -16.79
N ILE E 278 25.27 14.64 -17.15
CA ILE E 278 25.61 13.24 -16.94
C ILE E 278 26.88 12.88 -17.72
N ASN E 279 26.85 13.17 -19.01
CA ASN E 279 27.92 12.85 -19.93
C ASN E 279 29.10 13.84 -19.94
N ARG E 280 29.35 14.60 -18.89
CA ARG E 280 30.53 15.47 -18.97
C ARG E 280 31.84 14.70 -18.72
N THR E 281 31.83 13.84 -17.72
CA THR E 281 32.97 12.98 -17.36
C THR E 281 33.07 11.79 -18.32
N LYS E 282 31.93 11.31 -18.81
CA LYS E 282 31.90 10.24 -19.81
C LYS E 282 32.12 10.84 -21.19
N ASN E 283 32.77 10.12 -22.10
CA ASN E 283 33.02 10.73 -23.41
C ASN E 283 31.88 10.46 -24.34
N ALA E 284 31.15 11.50 -24.70
CA ALA E 284 30.00 11.36 -25.59
C ALA E 284 30.44 10.93 -26.98
N ILE E 285 29.76 9.91 -27.49
CA ILE E 285 30.03 9.24 -28.74
C ILE E 285 29.58 10.01 -30.00
N HIS E 286 28.48 10.77 -29.89
CA HIS E 286 27.89 11.58 -30.96
C HIS E 286 27.45 12.93 -30.43
N SER E 287 27.50 13.96 -31.26
CA SER E 287 27.19 15.35 -30.86
C SER E 287 25.70 15.67 -30.61
N SER E 288 24.80 15.19 -31.47
CA SER E 288 23.35 15.51 -31.39
C SER E 288 22.65 14.83 -30.22
N ILE E 289 22.21 15.60 -29.23
CA ILE E 289 21.44 15.05 -28.11
C ILE E 289 19.96 14.92 -28.46
N VAL E 290 19.39 13.72 -28.32
CA VAL E 290 17.98 13.44 -28.59
C VAL E 290 17.12 14.15 -27.53
N ASP E 291 16.02 14.79 -27.96
CA ASP E 291 15.06 15.47 -27.05
C ASP E 291 13.67 15.48 -27.68
N PHE E 292 12.68 14.92 -26.98
CA PHE E 292 11.30 14.88 -27.47
C PHE E 292 10.25 14.79 -26.37
N SER E 293 9.00 15.07 -26.74
CA SER E 293 7.89 15.09 -25.78
C SER E 293 6.69 14.34 -26.35
N GLY E 294 5.74 14.03 -25.47
CA GLY E 294 4.49 13.38 -25.83
C GLY E 294 3.39 13.69 -24.85
N LYS E 295 2.19 13.95 -25.37
CA LYS E 295 1.03 14.15 -24.52
C LYS E 295 -0.06 13.08 -24.77
N GLY E 296 -0.59 12.55 -23.67
CA GLY E 296 -1.69 11.57 -23.68
C GLY E 296 -2.85 12.10 -22.83
N THR E 297 -3.71 11.20 -22.34
CA THR E 297 -4.90 11.62 -21.59
C THR E 297 -4.49 12.21 -20.23
N GLY E 298 -4.09 11.34 -19.30
CA GLY E 298 -3.60 11.79 -17.99
C GLY E 298 -2.09 11.91 -17.97
N HIS E 299 -1.46 10.96 -18.68
CA HIS E 299 -0.04 10.91 -18.84
C HIS E 299 0.52 11.93 -19.83
N GLU E 300 1.82 12.18 -19.67
CA GLU E 300 2.63 13.11 -20.46
C GLU E 300 4.09 12.67 -20.24
N VAL E 301 4.92 12.74 -21.29
CA VAL E 301 6.31 12.29 -21.18
C VAL E 301 7.24 13.29 -21.85
N GLU E 302 8.49 13.31 -21.38
CA GLU E 302 9.54 14.17 -21.89
C GLU E 302 10.85 13.37 -21.77
N ILE E 303 11.53 13.15 -22.90
CA ILE E 303 12.75 12.33 -22.97
C ILE E 303 13.93 13.09 -23.57
N ALA E 304 15.15 12.75 -23.14
CA ALA E 304 16.43 13.25 -23.70
C ALA E 304 17.49 12.15 -23.50
N MET E 305 18.33 11.95 -24.51
CA MET E 305 19.36 10.88 -24.46
C MET E 305 20.56 11.14 -25.38
N GLN E 306 21.71 10.55 -25.03
CA GLN E 306 23.00 10.66 -25.75
C GLN E 306 23.93 9.52 -25.32
N TRP E 307 24.49 8.79 -26.29
CA TRP E 307 25.44 7.69 -26.04
C TRP E 307 26.85 8.20 -25.71
N ASN E 308 27.55 7.45 -24.84
CA ASN E 308 28.92 7.72 -24.40
C ASN E 308 29.79 6.45 -24.53
N ALA E 309 31.10 6.64 -24.51
CA ALA E 309 32.07 5.59 -24.73
C ALA E 309 32.18 4.54 -23.62
N GLY E 310 31.13 4.37 -22.83
CA GLY E 310 31.15 3.55 -21.63
C GLY E 310 30.67 2.17 -21.88
N TYR E 311 30.77 1.27 -20.93
CA TYR E 311 30.26 -0.08 -21.06
C TYR E 311 29.06 -0.34 -20.18
N SER E 312 28.40 0.72 -19.73
CA SER E 312 27.22 0.64 -18.87
C SER E 312 26.18 1.69 -19.25
N GLU E 313 24.93 1.54 -18.83
CA GLU E 313 23.94 2.60 -19.06
C GLU E 313 23.84 3.54 -17.87
N SER E 314 23.41 4.77 -18.13
CA SER E 314 23.06 5.76 -17.10
C SER E 314 21.70 6.40 -17.43
N VAL E 315 20.64 5.63 -17.18
CA VAL E 315 19.28 6.07 -17.47
C VAL E 315 18.57 6.49 -16.17
N HIS E 316 18.15 7.75 -16.07
CA HIS E 316 17.44 8.27 -14.89
C HIS E 316 15.96 8.47 -15.19
N THR E 317 15.12 7.85 -14.36
CA THR E 317 13.69 7.90 -14.59
C THR E 317 12.98 8.64 -13.48
N PHE E 318 11.94 9.35 -13.86
CA PHE E 318 11.15 10.18 -12.96
C PHE E 318 9.65 10.11 -13.31
N ALA E 319 8.84 10.21 -12.25
CA ALA E 319 7.39 10.26 -12.35
C ALA E 319 6.93 11.36 -11.41
N ASN E 320 6.36 12.42 -11.98
CA ASN E 320 5.94 13.60 -11.21
C ASN E 320 7.08 14.13 -10.33
N THR E 321 8.25 14.30 -10.95
CA THR E 321 9.52 14.74 -10.30
C THR E 321 10.10 13.76 -9.26
N ILE E 322 9.38 12.68 -8.98
CA ILE E 322 9.87 11.68 -8.03
C ILE E 322 10.84 10.78 -8.77
N ASN E 323 12.00 10.56 -8.18
CA ASN E 323 13.00 9.68 -8.78
C ASN E 323 12.60 8.23 -8.59
N THR E 324 12.02 7.64 -9.62
CA THR E 324 11.66 6.24 -9.62
C THR E 324 12.92 5.39 -9.80
N HIS E 325 13.59 5.16 -8.68
CA HIS E 325 14.80 4.37 -8.57
C HIS E 325 14.65 2.93 -8.98
N GLU E 326 13.50 2.33 -8.68
CA GLU E 326 13.18 0.94 -9.04
C GLU E 326 12.66 0.79 -10.49
N GLY E 327 12.79 1.83 -11.31
CA GLY E 327 12.39 1.76 -12.69
C GLY E 327 10.92 1.97 -12.76
N GLY E 328 10.23 1.13 -13.54
CA GLY E 328 8.78 1.24 -13.70
C GLY E 328 8.34 1.08 -15.14
N THR E 329 7.04 1.18 -15.37
CA THR E 329 6.41 0.98 -16.68
C THR E 329 6.92 1.95 -17.73
N HIS E 330 7.08 3.22 -17.33
CA HIS E 330 7.66 4.25 -18.20
C HIS E 330 9.03 3.85 -18.73
N GLU E 331 9.85 3.28 -17.86
CA GLU E 331 11.18 2.82 -18.28
C GLU E 331 11.05 1.64 -19.25
N GLU E 332 10.15 0.71 -18.93
CA GLU E 332 10.00 -0.51 -19.75
C GLU E 332 9.42 -0.20 -21.14
N GLY E 333 8.50 0.76 -21.20
CA GLY E 333 7.95 1.23 -22.46
C GLY E 333 9.05 1.78 -23.35
N PHE E 334 9.85 2.65 -22.76
CA PHE E 334 10.99 3.27 -23.41
C PHE E 334 11.97 2.25 -23.98
N ARG E 335 12.31 1.25 -23.15
CA ARG E 335 13.27 0.23 -23.52
C ARG E 335 12.84 -0.55 -24.75
N SER E 336 11.62 -1.08 -24.68
CA SER E 336 11.05 -1.92 -25.74
C SER E 336 10.89 -1.14 -27.03
N ALA E 337 10.73 0.18 -26.93
CA ALA E 337 10.61 1.02 -28.11
C ALA E 337 11.98 1.23 -28.76
N LEU E 338 12.96 1.59 -27.92
CA LEU E 338 14.33 1.78 -28.34
C LEU E 338 14.91 0.51 -28.95
N THR E 339 14.60 -0.66 -28.36
CA THR E 339 15.10 -1.95 -28.86
C THR E 339 14.61 -2.19 -30.27
N SER E 340 13.34 -1.88 -30.52
CA SER E 340 12.78 -2.10 -31.83
C SER E 340 13.19 -1.01 -32.85
N VAL E 341 13.27 0.26 -32.45
CA VAL E 341 13.61 1.34 -33.40
C VAL E 341 14.99 1.11 -33.99
N VAL E 342 15.97 0.87 -33.12
CA VAL E 342 17.37 0.62 -33.49
C VAL E 342 17.46 -0.59 -34.42
N ASN E 343 16.85 -1.70 -34.02
CA ASN E 343 16.89 -2.92 -34.81
C ASN E 343 16.28 -2.73 -36.19
N LYS E 344 15.12 -2.08 -36.30
CA LYS E 344 14.51 -1.87 -37.61
C LYS E 344 15.34 -0.94 -38.46
N TYR E 345 15.82 0.15 -37.89
CA TYR E 345 16.64 1.12 -38.61
C TYR E 345 17.90 0.44 -39.12
N ALA E 346 18.51 -0.38 -38.28
CA ALA E 346 19.74 -1.07 -38.65
C ALA E 346 19.48 -2.02 -39.80
N LYS E 347 18.37 -2.74 -39.74
CA LYS E 347 18.02 -3.68 -40.79
C LYS E 347 17.74 -2.96 -42.12
N ASP E 348 17.01 -1.85 -42.04
CA ASP E 348 16.63 -1.08 -43.21
C ASP E 348 17.89 -0.56 -43.92
N ARG E 349 18.83 -0.06 -43.15
CA ARG E 349 20.11 0.33 -43.68
C ARG E 349 20.88 -0.91 -44.10
N LYS E 350 20.62 -2.01 -43.41
CA LYS E 350 21.25 -3.31 -43.70
C LYS E 350 22.61 -3.46 -43.03
N LEU E 351 22.96 -2.50 -42.18
CA LEU E 351 24.21 -2.52 -41.43
C LEU E 351 24.30 -3.78 -40.60
N LEU E 352 23.24 -4.09 -39.86
CA LEU E 352 23.21 -5.36 -39.14
C LEU E 352 22.74 -6.44 -40.12
N ASP E 356 23.68 -11.52 -38.51
CA ASP E 356 22.28 -11.90 -38.58
C ASP E 356 21.54 -11.85 -37.24
N PRO E 357 22.21 -12.29 -36.11
CA PRO E 357 21.39 -12.27 -34.89
C PRO E 357 20.99 -10.86 -34.49
N ASN E 358 19.76 -10.72 -34.02
CA ASN E 358 19.22 -9.43 -33.59
C ASN E 358 20.01 -8.80 -32.44
N LEU E 359 20.12 -7.47 -32.45
CA LEU E 359 20.73 -6.74 -31.33
C LEU E 359 19.87 -6.86 -30.08
N THR E 360 20.51 -6.99 -28.94
CA THR E 360 19.79 -7.09 -27.66
C THR E 360 19.70 -5.76 -26.96
N GLY E 361 18.55 -5.47 -26.36
CA GLY E 361 18.32 -4.21 -25.63
C GLY E 361 19.52 -3.77 -24.82
N ASP E 362 20.12 -4.73 -24.13
CA ASP E 362 21.32 -4.51 -23.34
C ASP E 362 22.40 -3.79 -24.12
N ASP E 363 22.81 -4.43 -25.22
CA ASP E 363 23.86 -3.90 -26.07
C ASP E 363 23.53 -2.51 -26.58
N ILE E 364 22.27 -2.31 -26.96
CA ILE E 364 21.82 -1.02 -27.47
C ILE E 364 22.03 0.06 -26.42
N ARG E 365 21.79 -0.31 -25.17
CA ARG E 365 21.90 0.67 -24.08
C ARG E 365 23.31 0.77 -23.49
N GLU E 366 24.28 -0.01 -23.93
CA GLU E 366 25.65 0.12 -23.47
C GLU E 366 26.16 1.52 -23.65
N GLY E 367 26.25 2.27 -22.57
CA GLY E 367 26.84 3.57 -22.60
C GLY E 367 25.81 4.53 -23.11
N LEU E 368 24.57 4.23 -22.83
CA LEU E 368 23.49 5.19 -23.07
C LEU E 368 23.21 5.99 -21.83
N ALA E 369 23.20 7.32 -21.95
CA ALA E 369 22.82 8.22 -20.86
C ALA E 369 21.49 8.81 -21.25
N ALA E 370 20.47 8.62 -20.42
CA ALA E 370 19.10 9.04 -20.77
C ALA E 370 18.33 9.56 -19.55
N VAL E 371 17.25 10.31 -19.80
CA VAL E 371 16.32 10.77 -18.76
C VAL E 371 14.86 10.60 -19.26
N ILE E 372 14.04 9.90 -18.49
CA ILE E 372 12.63 9.71 -18.83
C ILE E 372 11.76 10.38 -17.75
N SER E 373 11.08 11.47 -18.13
CA SER E 373 10.28 12.25 -17.18
C SER E 373 8.78 12.20 -17.52
N VAL E 374 8.05 11.31 -16.85
CA VAL E 374 6.58 11.28 -16.99
C VAL E 374 5.87 12.12 -15.95
N LYS E 375 4.74 12.67 -16.38
CA LYS E 375 3.81 13.40 -15.53
C LYS E 375 2.50 12.65 -15.65
N VAL E 376 2.17 11.92 -14.59
CA VAL E 376 0.96 11.10 -14.54
C VAL E 376 -0.10 11.79 -13.66
N SER E 377 -1.35 11.80 -14.14
CA SER E 377 -2.50 12.39 -13.43
C SER E 377 -2.84 11.68 -12.12
N GLU E 378 -2.92 10.35 -12.16
CA GLU E 378 -3.07 9.54 -10.95
C GLU E 378 -2.03 8.42 -10.93
N PRO E 379 -0.85 8.70 -10.33
CA PRO E 379 0.24 7.72 -10.31
C PRO E 379 -0.04 6.52 -9.41
N GLN E 380 0.63 5.41 -9.68
CA GLN E 380 0.50 4.19 -8.91
C GLN E 380 1.90 3.64 -8.70
N PHE E 381 2.39 3.73 -7.46
CA PHE E 381 3.76 3.33 -7.16
C PHE E 381 3.88 1.91 -6.61
N GLU E 382 5.10 1.36 -6.66
CA GLU E 382 5.41 0.03 -6.11
C GLU E 382 6.84 -0.02 -5.60
N THR E 385 8.60 -0.13 -2.41
CA THR E 385 9.33 1.00 -1.81
C THR E 385 9.02 2.35 -2.46
N LYS E 386 7.87 2.42 -3.12
CA LYS E 386 7.35 3.66 -3.67
C LYS E 386 8.27 4.27 -4.71
N THR E 387 9.08 3.43 -5.33
CA THR E 387 10.03 3.89 -6.33
C THR E 387 9.95 3.04 -7.58
N LYS E 388 8.72 2.69 -7.96
CA LYS E 388 8.48 1.90 -9.16
C LYS E 388 7.11 2.28 -9.70
N LEU E 389 7.08 2.86 -10.90
CA LEU E 389 5.82 3.25 -11.50
C LEU E 389 5.13 2.01 -12.04
N GLY E 390 3.86 1.83 -11.67
CA GLY E 390 3.11 0.63 -12.03
C GLY E 390 1.97 0.82 -13.02
N ASN E 391 1.75 2.06 -13.43
CA ASN E 391 0.70 2.43 -14.38
C ASN E 391 0.84 1.73 -15.73
N THR E 392 -0.05 0.76 -15.98
CA THR E 392 -0.10 -0.02 -17.23
C THR E 392 -0.28 0.93 -18.40
N GLU E 393 -1.14 1.93 -18.18
CA GLU E 393 -1.47 2.96 -19.15
C GLU E 393 -0.25 3.73 -19.67
N VAL E 394 0.78 3.87 -18.84
CA VAL E 394 1.99 4.58 -19.20
C VAL E 394 2.95 3.74 -20.08
N LYS E 395 2.98 2.43 -19.86
CA LYS E 395 3.88 1.55 -20.61
C LYS E 395 3.61 1.60 -22.10
N SER E 396 2.33 1.60 -22.48
CA SER E 396 1.94 1.66 -23.88
C SER E 396 2.15 3.05 -24.45
N PHE E 397 1.87 4.07 -23.62
CA PHE E 397 1.99 5.46 -24.01
C PHE E 397 3.43 5.83 -24.38
N VAL E 398 4.36 5.64 -23.45
CA VAL E 398 5.79 5.92 -23.66
C VAL E 398 6.31 5.11 -24.86
N GLN E 399 5.89 3.85 -24.98
CA GLN E 399 6.30 3.01 -26.11
C GLN E 399 5.93 3.64 -27.47
N LYS E 400 4.68 4.09 -27.61
CA LYS E 400 4.18 4.77 -28.81
C LYS E 400 4.88 6.10 -29.12
N VAL E 401 5.08 6.93 -28.10
CA VAL E 401 5.80 8.22 -28.24
C VAL E 401 7.23 7.97 -28.71
N CYS E 402 7.94 7.04 -28.05
CA CYS E 402 9.33 6.70 -28.40
C CYS E 402 9.45 6.09 -29.77
N ASN E 403 8.58 5.13 -30.09
CA ASN E 403 8.58 4.52 -31.42
C ASN E 403 8.55 5.57 -32.52
N GLU E 404 7.62 6.52 -32.43
CA GLU E 404 7.49 7.58 -33.41
C GLU E 404 8.64 8.59 -33.42
N GLN E 405 8.95 9.19 -32.27
CA GLN E 405 9.97 10.25 -32.18
C GLN E 405 11.43 9.78 -32.29
N LEU E 406 11.73 8.57 -31.81
CA LEU E 406 13.07 8.01 -31.97
C LEU E 406 13.37 7.67 -33.43
N THR E 407 12.35 7.24 -34.17
CA THR E 407 12.49 6.95 -35.59
C THR E 407 12.77 8.24 -36.33
N HIS E 408 12.05 9.30 -35.99
CA HIS E 408 12.27 10.63 -36.56
C HIS E 408 13.69 11.18 -36.32
N TRP E 409 14.29 10.87 -35.16
CA TRP E 409 15.67 11.31 -34.87
C TRP E 409 16.69 10.48 -35.64
N PHE E 410 16.53 9.16 -35.61
CA PHE E 410 17.39 8.21 -36.33
C PHE E 410 17.37 8.42 -37.85
N GLU E 411 16.24 8.83 -38.38
CA GLU E 411 16.14 9.14 -39.80
C GLU E 411 16.85 10.46 -40.11
N ALA E 412 16.68 11.46 -39.23
CA ALA E 412 17.24 12.81 -39.39
C ALA E 412 18.73 12.97 -39.07
N ASN E 413 19.27 12.12 -38.20
CA ASN E 413 20.68 12.18 -37.83
C ASN E 413 21.37 10.88 -38.22
N PRO E 414 21.71 10.69 -39.51
CA PRO E 414 22.25 9.41 -39.96
C PRO E 414 23.69 9.19 -39.50
N THR E 415 24.42 10.28 -39.25
CA THR E 415 25.80 10.24 -38.75
C THR E 415 25.80 9.56 -37.38
N ASP E 416 25.11 10.21 -36.44
CA ASP E 416 24.93 9.73 -35.07
C ASP E 416 24.29 8.33 -35.05
N ALA E 417 23.21 8.15 -35.84
CA ALA E 417 22.50 6.87 -35.95
C ALA E 417 23.43 5.68 -36.23
N LYS E 418 24.40 5.88 -37.13
CA LYS E 418 25.36 4.84 -37.47
C LYS E 418 26.29 4.55 -36.29
N VAL E 419 26.64 5.59 -35.51
CA VAL E 419 27.53 5.42 -34.34
C VAL E 419 26.90 4.59 -33.25
N VAL E 420 25.64 4.88 -32.90
CA VAL E 420 24.98 4.12 -31.83
C VAL E 420 24.81 2.64 -32.24
N VAL E 421 24.49 2.43 -33.52
CA VAL E 421 24.32 1.07 -34.05
C VAL E 421 25.65 0.33 -33.96
N ASN E 422 26.75 0.99 -34.33
CA ASN E 422 28.07 0.38 -34.21
C ASN E 422 28.45 0.14 -32.75
N LYS E 423 27.99 1.01 -31.86
CA LYS E 423 28.25 0.84 -30.44
C LYS E 423 27.54 -0.40 -29.90
N ALA E 424 26.31 -0.60 -30.35
CA ALA E 424 25.55 -1.78 -29.97
C ALA E 424 26.19 -3.07 -30.49
N VAL E 425 26.63 -3.02 -31.74
CA VAL E 425 27.33 -4.12 -32.41
C VAL E 425 28.60 -4.46 -31.64
N SER E 426 29.40 -3.44 -31.33
CA SER E 426 30.63 -3.59 -30.59
C SER E 426 30.39 -4.29 -29.24
N SER E 427 29.41 -3.81 -28.49
CA SER E 427 29.02 -4.44 -27.23
C SER E 427 28.73 -5.92 -27.39
N ALA E 428 27.93 -6.30 -28.43
CA ALA E 428 27.55 -7.69 -28.76
C ALA E 428 28.76 -8.55 -29.13
N GLN E 429 29.73 -7.97 -29.88
CA GLN E 429 30.96 -8.65 -30.29
C GLN E 429 31.91 -8.85 -29.09
N ALA E 430 31.86 -7.90 -28.12
CA ALA E 430 32.62 -7.91 -26.88
C ALA E 430 32.15 -9.03 -25.94
N ARG E 431 30.85 -9.35 -25.97
CA ARG E 431 30.27 -10.42 -25.18
C ARG E 431 30.71 -11.79 -25.72
N ILE E 432 30.68 -11.96 -27.08
CA ILE E 432 31.10 -13.19 -27.79
C ILE E 432 32.60 -13.41 -27.57
N ALA E 433 33.41 -12.32 -27.57
CA ALA E 433 34.86 -12.35 -27.32
C ALA E 433 35.19 -12.90 -25.93
N ALA E 434 34.35 -12.57 -24.92
CA ALA E 434 34.48 -13.03 -23.53
C ALA E 434 34.10 -14.50 -23.40
N ARG E 435 33.09 -14.95 -24.17
CA ARG E 435 32.58 -16.32 -24.18
C ARG E 435 33.64 -17.32 -24.65
N LYS E 436 34.53 -16.92 -25.59
CA LYS E 436 35.62 -17.74 -26.10
C LYS E 436 36.69 -17.93 -25.01
N ALA E 437 36.69 -19.10 -24.35
CA ALA E 437 37.62 -19.45 -23.28
C ALA E 437 38.16 -20.86 -23.47
N SER F 30 12.97 -32.48 -9.52
CA SER F 30 13.14 -31.29 -8.67
C SER F 30 14.60 -30.83 -8.63
N ILE F 31 14.80 -29.49 -8.67
CA ILE F 31 16.12 -28.85 -8.61
C ILE F 31 16.19 -27.86 -7.43
N THR F 32 17.33 -27.82 -6.72
CA THR F 32 17.51 -26.91 -5.60
C THR F 32 18.60 -25.89 -5.89
N ILE F 33 18.21 -24.60 -5.92
CA ILE F 33 19.14 -23.49 -6.16
C ILE F 33 19.47 -22.85 -4.80
N LEU F 34 20.77 -22.85 -4.45
CA LEU F 34 21.26 -22.28 -3.19
C LEU F 34 21.89 -20.91 -3.45
N GLU F 35 21.08 -19.84 -3.33
CA GLU F 35 21.55 -18.48 -3.53
C GLU F 35 21.87 -17.84 -2.18
N GLY F 36 23.08 -17.28 -2.09
CA GLY F 36 23.58 -16.66 -0.87
C GLY F 36 23.12 -15.24 -0.63
N LEU F 37 23.23 -14.37 -1.67
CA LEU F 37 22.90 -12.94 -1.62
C LEU F 37 21.58 -12.56 -0.96
N GLU F 38 20.56 -13.39 -1.14
CA GLU F 38 19.23 -13.01 -0.65
C GLU F 38 19.19 -12.76 0.87
N ALA F 39 19.90 -13.60 1.63
CA ALA F 39 19.98 -13.46 3.08
C ALA F 39 20.58 -12.13 3.53
N VAL F 40 21.63 -11.71 2.85
CA VAL F 40 22.28 -10.44 3.13
C VAL F 40 21.28 -9.30 2.99
N ARG F 41 20.46 -9.34 1.94
CA ARG F 41 19.42 -8.33 1.73
C ARG F 41 18.36 -8.40 2.81
N LYS F 42 18.02 -9.63 3.24
CA LYS F 42 17.02 -9.89 4.29
C LYS F 42 17.46 -9.36 5.67
N ARG F 43 18.68 -9.70 6.11
CA ARG F 43 19.23 -9.17 7.36
C ARG F 43 20.55 -8.43 7.11
N PRO F 44 20.50 -7.14 6.71
CA PRO F 44 21.74 -6.42 6.34
C PRO F 44 22.71 -6.23 7.48
N GLY F 45 22.22 -5.70 8.61
CA GLY F 45 23.07 -5.43 9.77
C GLY F 45 23.75 -6.66 10.34
N MET F 46 23.19 -7.83 10.07
CA MET F 46 23.76 -9.09 10.50
C MET F 46 25.04 -9.45 9.71
N TYR F 47 25.17 -8.89 8.51
CA TYR F 47 26.33 -9.12 7.63
C TYR F 47 27.26 -7.92 7.57
N ILE F 48 26.71 -6.75 7.28
CA ILE F 48 27.45 -5.49 7.35
C ILE F 48 27.38 -5.05 8.83
N GLY F 49 28.03 -3.95 9.22
CA GLY F 49 27.94 -3.50 10.62
C GLY F 49 26.51 -3.24 11.16
N SER F 50 25.83 -2.30 10.51
CA SER F 50 24.50 -1.78 10.84
C SER F 50 23.98 -1.16 9.53
N THR F 51 22.93 -0.34 9.59
CA THR F 51 22.41 0.32 8.39
C THR F 51 22.66 1.84 8.40
N GLY F 52 23.50 2.28 9.33
CA GLY F 52 23.82 3.71 9.50
C GLY F 52 25.18 4.00 8.94
N GLU F 53 25.77 5.12 9.33
CA GLU F 53 27.08 5.55 8.80
C GLU F 53 28.17 4.47 8.92
N ARG F 54 28.22 3.74 10.03
CA ARG F 54 29.24 2.68 10.18
C ARG F 54 29.00 1.59 9.16
N GLY F 55 27.75 1.18 9.00
CA GLY F 55 27.40 0.24 7.96
C GLY F 55 27.67 0.75 6.55
N LEU F 56 27.25 1.97 6.24
CA LEU F 56 27.48 2.57 4.93
C LEU F 56 28.94 2.51 4.55
N HIS F 57 29.80 2.84 5.51
CA HIS F 57 31.21 2.95 5.24
C HIS F 57 31.85 1.60 5.11
N HIS F 58 31.26 0.61 5.77
CA HIS F 58 31.77 -0.74 5.66
C HIS F 58 31.83 -1.20 4.22
N LEU F 59 30.92 -0.71 3.38
CA LEU F 59 30.97 -0.99 1.93
C LEU F 59 32.30 -0.57 1.34
N ILE F 60 32.69 0.68 1.54
CA ILE F 60 34.00 1.16 1.07
C ILE F 60 35.15 0.24 1.55
N TRP F 61 35.19 0.00 2.86
CA TRP F 61 36.26 -0.78 3.45
C TRP F 61 36.42 -2.13 2.78
N GLU F 62 35.30 -2.81 2.53
CA GLU F 62 35.35 -4.14 1.94
C GLU F 62 36.06 -4.11 0.59
N VAL F 63 35.78 -3.07 -0.21
CA VAL F 63 36.38 -2.94 -1.53
C VAL F 63 37.85 -2.50 -1.44
N VAL F 64 38.13 -1.52 -0.58
CA VAL F 64 39.45 -0.96 -0.43
C VAL F 64 40.37 -2.01 0.17
N ASP F 65 39.87 -2.79 1.13
CA ASP F 65 40.67 -3.86 1.72
C ASP F 65 41.18 -4.81 0.64
N ASN F 66 40.29 -5.17 -0.28
CA ASN F 66 40.62 -6.06 -1.39
C ASN F 66 41.71 -5.48 -2.31
N ALA F 67 41.65 -4.17 -2.50
CA ALA F 67 42.59 -3.47 -3.35
C ALA F 67 43.92 -3.35 -2.66
N VAL F 68 43.91 -2.98 -1.38
CA VAL F 68 45.11 -2.82 -0.59
C VAL F 68 45.84 -4.14 -0.47
N ASP F 69 45.07 -5.22 -0.30
CA ASP F 69 45.63 -6.55 -0.18
C ASP F 69 46.65 -6.81 -1.30
N GLU F 70 46.42 -6.20 -2.46
CA GLU F 70 47.35 -6.30 -3.60
C GLU F 70 48.71 -5.72 -3.25
N ALA F 71 48.67 -4.63 -2.55
CA ALA F 71 49.83 -3.88 -2.18
C ALA F 71 50.69 -4.72 -1.25
N MET F 72 50.04 -5.44 -0.35
CA MET F 72 50.64 -6.30 0.64
C MET F 72 51.36 -7.42 -0.01
N ALA F 73 50.77 -7.95 -1.06
CA ALA F 73 51.40 -8.88 -2.01
C ALA F 73 52.53 -8.22 -2.78
N GLY F 74 52.48 -6.92 -2.97
CA GLY F 74 53.54 -6.18 -3.65
C GLY F 74 53.31 -6.05 -5.14
N TYR F 75 52.13 -6.47 -5.59
CA TYR F 75 51.76 -6.28 -6.98
C TYR F 75 51.36 -4.86 -7.32
N ALA F 76 50.69 -4.17 -6.41
CA ALA F 76 50.09 -2.86 -6.77
C ALA F 76 50.76 -1.70 -6.04
N THR F 77 50.97 -0.59 -6.75
CA THR F 77 51.62 0.59 -6.17
C THR F 77 50.70 1.81 -6.00
N THR F 78 49.42 1.66 -6.32
CA THR F 78 48.49 2.80 -6.31
C THR F 78 47.06 2.33 -6.09
N VAL F 79 46.40 2.88 -5.08
CA VAL F 79 44.96 2.69 -4.90
C VAL F 79 44.29 4.06 -4.94
N ASN F 80 43.29 4.22 -5.81
CA ASN F 80 42.55 5.48 -5.93
C ASN F 80 41.11 5.30 -5.54
N VAL F 81 40.69 6.10 -4.56
CA VAL F 81 39.30 6.14 -4.11
C VAL F 81 38.66 7.44 -4.60
N VAL F 82 37.51 7.32 -5.26
CA VAL F 82 36.73 8.50 -5.63
C VAL F 82 35.32 8.51 -5.04
N LEU F 83 35.03 9.59 -4.30
CA LEU F 83 33.70 9.80 -3.78
C LEU F 83 32.93 10.55 -4.88
N LEU F 84 32.31 9.79 -5.80
CA LEU F 84 31.62 10.32 -6.97
C LEU F 84 30.45 11.25 -6.62
N GLU F 85 30.13 12.14 -7.58
CA GLU F 85 29.06 13.13 -7.48
C GLU F 85 27.66 12.48 -7.29
N ASP F 86 27.36 11.40 -8.00
CA ASP F 86 26.05 10.73 -7.89
C ASP F 86 25.89 9.93 -6.60
N GLY F 87 26.94 9.85 -5.79
CA GLY F 87 26.85 9.10 -4.53
C GLY F 87 27.50 7.73 -4.62
N GLY F 88 28.00 7.40 -5.81
CA GLY F 88 28.76 6.19 -6.02
C GLY F 88 30.16 6.32 -5.42
N VAL F 89 30.86 5.19 -5.35
CA VAL F 89 32.25 5.14 -4.92
C VAL F 89 33.01 4.40 -6.01
N GLU F 90 34.20 4.91 -6.33
CA GLU F 90 35.08 4.20 -7.26
C GLU F 90 36.35 3.83 -6.50
N VAL F 91 36.81 2.58 -6.66
CA VAL F 91 38.07 2.15 -6.08
C VAL F 91 38.91 1.48 -7.16
N ALA F 92 40.00 2.14 -7.55
CA ALA F 92 40.87 1.61 -8.60
C ALA F 92 42.27 1.28 -8.10
N ASP F 93 42.77 0.10 -8.47
CA ASP F 93 44.14 -0.33 -8.17
C ASP F 93 44.86 -0.83 -9.42
N ASP F 94 46.17 -1.07 -9.30
CA ASP F 94 46.98 -1.54 -10.41
C ASP F 94 47.48 -2.95 -10.11
N GLY F 95 46.68 -3.66 -9.32
CA GLY F 95 46.98 -5.05 -8.99
C GLY F 95 46.70 -6.05 -10.10
N ARG F 96 47.22 -7.24 -9.93
CA ARG F 96 46.92 -8.41 -10.77
C ARG F 96 45.53 -8.47 -11.40
N GLY F 97 44.58 -7.67 -10.92
CA GLY F 97 43.19 -7.69 -11.42
C GLY F 97 42.44 -8.95 -11.02
N ILE F 98 41.18 -8.80 -10.66
CA ILE F 98 40.37 -9.92 -10.18
C ILE F 98 40.19 -11.01 -11.24
N PRO F 99 40.62 -12.24 -10.92
CA PRO F 99 40.49 -13.37 -11.82
C PRO F 99 39.20 -13.35 -12.65
N VAL F 100 39.35 -13.31 -13.97
CA VAL F 100 38.21 -13.34 -14.91
C VAL F 100 37.99 -14.75 -15.51
N ALA F 101 39.05 -15.56 -15.49
CA ALA F 101 39.05 -16.96 -15.98
C ALA F 101 37.91 -17.79 -15.40
N THR F 102 37.43 -18.77 -16.15
CA THR F 102 36.32 -19.62 -15.70
C THR F 102 36.72 -20.42 -14.46
N HIS F 103 35.92 -20.26 -13.40
CA HIS F 103 36.12 -20.94 -12.10
C HIS F 103 35.77 -22.44 -12.20
N ALA F 104 35.95 -23.16 -11.10
CA ALA F 104 35.54 -24.55 -10.97
C ALA F 104 34.02 -24.72 -11.18
N SER F 105 33.25 -23.76 -10.67
CA SER F 105 31.78 -23.68 -10.80
C SER F 105 31.26 -23.73 -12.24
N GLY F 106 32.04 -23.17 -13.18
CA GLY F 106 31.62 -23.05 -14.58
C GLY F 106 31.23 -21.63 -14.95
N ILE F 107 31.11 -20.77 -13.93
CA ILE F 107 30.79 -19.34 -14.08
C ILE F 107 32.14 -18.58 -13.96
N PRO F 108 32.30 -17.38 -14.58
CA PRO F 108 33.60 -16.71 -14.44
C PRO F 108 33.91 -16.32 -12.97
N THR F 109 35.19 -16.38 -12.61
CA THR F 109 35.63 -16.18 -11.24
C THR F 109 35.14 -14.87 -10.62
N VAL F 110 35.04 -13.80 -11.41
CA VAL F 110 34.51 -12.51 -10.91
C VAL F 110 33.13 -12.70 -10.32
N ASP F 111 32.24 -13.37 -11.08
CA ASP F 111 30.87 -13.66 -10.66
C ASP F 111 30.83 -14.40 -9.33
N VAL F 112 31.74 -15.37 -9.14
CA VAL F 112 31.86 -16.08 -7.86
C VAL F 112 32.15 -15.10 -6.69
N VAL F 113 33.24 -14.35 -6.81
CA VAL F 113 33.64 -13.35 -5.82
C VAL F 113 32.52 -12.34 -5.54
N MET F 114 31.83 -11.93 -6.60
CA MET F 114 30.85 -10.88 -6.51
C MET F 114 29.43 -11.34 -6.16
N THR F 115 29.08 -12.61 -6.37
CA THR F 115 27.70 -13.05 -6.08
C THR F 115 27.56 -14.16 -5.02
N GLN F 116 28.64 -14.55 -4.35
CA GLN F 116 28.62 -15.66 -3.40
C GLN F 116 29.37 -15.33 -2.12
N LEU F 117 28.91 -15.88 -0.99
CA LEU F 117 29.51 -15.63 0.33
C LEU F 117 30.59 -16.63 0.72
N HIS F 118 31.80 -16.14 0.93
CA HIS F 118 32.87 -16.90 1.61
C HIS F 118 34.08 -16.00 1.86
N GLY F 136 34.29 -9.94 7.64
CA GLY F 136 34.06 -9.24 6.37
C GLY F 136 32.96 -9.87 5.51
N VAL F 137 33.12 -11.18 5.28
CA VAL F 137 32.19 -11.95 4.44
C VAL F 137 32.41 -11.67 2.94
N GLY F 138 33.49 -10.95 2.65
CA GLY F 138 33.90 -10.64 1.29
C GLY F 138 33.19 -9.45 0.71
N VAL F 139 33.52 -9.15 -0.54
CA VAL F 139 32.97 -8.00 -1.23
C VAL F 139 31.55 -8.29 -1.73
N SER F 140 31.29 -9.55 -2.07
CA SER F 140 29.96 -9.96 -2.47
C SER F 140 28.88 -9.24 -1.69
N VAL F 141 29.11 -9.01 -0.41
CA VAL F 141 28.14 -8.31 0.44
C VAL F 141 27.88 -6.91 -0.09
N VAL F 142 28.92 -6.24 -0.56
CA VAL F 142 28.78 -4.90 -1.11
C VAL F 142 27.86 -4.88 -2.33
N ASN F 143 28.03 -5.86 -3.21
CA ASN F 143 27.17 -5.98 -4.39
C ASN F 143 25.72 -6.18 -3.95
N ALA F 144 25.55 -7.01 -2.95
CA ALA F 144 24.25 -7.34 -2.40
C ALA F 144 23.49 -6.14 -1.87
N LEU F 145 24.20 -5.18 -1.29
CA LEU F 145 23.57 -4.01 -0.71
C LEU F 145 23.70 -2.75 -1.61
N SER F 146 24.12 -2.95 -2.85
CA SER F 146 24.17 -1.86 -3.83
C SER F 146 23.08 -2.00 -4.92
N THR F 147 22.53 -0.87 -5.36
CA THR F 147 21.60 -0.85 -6.48
C THR F 147 22.36 -1.34 -7.74
N ARG F 148 23.66 -1.01 -7.83
CA ARG F 148 24.55 -1.42 -8.92
C ARG F 148 26.02 -1.52 -8.50
N LEU F 149 26.74 -2.47 -9.12
CA LEU F 149 28.19 -2.63 -9.00
C LEU F 149 28.81 -2.92 -10.38
N GLU F 150 29.74 -2.09 -10.82
CA GLU F 150 30.48 -2.38 -12.04
C GLU F 150 31.96 -2.58 -11.84
N VAL F 151 32.47 -3.63 -12.44
CA VAL F 151 33.87 -3.99 -12.39
C VAL F 151 34.50 -3.87 -13.75
N GLU F 152 35.70 -3.35 -13.77
CA GLU F 152 36.43 -3.04 -14.96
C GLU F 152 37.93 -3.43 -14.82
N ILE F 153 38.26 -4.63 -15.29
CA ILE F 153 39.42 -5.42 -14.96
C ILE F 153 40.36 -5.51 -16.14
N LYS F 154 41.59 -5.10 -15.90
CA LYS F 154 42.65 -5.17 -16.87
C LYS F 154 43.54 -6.32 -16.44
N ARG F 155 43.37 -7.43 -17.15
CA ARG F 155 44.04 -8.68 -16.84
C ARG F 155 44.04 -9.65 -18.02
N ASP F 156 44.96 -10.62 -17.96
CA ASP F 156 45.11 -11.67 -18.99
C ASP F 156 45.21 -11.09 -20.39
N GLY F 157 45.75 -9.87 -20.47
CA GLY F 157 46.00 -9.18 -21.73
C GLY F 157 44.85 -8.43 -22.38
N TYR F 158 43.77 -8.22 -21.65
CA TYR F 158 42.58 -7.56 -22.17
C TYR F 158 41.85 -6.73 -21.12
N GLU F 159 41.01 -5.84 -21.60
CA GLU F 159 40.11 -5.06 -20.77
C GLU F 159 38.79 -5.80 -20.62
N TRP F 160 38.35 -5.97 -19.38
CA TRP F 160 37.14 -6.71 -19.10
C TRP F 160 36.19 -5.87 -18.29
N SER F 161 34.91 -5.95 -18.63
CA SER F 161 33.81 -5.27 -17.97
C SER F 161 32.69 -6.17 -17.54
N GLN F 162 32.18 -5.95 -16.35
CA GLN F 162 30.99 -6.66 -15.90
C GLN F 162 30.13 -5.73 -15.06
N VAL F 163 28.82 -5.74 -15.29
CA VAL F 163 27.89 -4.89 -14.59
C VAL F 163 26.93 -5.76 -13.86
N TYR F 164 26.73 -5.48 -12.58
CA TYR F 164 25.79 -6.22 -11.75
C TYR F 164 24.68 -5.25 -11.46
N GLU F 165 23.48 -5.54 -11.98
CA GLU F 165 22.34 -4.68 -11.72
C GLU F 165 21.54 -5.38 -10.66
N LYS F 166 21.42 -4.71 -9.51
CA LYS F 166 20.78 -5.24 -8.31
C LYS F 166 21.29 -6.66 -8.06
N SER F 167 22.62 -6.75 -7.93
CA SER F 167 23.36 -7.99 -7.62
C SER F 167 23.32 -9.08 -8.71
N GLU F 168 22.68 -8.81 -9.84
CA GLU F 168 22.56 -9.80 -10.93
C GLU F 168 23.51 -9.48 -12.10
N PRO F 169 24.39 -10.45 -12.49
CA PRO F 169 25.36 -10.16 -13.56
C PRO F 169 24.70 -9.95 -14.91
N LEU F 170 25.19 -8.99 -15.68
CA LEU F 170 24.68 -8.73 -17.03
C LEU F 170 25.55 -9.35 -18.13
N GLY F 171 26.49 -10.20 -17.72
CA GLY F 171 27.35 -10.87 -18.68
C GLY F 171 28.69 -10.20 -18.85
N LEU F 172 29.73 -11.02 -18.88
CA LEU F 172 31.10 -10.54 -18.98
C LEU F 172 31.39 -9.98 -20.35
N LYS F 173 32.18 -8.93 -20.46
CA LYS F 173 32.52 -8.40 -21.75
C LYS F 173 34.00 -8.27 -21.87
N GLN F 174 34.54 -8.67 -23.02
CA GLN F 174 35.98 -8.60 -23.33
C GLN F 174 36.23 -7.58 -24.41
N GLY F 175 37.19 -6.69 -24.18
CA GLY F 175 37.46 -5.59 -25.12
C GLY F 175 38.89 -5.49 -25.59
N ALA F 176 39.41 -4.27 -25.63
CA ALA F 176 40.74 -3.98 -26.16
C ALA F 176 41.89 -4.71 -25.46
N PRO F 177 42.96 -5.07 -26.20
CA PRO F 177 44.12 -5.66 -25.56
C PRO F 177 44.93 -4.61 -24.77
N THR F 178 45.55 -5.06 -23.68
CA THR F 178 46.37 -4.18 -22.83
C THR F 178 47.32 -5.03 -22.01
N LYS F 179 48.59 -4.61 -21.89
CA LYS F 179 49.55 -5.34 -21.06
C LYS F 179 49.38 -5.03 -19.58
N LYS F 180 48.55 -4.02 -19.31
CA LYS F 180 48.27 -3.50 -17.99
C LYS F 180 47.47 -4.47 -17.14
N THR F 181 47.66 -4.36 -15.82
CA THR F 181 46.95 -5.12 -14.82
C THR F 181 46.32 -4.18 -13.77
N GLY F 182 45.17 -4.58 -13.27
CA GLY F 182 44.44 -3.83 -12.26
C GLY F 182 42.94 -4.00 -12.30
N SER F 183 42.28 -3.49 -11.28
CA SER F 183 40.83 -3.57 -11.16
C SER F 183 40.25 -2.24 -10.71
N THR F 184 39.03 -1.98 -11.17
CA THR F 184 38.26 -0.81 -10.79
C THR F 184 36.89 -1.29 -10.39
N VAL F 185 36.51 -0.96 -9.15
CA VAL F 185 35.19 -1.30 -8.65
C VAL F 185 34.35 -0.02 -8.43
N ARG F 186 33.15 0.04 -9.04
CA ARG F 186 32.22 1.14 -8.80
C ARG F 186 30.91 0.65 -8.23
N PHE F 187 30.46 1.25 -7.13
CA PHE F 187 29.22 0.80 -6.47
C PHE F 187 28.33 1.91 -5.95
N TRP F 188 27.04 1.64 -5.96
CA TRP F 188 26.06 2.60 -5.52
C TRP F 188 25.22 2.02 -4.40
N ALA F 189 25.52 2.45 -3.17
CA ALA F 189 24.77 2.01 -1.99
C ALA F 189 23.29 2.22 -2.17
N ASP F 190 22.52 1.19 -1.81
CA ASP F 190 21.06 1.15 -1.91
C ASP F 190 20.46 2.00 -0.80
N PRO F 191 19.66 3.02 -1.18
CA PRO F 191 19.08 3.90 -0.17
C PRO F 191 18.00 3.18 0.61
N ALA F 192 17.49 2.08 0.04
CA ALA F 192 16.48 1.24 0.68
C ALA F 192 17.10 0.48 1.85
N VAL F 193 18.40 0.24 1.78
CA VAL F 193 19.11 -0.48 2.82
C VAL F 193 19.63 0.47 3.91
N PHE F 194 20.23 1.57 3.50
CA PHE F 194 20.90 2.49 4.44
C PHE F 194 20.14 3.77 4.77
N GLU F 195 20.17 4.15 6.05
CA GLU F 195 19.57 5.39 6.57
C GLU F 195 20.20 6.63 5.91
N THR F 196 21.47 6.51 5.51
CA THR F 196 22.14 7.59 4.79
C THR F 196 23.00 7.03 3.65
N THR F 197 23.01 7.74 2.52
CA THR F 197 23.83 7.34 1.38
C THR F 197 25.05 8.22 1.17
N GLU F 198 25.30 9.12 2.12
CA GLU F 198 26.35 10.14 1.99
C GLU F 198 27.56 9.80 2.80
N TYR F 199 28.64 9.53 2.11
CA TYR F 199 29.88 9.15 2.77
C TYR F 199 30.53 10.37 3.41
N ASP F 200 31.23 10.12 4.51
CA ASP F 200 31.97 11.14 5.25
C ASP F 200 33.43 11.15 4.79
N PHE F 201 33.85 12.22 4.13
CA PHE F 201 35.20 12.35 3.58
C PHE F 201 36.24 12.11 4.66
N GLU F 202 36.02 12.71 5.83
CA GLU F 202 36.94 12.62 6.96
C GLU F 202 37.10 11.20 7.47
N THR F 203 36.01 10.47 7.67
CA THR F 203 36.13 9.08 8.11
C THR F 203 36.90 8.21 7.08
N VAL F 204 36.70 8.49 5.80
CA VAL F 204 37.34 7.75 4.72
C VAL F 204 38.84 8.13 4.68
N ALA F 205 39.13 9.42 4.79
CA ALA F 205 40.51 9.92 4.81
C ALA F 205 41.36 9.28 5.94
N ARG F 206 40.76 9.27 7.13
CA ARG F 206 41.40 8.79 8.35
C ARG F 206 41.92 7.37 8.18
N ARG F 207 41.08 6.53 7.56
CA ARG F 207 41.35 5.10 7.37
C ARG F 207 42.36 4.88 6.25
N LEU F 208 42.21 5.60 5.16
CA LEU F 208 43.11 5.44 4.04
C LEU F 208 44.51 5.78 4.50
N GLN F 209 44.61 6.82 5.32
CA GLN F 209 45.90 7.24 5.80
C GLN F 209 46.59 6.13 6.59
N GLU F 210 45.85 5.47 7.49
CA GLU F 210 46.47 4.44 8.33
C GLU F 210 46.87 3.21 7.53
N MET F 211 46.23 2.97 6.39
CA MET F 211 46.61 1.86 5.53
C MET F 211 47.89 2.19 4.78
N ALA F 212 48.02 3.45 4.40
CA ALA F 212 49.15 3.92 3.65
C ALA F 212 50.42 3.88 4.52
N PHE F 213 50.22 4.04 5.84
CA PHE F 213 51.29 3.92 6.83
C PHE F 213 51.77 2.49 6.89
N LEU F 214 50.85 1.55 6.72
CA LEU F 214 51.12 0.15 6.92
C LEU F 214 51.78 -0.52 5.72
N ASN F 215 51.60 0.07 4.54
CA ASN F 215 52.20 -0.46 3.33
C ASN F 215 53.01 0.70 2.75
N LYS F 216 54.32 0.69 2.99
CA LYS F 216 55.16 1.80 2.56
C LYS F 216 55.27 2.00 1.04
N GLY F 217 55.15 0.93 0.27
CA GLY F 217 55.25 1.00 -1.20
C GLY F 217 54.03 1.60 -1.85
N LEU F 218 52.96 1.70 -1.06
CA LEU F 218 51.64 2.06 -1.53
C LEU F 218 51.38 3.55 -1.43
N THR F 219 50.64 4.05 -2.41
CA THR F 219 50.13 5.41 -2.50
C THR F 219 48.61 5.33 -2.70
N ILE F 220 47.87 6.03 -1.84
CA ILE F 220 46.42 6.01 -1.83
C ILE F 220 46.01 7.46 -2.07
N ASN F 221 45.19 7.65 -3.11
CA ASN F 221 44.66 8.96 -3.48
C ASN F 221 43.15 9.01 -3.24
N LEU F 222 42.73 9.89 -2.34
CA LEU F 222 41.32 10.12 -2.01
C LEU F 222 40.89 11.41 -2.67
N THR F 223 39.77 11.36 -3.38
CA THR F 223 39.26 12.55 -4.03
C THR F 223 37.72 12.61 -3.96
N ASP F 224 37.20 13.75 -3.53
CA ASP F 224 35.75 13.99 -3.43
C ASP F 224 35.27 14.85 -4.62
N GLU F 225 34.31 14.30 -5.39
CA GLU F 225 33.72 14.96 -6.56
C GLU F 225 32.38 15.62 -6.25
N ARG F 226 32.10 15.85 -4.98
CA ARG F 226 30.83 16.45 -4.57
C ARG F 226 31.04 17.93 -4.23
N VAL F 227 31.32 18.74 -5.26
CA VAL F 227 31.52 20.18 -5.09
C VAL F 227 31.04 20.90 -6.34
N LYS F 259 38.08 22.79 -8.10
CA LYS F 259 37.01 21.99 -8.69
C LYS F 259 36.74 20.70 -7.89
N VAL F 260 37.75 20.20 -7.16
CA VAL F 260 37.57 19.02 -6.32
C VAL F 260 38.32 19.13 -4.99
N LYS F 261 37.96 18.26 -4.06
CA LYS F 261 38.67 18.11 -2.80
C LYS F 261 39.51 16.82 -2.89
N SER F 262 40.79 16.91 -2.59
CA SER F 262 41.68 15.73 -2.69
C SER F 262 42.67 15.62 -1.52
N ARG F 263 43.08 14.40 -1.20
CA ARG F 263 44.19 14.09 -0.27
C ARG F 263 44.97 12.90 -0.81
N THR F 264 46.27 12.90 -0.56
CA THR F 264 47.14 11.83 -1.06
C THR F 264 47.97 11.31 0.11
N PHE F 265 48.03 9.99 0.29
CA PHE F 265 48.86 9.45 1.36
C PHE F 265 49.88 8.50 0.79
N HIS F 266 51.13 8.84 1.04
CA HIS F 266 52.27 8.00 0.68
C HIS F 266 53.30 8.18 1.75
N TYR F 267 53.66 7.09 2.40
CA TYR F 267 54.62 7.19 3.48
C TYR F 267 55.76 6.19 3.27
N PRO F 268 56.89 6.65 2.65
CA PRO F 268 58.01 5.74 2.35
C PRO F 268 58.71 5.15 3.57
N GLY F 269 58.69 5.89 4.68
CA GLY F 269 59.27 5.45 5.94
C GLY F 269 58.41 4.39 6.58
N GLY F 270 57.15 4.34 6.14
CA GLY F 270 56.13 3.39 6.57
C GLY F 270 55.73 3.60 8.00
N LEU F 271 56.01 2.58 8.84
CA LEU F 271 55.77 2.66 10.29
C LEU F 271 56.60 3.74 10.95
N VAL F 272 57.70 4.11 10.34
CA VAL F 272 58.53 5.17 10.90
C VAL F 272 57.81 6.49 10.71
N ASP F 273 57.18 6.66 9.54
CA ASP F 273 56.47 7.90 9.26
C ASP F 273 55.27 7.98 10.22
N PHE F 274 54.66 6.83 10.53
CA PHE F 274 53.53 6.74 11.48
C PHE F 274 53.95 7.29 12.84
N VAL F 275 54.99 6.70 13.42
CA VAL F 275 55.52 7.11 14.72
C VAL F 275 55.89 8.61 14.72
N LYS F 276 56.53 9.09 13.65
CA LYS F 276 56.88 10.51 13.51
C LYS F 276 55.62 11.34 13.61
N HIS F 277 54.60 10.87 12.92
CA HIS F 277 53.34 11.57 12.79
C HIS F 277 52.65 11.69 14.15
N ILE F 278 52.66 10.62 14.92
CA ILE F 278 52.12 10.61 16.29
C ILE F 278 52.82 11.63 17.18
N ASN F 279 54.16 11.51 17.23
CA ASN F 279 55.02 12.35 18.06
C ASN F 279 55.30 13.75 17.51
N ARG F 280 54.49 14.33 16.62
CA ARG F 280 54.85 15.69 16.18
C ARG F 280 54.50 16.74 17.21
N THR F 281 53.28 16.64 17.78
CA THR F 281 52.76 17.54 18.82
C THR F 281 53.36 17.26 20.19
N LYS F 282 53.66 15.98 20.44
CA LYS F 282 54.32 15.54 21.67
C LYS F 282 55.82 15.72 21.47
N ASN F 283 56.59 16.07 22.50
CA ASN F 283 58.01 16.33 22.27
C ASN F 283 58.83 15.08 22.44
N ALA F 284 59.41 14.61 21.34
CA ALA F 284 60.18 13.37 21.32
C ALA F 284 61.45 13.53 22.13
N ILE F 285 61.67 12.54 22.98
CA ILE F 285 62.73 12.49 23.98
C ILE F 285 64.12 12.17 23.39
N HIS F 286 64.14 11.33 22.35
CA HIS F 286 65.37 10.88 21.67
C HIS F 286 65.19 10.85 20.16
N SER F 287 66.29 11.05 19.44
CA SER F 287 66.30 11.14 17.99
C SER F 287 66.11 9.82 17.23
N SER F 288 66.77 8.75 17.67
CA SER F 288 66.73 7.47 16.95
C SER F 288 65.41 6.70 17.11
N ILE F 289 64.66 6.55 16.02
CA ILE F 289 63.37 5.81 16.06
C ILE F 289 63.59 4.30 15.91
N VAL F 290 63.05 3.53 16.86
CA VAL F 290 63.16 2.07 16.84
C VAL F 290 62.31 1.55 15.68
N ASP F 291 62.85 0.60 14.91
CA ASP F 291 62.19 0.03 13.74
C ASP F 291 62.76 -1.33 13.43
N PHE F 292 61.93 -2.35 13.54
CA PHE F 292 62.38 -3.71 13.30
C PHE F 292 61.25 -4.63 12.87
N SER F 293 61.67 -5.77 12.31
CA SER F 293 60.76 -6.74 11.72
C SER F 293 61.08 -8.15 12.21
N GLY F 294 60.11 -9.03 12.03
CA GLY F 294 60.25 -10.44 12.38
C GLY F 294 59.35 -11.31 11.51
N LYS F 295 59.87 -12.46 11.11
CA LYS F 295 59.10 -13.44 10.37
C LYS F 295 59.03 -14.76 11.15
N GLY F 296 57.82 -15.31 11.22
CA GLY F 296 57.51 -16.63 11.83
C GLY F 296 56.88 -17.56 10.79
N THR F 297 56.15 -18.59 11.24
CA THR F 297 55.56 -19.56 10.30
C THR F 297 54.44 -18.88 9.50
N GLY F 298 53.31 -18.60 10.16
CA GLY F 298 52.21 -17.88 9.50
C GLY F 298 52.24 -16.40 9.84
N HIS F 299 52.65 -16.14 11.07
CA HIS F 299 52.76 -14.78 11.57
C HIS F 299 54.01 -14.09 11.08
N GLU F 300 53.98 -12.76 11.19
CA GLU F 300 55.01 -11.82 10.78
C GLU F 300 54.70 -10.48 11.51
N VAL F 301 55.73 -9.77 11.98
CA VAL F 301 55.55 -8.54 12.78
C VAL F 301 56.49 -7.42 12.35
N GLU F 302 56.04 -6.18 12.54
CA GLU F 302 56.78 -4.96 12.15
C GLU F 302 56.42 -3.92 13.21
N ILE F 303 57.45 -3.42 13.89
CA ILE F 303 57.31 -2.50 15.01
C ILE F 303 58.16 -1.24 14.77
N ALA F 304 57.68 -0.10 15.28
CA ALA F 304 58.42 1.17 15.31
C ALA F 304 58.01 1.88 16.56
N MET F 305 58.98 2.46 17.27
CA MET F 305 58.72 3.13 18.56
C MET F 305 59.71 4.25 18.89
N GLN F 306 59.21 5.28 19.59
CA GLN F 306 59.98 6.46 19.97
C GLN F 306 59.29 7.11 21.16
N TRP F 307 60.06 7.38 22.23
CA TRP F 307 59.54 7.99 23.44
C TRP F 307 59.36 9.50 23.30
N ASN F 308 58.36 10.02 23.99
CA ASN F 308 58.03 11.44 24.01
C ASN F 308 57.90 11.94 25.45
N ALA F 309 57.96 13.25 25.63
CA ALA F 309 57.83 13.88 26.95
C ALA F 309 56.50 13.59 27.66
N GLY F 310 55.44 13.35 26.89
CA GLY F 310 54.11 13.19 27.47
C GLY F 310 53.98 12.01 28.41
N TYR F 311 53.20 12.20 29.49
CA TYR F 311 52.89 11.14 30.44
C TYR F 311 52.18 9.93 29.84
N SER F 312 51.21 10.17 28.98
CA SER F 312 50.44 9.08 28.38
C SER F 312 51.20 8.35 27.27
N GLU F 313 50.88 7.06 27.10
CA GLU F 313 51.44 6.27 26.01
C GLU F 313 50.55 6.41 24.76
N SER F 314 51.04 5.91 23.62
CA SER F 314 50.27 5.97 22.37
C SER F 314 50.77 4.85 21.48
N VAL F 315 50.34 3.65 21.82
CA VAL F 315 50.72 2.47 21.12
C VAL F 315 49.53 2.06 20.23
N HIS F 316 49.73 2.06 18.91
CA HIS F 316 48.71 1.63 17.95
C HIS F 316 48.97 0.22 17.41
N THR F 317 47.94 -0.64 17.49
CA THR F 317 48.11 -2.08 17.22
C THR F 317 47.26 -2.59 16.05
N PHE F 318 47.86 -3.35 15.14
CA PHE F 318 47.18 -3.79 13.92
C PHE F 318 47.43 -5.28 13.63
N ALA F 319 46.41 -5.94 13.06
CA ALA F 319 46.48 -7.33 12.60
C ALA F 319 45.84 -7.39 11.23
N ASN F 320 46.63 -7.74 10.23
CA ASN F 320 46.21 -7.71 8.82
C ASN F 320 45.53 -6.40 8.46
N THR F 321 46.17 -5.29 8.82
CA THR F 321 45.69 -3.94 8.53
C THR F 321 44.46 -3.53 9.37
N ILE F 322 43.88 -4.47 10.10
CA ILE F 322 42.76 -4.15 10.98
C ILE F 322 43.28 -3.55 12.28
N ASN F 323 42.73 -2.42 12.68
CA ASN F 323 43.13 -1.75 13.90
C ASN F 323 42.47 -2.41 15.08
N THR F 324 43.26 -3.13 15.86
CA THR F 324 42.72 -3.80 17.03
C THR F 324 42.71 -2.85 18.24
N HIS F 325 41.61 -2.14 18.42
CA HIS F 325 41.52 -1.18 19.52
C HIS F 325 41.56 -1.86 20.87
N GLU F 326 40.92 -3.02 20.98
CA GLU F 326 40.84 -3.72 22.24
C GLU F 326 42.22 -4.19 22.63
N GLY F 327 43.05 -4.51 21.64
CA GLY F 327 44.42 -4.92 21.88
C GLY F 327 44.55 -6.36 21.49
N GLY F 328 45.40 -7.10 22.19
CA GLY F 328 45.49 -8.53 21.94
C GLY F 328 46.81 -9.16 22.33
N THR F 329 47.00 -10.41 21.90
CA THR F 329 48.19 -11.22 22.17
C THR F 329 49.46 -10.58 21.63
N HIS F 330 49.38 -9.95 20.44
CA HIS F 330 50.52 -9.26 19.84
C HIS F 330 50.96 -8.07 20.69
N GLU F 331 49.99 -7.32 21.23
CA GLU F 331 50.30 -6.23 22.17
C GLU F 331 50.96 -6.75 23.46
N GLU F 332 50.41 -7.83 24.06
CA GLU F 332 50.93 -8.38 25.32
C GLU F 332 52.32 -8.99 25.15
N GLY F 333 52.55 -9.67 24.03
CA GLY F 333 53.88 -10.20 23.70
C GLY F 333 54.93 -9.11 23.66
N PHE F 334 54.58 -8.00 23.02
CA PHE F 334 55.42 -6.83 22.90
C PHE F 334 55.71 -6.22 24.26
N ARG F 335 54.68 -6.05 25.09
CA ARG F 335 54.78 -5.41 26.40
C ARG F 335 55.74 -6.14 27.32
N SER F 336 55.50 -7.43 27.49
CA SER F 336 56.31 -8.31 28.32
C SER F 336 57.77 -8.39 27.86
N ALA F 337 58.03 -8.20 26.57
CA ALA F 337 59.38 -8.21 26.04
C ALA F 337 60.08 -6.90 26.36
N LEU F 338 59.39 -5.79 26.09
CA LEU F 338 59.85 -4.45 26.40
C LEU F 338 60.14 -4.27 27.90
N THR F 339 59.27 -4.83 28.76
CA THR F 339 59.43 -4.69 30.20
C THR F 339 60.71 -5.37 30.65
N SER F 340 60.99 -6.56 30.10
CA SER F 340 62.19 -7.32 30.47
C SER F 340 63.48 -6.77 29.86
N VAL F 341 63.45 -6.32 28.60
CA VAL F 341 64.64 -5.75 27.94
C VAL F 341 65.15 -4.52 28.70
N VAL F 342 64.25 -3.56 28.96
CA VAL F 342 64.57 -2.32 29.69
C VAL F 342 65.13 -2.62 31.07
N ASN F 343 64.44 -3.48 31.82
CA ASN F 343 64.86 -3.82 33.16
C ASN F 343 66.23 -4.47 33.23
N LYS F 344 66.48 -5.46 32.37
CA LYS F 344 67.78 -6.13 32.33
C LYS F 344 68.87 -5.16 31.95
N TYR F 345 68.67 -4.40 30.88
CA TYR F 345 69.65 -3.43 30.41
C TYR F 345 70.04 -2.47 31.53
N ALA F 346 69.06 -1.88 32.21
CA ALA F 346 69.34 -0.94 33.29
C ALA F 346 70.12 -1.60 34.43
N LYS F 347 69.70 -2.81 34.82
CA LYS F 347 70.39 -3.53 35.90
C LYS F 347 71.83 -3.86 35.50
N ASP F 348 72.00 -4.32 34.25
CA ASP F 348 73.32 -4.60 33.70
C ASP F 348 74.14 -3.32 33.67
N ARG F 349 73.52 -2.22 33.26
CA ARG F 349 74.16 -0.91 33.26
C ARG F 349 74.39 -0.41 34.66
N LYS F 350 73.50 -0.77 35.58
CA LYS F 350 73.54 -0.31 36.97
C LYS F 350 72.90 1.08 37.10
N LEU F 351 72.32 1.56 36.00
CA LEU F 351 71.55 2.81 36.00
C LEU F 351 70.47 2.75 37.10
N LEU F 352 69.86 1.59 37.26
CA LEU F 352 68.87 1.36 38.31
C LEU F 352 69.46 0.77 39.58
N LYS F 353 70.58 0.04 39.48
CA LYS F 353 71.25 -0.63 40.63
C LYS F 353 71.33 0.21 41.90
N ASP F 356 66.74 -0.12 43.62
CA ASP F 356 66.93 -1.52 43.27
C ASP F 356 65.61 -2.24 42.91
N PRO F 357 64.46 -1.68 43.31
CA PRO F 357 63.15 -2.22 42.89
C PRO F 357 62.93 -2.01 41.39
N ASN F 358 62.72 -3.11 40.67
CA ASN F 358 62.60 -3.14 39.20
C ASN F 358 61.49 -2.24 38.64
N LEU F 359 61.71 -1.69 37.45
CA LEU F 359 60.76 -0.79 36.78
C LEU F 359 59.52 -1.51 36.31
N THR F 360 58.36 -0.92 36.58
CA THR F 360 57.07 -1.49 36.17
C THR F 360 56.83 -1.15 34.70
N GLY F 361 56.09 -2.02 34.00
CA GLY F 361 55.75 -1.82 32.59
C GLY F 361 55.13 -0.46 32.32
N ASP F 362 54.23 -0.05 33.22
CA ASP F 362 53.49 1.19 33.07
C ASP F 362 54.41 2.38 33.01
N ASP F 363 55.46 2.35 33.82
CA ASP F 363 56.42 3.43 33.88
C ASP F 363 57.27 3.46 32.62
N ILE F 364 57.65 2.26 32.15
CA ILE F 364 58.47 2.11 30.94
C ILE F 364 57.76 2.69 29.73
N ARG F 365 56.44 2.48 29.68
CA ARG F 365 55.65 2.92 28.53
C ARG F 365 55.15 4.35 28.68
N GLU F 366 55.46 4.98 29.81
CA GLU F 366 55.05 6.35 30.07
C GLU F 366 55.60 7.27 28.99
N GLY F 367 54.76 7.61 28.01
CA GLY F 367 55.16 8.51 26.95
C GLY F 367 55.80 7.82 25.76
N LEU F 368 55.52 6.53 25.63
CA LEU F 368 55.98 5.77 24.50
C LEU F 368 54.96 5.87 23.36
N ALA F 369 55.47 6.23 22.17
CA ALA F 369 54.73 6.15 20.89
C ALA F 369 55.23 4.89 20.15
N ALA F 370 54.31 4.02 19.73
CA ALA F 370 54.64 2.76 19.09
C ALA F 370 53.52 2.30 18.15
N VAL F 371 53.90 1.63 17.05
CA VAL F 371 52.94 0.97 16.17
C VAL F 371 53.38 -0.46 16.02
N ILE F 372 52.47 -1.39 16.34
CA ILE F 372 52.71 -2.85 16.13
C ILE F 372 51.79 -3.35 14.97
N SER F 373 52.39 -3.85 13.90
CA SER F 373 51.68 -4.32 12.68
C SER F 373 51.98 -5.80 12.42
N VAL F 374 51.06 -6.67 12.86
CA VAL F 374 51.21 -8.12 12.60
C VAL F 374 50.42 -8.55 11.36
N LYS F 375 50.97 -9.57 10.70
CA LYS F 375 50.35 -10.17 9.55
C LYS F 375 50.21 -11.62 9.95
N VAL F 376 48.97 -12.05 10.18
CA VAL F 376 48.70 -13.41 10.67
C VAL F 376 47.93 -14.21 9.63
N SER F 377 48.39 -15.43 9.38
CA SER F 377 47.75 -16.34 8.42
C SER F 377 46.32 -16.73 8.84
N GLU F 378 46.13 -17.04 10.12
CA GLU F 378 44.85 -17.51 10.61
C GLU F 378 44.32 -16.64 11.78
N PRO F 379 43.84 -15.40 11.49
CA PRO F 379 43.47 -14.58 12.65
C PRO F 379 42.27 -15.10 13.44
N GLN F 380 42.33 -14.93 14.75
CA GLN F 380 41.21 -15.18 15.65
C GLN F 380 40.93 -13.89 16.40
N PHE F 381 39.68 -13.46 16.39
CA PHE F 381 39.32 -12.17 16.96
C PHE F 381 38.33 -12.26 18.11
N GLU F 382 38.55 -11.45 19.13
CA GLU F 382 37.73 -11.52 20.32
C GLU F 382 37.49 -10.15 20.92
N THR F 385 32.47 -6.67 19.83
CA THR F 385 33.93 -6.70 19.92
C THR F 385 34.54 -7.01 18.54
N LYS F 386 35.28 -8.11 18.43
CA LYS F 386 35.94 -8.50 17.18
C LYS F 386 37.15 -7.64 16.90
N THR F 387 37.53 -6.80 17.86
CA THR F 387 38.66 -5.88 17.71
C THR F 387 39.89 -6.37 18.49
N LYS F 388 39.77 -7.54 19.09
CA LYS F 388 40.84 -8.09 19.91
C LYS F 388 41.40 -9.36 19.33
N LEU F 389 42.72 -9.39 19.15
CA LEU F 389 43.41 -10.57 18.65
C LEU F 389 43.59 -11.59 19.78
N GLY F 390 43.44 -12.87 19.45
CA GLY F 390 43.41 -13.94 20.46
C GLY F 390 44.43 -15.04 20.30
N ASN F 391 45.08 -15.09 19.13
CA ASN F 391 46.10 -16.10 18.80
C ASN F 391 47.26 -16.14 19.78
N THR F 392 47.31 -17.23 20.56
CA THR F 392 48.33 -17.45 21.58
C THR F 392 49.73 -17.51 20.98
N GLU F 393 49.89 -18.14 19.80
CA GLU F 393 51.20 -18.28 19.15
C GLU F 393 51.87 -16.93 18.84
N VAL F 394 51.07 -15.92 18.52
CA VAL F 394 51.55 -14.57 18.21
C VAL F 394 52.20 -13.93 19.44
N LYS F 395 51.60 -14.11 20.63
CA LYS F 395 52.16 -13.60 21.89
C LYS F 395 53.62 -14.03 22.08
N SER F 396 53.91 -15.32 21.96
CA SER F 396 55.28 -15.84 22.08
C SER F 396 56.17 -15.37 20.93
N PHE F 397 55.59 -15.27 19.73
CA PHE F 397 56.31 -14.82 18.54
C PHE F 397 56.79 -13.38 18.67
N VAL F 398 55.85 -12.46 18.92
CA VAL F 398 56.16 -11.05 19.11
C VAL F 398 57.15 -10.85 20.26
N GLN F 399 56.95 -11.60 21.35
CA GLN F 399 57.82 -11.53 22.51
C GLN F 399 59.27 -11.84 22.15
N LYS F 400 59.49 -12.93 21.40
CA LYS F 400 60.83 -13.33 20.96
C LYS F 400 61.47 -12.32 19.98
N VAL F 401 60.68 -11.82 19.03
CA VAL F 401 61.18 -10.85 18.06
C VAL F 401 61.63 -9.57 18.77
N CYS F 402 60.79 -9.05 19.67
CA CYS F 402 61.10 -7.86 20.47
C CYS F 402 62.31 -8.09 21.35
N ASN F 403 62.31 -9.18 22.11
CA ASN F 403 63.41 -9.50 23.02
C ASN F 403 64.73 -9.38 22.30
N GLU F 404 64.81 -9.98 21.12
CA GLU F 404 66.06 -9.98 20.36
C GLU F 404 66.41 -8.64 19.73
N GLN F 405 65.48 -8.04 18.98
CA GLN F 405 65.72 -6.78 18.28
C GLN F 405 65.73 -5.56 19.18
N LEU F 406 64.95 -5.60 20.26
CA LEU F 406 64.93 -4.49 21.24
C LEU F 406 66.20 -4.41 22.04
N THR F 407 66.85 -5.55 22.23
CA THR F 407 68.15 -5.61 22.87
C THR F 407 69.19 -5.04 21.92
N HIS F 408 69.15 -5.43 20.64
CA HIS F 408 70.10 -4.90 19.64
C HIS F 408 70.05 -3.39 19.46
N TRP F 409 68.88 -2.79 19.64
CA TRP F 409 68.75 -1.34 19.54
C TRP F 409 69.31 -0.66 20.80
N PHE F 410 68.92 -1.16 21.97
CA PHE F 410 69.33 -0.65 23.26
C PHE F 410 70.83 -0.74 23.45
N GLU F 411 71.44 -1.76 22.85
CA GLU F 411 72.89 -1.91 22.90
C GLU F 411 73.56 -0.91 21.96
N ALA F 412 72.99 -0.76 20.77
CA ALA F 412 73.55 0.09 19.71
C ALA F 412 73.32 1.61 19.88
N ASN F 413 72.25 1.99 20.57
CA ASN F 413 71.96 3.40 20.80
C ASN F 413 71.97 3.70 22.31
N PRO F 414 73.18 3.85 22.91
CA PRO F 414 73.25 4.00 24.36
C PRO F 414 72.78 5.39 24.84
N THR F 415 72.86 6.41 23.98
CA THR F 415 72.43 7.76 24.31
C THR F 415 70.93 7.74 24.60
N ASP F 416 70.17 7.36 23.59
CA ASP F 416 68.72 7.29 23.66
C ASP F 416 68.28 6.27 24.70
N ALA F 417 68.96 5.13 24.76
CA ALA F 417 68.58 4.07 25.69
C ALA F 417 68.59 4.57 27.12
N LYS F 418 69.59 5.40 27.45
CA LYS F 418 69.68 5.95 28.79
C LYS F 418 68.53 6.90 29.06
N VAL F 419 68.12 7.65 28.04
CA VAL F 419 67.01 8.61 28.19
C VAL F 419 65.71 7.88 28.53
N VAL F 420 65.43 6.78 27.83
CA VAL F 420 64.20 6.01 28.08
C VAL F 420 64.20 5.42 29.49
N VAL F 421 65.36 4.94 29.93
CA VAL F 421 65.53 4.39 31.27
C VAL F 421 65.20 5.49 32.31
N ASN F 422 65.75 6.68 32.07
CA ASN F 422 65.51 7.83 32.92
C ASN F 422 64.03 8.20 32.95
N LYS F 423 63.40 8.13 31.78
CA LYS F 423 61.99 8.47 31.65
C LYS F 423 61.14 7.56 32.51
N ALA F 424 61.50 6.28 32.50
CA ALA F 424 60.78 5.30 33.29
C ALA F 424 60.93 5.58 34.79
N VAL F 425 62.16 5.93 35.20
CA VAL F 425 62.48 6.25 36.57
C VAL F 425 61.67 7.47 37.02
N SER F 426 61.69 8.49 36.17
CA SER F 426 60.95 9.74 36.41
C SER F 426 59.44 9.47 36.64
N SER F 427 58.84 8.70 35.73
CA SER F 427 57.43 8.33 35.84
C SER F 427 57.09 7.75 37.20
N ALA F 428 57.94 6.74 37.63
CA ALA F 428 57.82 6.02 38.89
C ALA F 428 57.96 6.95 40.10
N GLN F 429 58.89 7.93 40.04
CA GLN F 429 59.12 8.91 41.10
C GLN F 429 57.94 9.92 41.19
N ALA F 430 57.37 10.26 40.03
CA ALA F 430 56.23 11.19 39.90
C ALA F 430 54.95 10.59 40.50
N ARG F 431 54.79 9.26 40.43
CA ARG F 431 53.66 8.51 40.99
C ARG F 431 53.73 8.54 42.52
N ILE F 432 54.94 8.30 43.08
CA ILE F 432 55.22 8.30 44.52
C ILE F 432 55.01 9.70 45.10
N ALA F 433 55.44 10.74 44.36
CA ALA F 433 55.32 12.15 44.73
C ALA F 433 53.84 12.57 44.91
N ALA F 434 52.94 12.03 44.06
CA ALA F 434 51.51 12.28 44.09
C ALA F 434 50.82 11.62 45.29
N ARG F 435 51.19 10.37 45.61
CA ARG F 435 50.63 9.60 46.73
C ARG F 435 51.07 10.23 48.07
N LYS F 436 52.29 10.84 48.09
CA LYS F 436 52.92 11.51 49.23
C LYS F 436 52.07 12.59 49.91
N ALA F 437 51.09 13.18 49.18
CA ALA F 437 50.20 14.21 49.70
C ALA F 437 49.11 13.60 50.61
N ARG F 438 48.00 13.07 50.02
CA ARG F 438 46.85 12.43 50.67
C ARG F 438 46.38 13.12 51.96
#